data_2ARM
# 
_entry.id   2ARM 
# 
_audit_conform.dict_name       mmcif_pdbx.dic 
_audit_conform.dict_version    5.397 
_audit_conform.dict_location   http://mmcif.pdb.org/dictionaries/ascii/mmcif_pdbx.dic 
# 
loop_
_database_2.database_id 
_database_2.database_code 
_database_2.pdbx_database_accession 
_database_2.pdbx_DOI 
PDB   2ARM         pdb_00002arm 10.2210/pdb2arm/pdb 
RCSB  RCSB034231   ?            ?                   
WWPDB D_1000034231 ?            ?                   
# 
loop_
_pdbx_audit_revision_history.ordinal 
_pdbx_audit_revision_history.data_content_type 
_pdbx_audit_revision_history.major_revision 
_pdbx_audit_revision_history.minor_revision 
_pdbx_audit_revision_history.revision_date 
1 'Structure model' 1 0 2005-09-20 
2 'Structure model' 1 1 2008-04-30 
3 'Structure model' 1 2 2011-07-13 
4 'Structure model' 1 3 2024-10-30 
# 
_pdbx_audit_revision_details.ordinal             1 
_pdbx_audit_revision_details.revision_ordinal    1 
_pdbx_audit_revision_details.data_content_type   'Structure model' 
_pdbx_audit_revision_details.provider            repository 
_pdbx_audit_revision_details.type                'Initial release' 
_pdbx_audit_revision_details.description         ? 
_pdbx_audit_revision_details.details             ? 
# 
loop_
_pdbx_audit_revision_group.ordinal 
_pdbx_audit_revision_group.revision_ordinal 
_pdbx_audit_revision_group.data_content_type 
_pdbx_audit_revision_group.group 
1 2 'Structure model' 'Version format compliance' 
2 3 'Structure model' 'Version format compliance' 
3 4 'Structure model' 'Data collection'           
4 4 'Structure model' 'Database references'       
5 4 'Structure model' 'Derived calculations'      
6 4 'Structure model' 'Structure summary'         
# 
loop_
_pdbx_audit_revision_category.ordinal 
_pdbx_audit_revision_category.revision_ordinal 
_pdbx_audit_revision_category.data_content_type 
_pdbx_audit_revision_category.category 
1 4 'Structure model' chem_comp_atom            
2 4 'Structure model' chem_comp_bond            
3 4 'Structure model' database_2                
4 4 'Structure model' diffrn_source             
5 4 'Structure model' pdbx_entry_details        
6 4 'Structure model' pdbx_modification_feature 
7 4 'Structure model' struct_site               
# 
loop_
_pdbx_audit_revision_item.ordinal 
_pdbx_audit_revision_item.revision_ordinal 
_pdbx_audit_revision_item.data_content_type 
_pdbx_audit_revision_item.item 
1 4 'Structure model' '_database_2.pdbx_DOI'                 
2 4 'Structure model' '_database_2.pdbx_database_accession'  
3 4 'Structure model' '_diffrn_source.pdbx_synchrotron_site' 
4 4 'Structure model' '_struct_site.pdbx_auth_asym_id'       
5 4 'Structure model' '_struct_site.pdbx_auth_comp_id'       
6 4 'Structure model' '_struct_site.pdbx_auth_seq_id'        
# 
_pdbx_database_status.status_code                     REL 
_pdbx_database_status.entry_id                        2ARM 
_pdbx_database_status.recvd_initial_deposition_date   2005-08-20 
_pdbx_database_status.deposit_site                    RCSB 
_pdbx_database_status.process_site                    PDBJ 
_pdbx_database_status.status_code_sf                  ? 
_pdbx_database_status.status_code_mr                  ? 
_pdbx_database_status.SG_entry                        ? 
_pdbx_database_status.status_code_cs                  ? 
_pdbx_database_status.pdb_format_compatible           Y 
_pdbx_database_status.status_code_nmr_data            ? 
_pdbx_database_status.methods_development_category    ? 
# 
loop_
_pdbx_database_related.db_name 
_pdbx_database_related.db_id 
_pdbx_database_related.details 
_pdbx_database_related.content_type 
PDB 1FVO 
;First Structural Evidence Of The Inhibition Of Phospholipase A2 By Aristolochic Acid: Crystal Structure Of A Complex Formed Between Phospholipase A2 and Aristolochic Acid
;
unspecified 
PDB 1Q7A 
;Crystal Structure Of The Complex Formed Between Russell'S Viper Phospholipase A2 and An Antiinflammatory Agent Oxyphenbutazone At 1.6A Resolution
;
unspecified 
# 
loop_
_audit_author.name 
_audit_author.pdbx_ordinal 
'Singh, N.'    1 
'Pal, A.'      2 
'Jabeen, T.'   3 
'Sharma, S.'   4 
'Perbandt, M.' 5 
'Betzel, C.'   6 
'Singh, T.P.'  7 
# 
_citation.id                        primary 
_citation.title                     
;Crystal structures of the complexes of a group IIA phospholipase A2 with two natural anti-inflammatory agents, anisic acid, and atropine reveal a similar mode of binding
;
_citation.journal_abbrev            Proteins 
_citation.journal_volume            64 
_citation.page_first                89 
_citation.page_last                 100 
_citation.year                      2006 
_citation.journal_id_ASTM           PSFGEY 
_citation.country                   US 
_citation.journal_id_ISSN           0887-3585 
_citation.journal_id_CSD            0867 
_citation.book_publisher            ? 
_citation.pdbx_database_id_PubMed   16596639 
_citation.pdbx_database_id_DOI      10.1002/prot.20970 
# 
loop_
_citation_author.citation_id 
_citation_author.name 
_citation_author.ordinal 
_citation_author.identifier_ORCID 
primary 'Singh, N.'    1 ? 
primary 'Jabeen, T.'   2 ? 
primary 'Pal, A.'      3 ? 
primary 'Sharma, S.'   4 ? 
primary 'Perbandt, M.' 5 ? 
primary 'Betzel, C.'   6 ? 
primary 'Singh, T.P.'  7 ? 
# 
loop_
_entity.id 
_entity.type 
_entity.src_method 
_entity.pdbx_description 
_entity.formula_weight 
_entity.pdbx_number_of_molecules 
_entity.pdbx_ec 
_entity.pdbx_mutation 
_entity.pdbx_fragment 
_entity.details 
1 polymer     nat 'Phospholipase A2 VRV-PL-VIIIa'                                                  13629.767 1   3.1.1.4 ? ? ? 
2 non-polymer syn '(1R,5S)-8-METHYL-8-AZABICYCLO[3.2.1]OCT-3-YL (2R)-3-HYDROXY-2-PHENYLPROPANOATE' 289.369   1   ?       ? ? ? 
3 non-polymer syn 'SULFATE ION'                                                                    96.063    4   ?       ? ? ? 
4 water       nat water                                                                            18.015    247 ?       ? ? ? 
# 
_entity_name_com.entity_id   1 
_entity_name_com.name        'Phosphatidylcholine 2-acylhydrolase, DPLA2' 
# 
_entity_poly.entity_id                      1 
_entity_poly.type                           'polypeptide(L)' 
_entity_poly.nstd_linkage                   no 
_entity_poly.nstd_monomer                   no 
_entity_poly.pdbx_seq_one_letter_code       
;SLLEFGKMILEETGKLAIPSYSSYGCYCGWGGKGTPKDATDRCCFVHDCCYGNLPDCNPKSDRYKYKRVNGAIVCEKGTS
CENRICECDKAAAICFRQNLNTYSKKYMLYPDFLCKGELKC
;
_entity_poly.pdbx_seq_one_letter_code_can   
;SLLEFGKMILEETGKLAIPSYSSYGCYCGWGGKGTPKDATDRCCFVHDCCYGNLPDCNPKSDRYKYKRVNGAIVCEKGTS
CENRICECDKAAAICFRQNLNTYSKKYMLYPDFLCKGELKC
;
_entity_poly.pdbx_strand_id                 A 
_entity_poly.pdbx_target_identifier         ? 
# 
loop_
_pdbx_entity_nonpoly.entity_id 
_pdbx_entity_nonpoly.name 
_pdbx_entity_nonpoly.comp_id 
2 '(1R,5S)-8-METHYL-8-AZABICYCLO[3.2.1]OCT-3-YL (2R)-3-HYDROXY-2-PHENYLPROPANOATE' OIN 
3 'SULFATE ION'                                                                    SO4 
4 water                                                                            HOH 
# 
loop_
_entity_poly_seq.entity_id 
_entity_poly_seq.num 
_entity_poly_seq.mon_id 
_entity_poly_seq.hetero 
1 1   SER n 
1 2   LEU n 
1 3   LEU n 
1 4   GLU n 
1 5   PHE n 
1 6   GLY n 
1 7   LYS n 
1 8   MET n 
1 9   ILE n 
1 10  LEU n 
1 11  GLU n 
1 12  GLU n 
1 13  THR n 
1 14  GLY n 
1 15  LYS n 
1 16  LEU n 
1 17  ALA n 
1 18  ILE n 
1 19  PRO n 
1 20  SER n 
1 21  TYR n 
1 22  SER n 
1 23  SER n 
1 24  TYR n 
1 25  GLY n 
1 26  CYS n 
1 27  TYR n 
1 28  CYS n 
1 29  GLY n 
1 30  TRP n 
1 31  GLY n 
1 32  GLY n 
1 33  LYS n 
1 34  GLY n 
1 35  THR n 
1 36  PRO n 
1 37  LYS n 
1 38  ASP n 
1 39  ALA n 
1 40  THR n 
1 41  ASP n 
1 42  ARG n 
1 43  CYS n 
1 44  CYS n 
1 45  PHE n 
1 46  VAL n 
1 47  HIS n 
1 48  ASP n 
1 49  CYS n 
1 50  CYS n 
1 51  TYR n 
1 52  GLY n 
1 53  ASN n 
1 54  LEU n 
1 55  PRO n 
1 56  ASP n 
1 57  CYS n 
1 58  ASN n 
1 59  PRO n 
1 60  LYS n 
1 61  SER n 
1 62  ASP n 
1 63  ARG n 
1 64  TYR n 
1 65  LYS n 
1 66  TYR n 
1 67  LYS n 
1 68  ARG n 
1 69  VAL n 
1 70  ASN n 
1 71  GLY n 
1 72  ALA n 
1 73  ILE n 
1 74  VAL n 
1 75  CYS n 
1 76  GLU n 
1 77  LYS n 
1 78  GLY n 
1 79  THR n 
1 80  SER n 
1 81  CYS n 
1 82  GLU n 
1 83  ASN n 
1 84  ARG n 
1 85  ILE n 
1 86  CYS n 
1 87  GLU n 
1 88  CYS n 
1 89  ASP n 
1 90  LYS n 
1 91  ALA n 
1 92  ALA n 
1 93  ALA n 
1 94  ILE n 
1 95  CYS n 
1 96  PHE n 
1 97  ARG n 
1 98  GLN n 
1 99  ASN n 
1 100 LEU n 
1 101 ASN n 
1 102 THR n 
1 103 TYR n 
1 104 SER n 
1 105 LYS n 
1 106 LYS n 
1 107 TYR n 
1 108 MET n 
1 109 LEU n 
1 110 TYR n 
1 111 PRO n 
1 112 ASP n 
1 113 PHE n 
1 114 LEU n 
1 115 CYS n 
1 116 LYS n 
1 117 GLY n 
1 118 GLU n 
1 119 LEU n 
1 120 LYS n 
1 121 CYS n 
# 
_entity_src_nat.entity_id                  1 
_entity_src_nat.pdbx_src_id                1 
_entity_src_nat.pdbx_alt_source_flag       sample 
_entity_src_nat.pdbx_beg_seq_num           ? 
_entity_src_nat.pdbx_end_seq_num           ? 
_entity_src_nat.common_name                ? 
_entity_src_nat.pdbx_organism_scientific   'Daboia russellii pulchella' 
_entity_src_nat.pdbx_ncbi_taxonomy_id      97228 
_entity_src_nat.genus                      ? 
_entity_src_nat.species                    ? 
_entity_src_nat.strain                     ? 
_entity_src_nat.tissue                     ? 
_entity_src_nat.tissue_fraction            ? 
_entity_src_nat.pdbx_secretion             ? 
_entity_src_nat.pdbx_fragment              ? 
_entity_src_nat.pdbx_variant               ? 
_entity_src_nat.pdbx_cell_line             ? 
_entity_src_nat.pdbx_atcc                  ? 
_entity_src_nat.pdbx_cellular_location     ? 
_entity_src_nat.pdbx_organ                 ? 
_entity_src_nat.pdbx_organelle             ? 
_entity_src_nat.pdbx_cell                  ? 
_entity_src_nat.pdbx_plasmid_name          ? 
_entity_src_nat.pdbx_plasmid_details       ? 
_entity_src_nat.details                    ? 
# 
loop_
_chem_comp.id 
_chem_comp.type 
_chem_comp.mon_nstd_flag 
_chem_comp.name 
_chem_comp.pdbx_synonyms 
_chem_comp.formula 
_chem_comp.formula_weight 
ALA 'L-peptide linking' y ALANINE                                                                          ?        'C3 H7 N O2' 
89.093  
ARG 'L-peptide linking' y ARGININE                                                                         ?        
'C6 H15 N4 O2 1' 175.209 
ASN 'L-peptide linking' y ASPARAGINE                                                                       ?        'C4 H8 N2 O3' 
132.118 
ASP 'L-peptide linking' y 'ASPARTIC ACID'                                                                  ?        'C4 H7 N O4' 
133.103 
CYS 'L-peptide linking' y CYSTEINE                                                                         ?        'C3 H7 N O2 S' 
121.158 
GLN 'L-peptide linking' y GLUTAMINE                                                                        ?        'C5 H10 N2 O3' 
146.144 
GLU 'L-peptide linking' y 'GLUTAMIC ACID'                                                                  ?        'C5 H9 N O4' 
147.129 
GLY 'peptide linking'   y GLYCINE                                                                          ?        'C2 H5 N O2' 
75.067  
HIS 'L-peptide linking' y HISTIDINE                                                                        ?        
'C6 H10 N3 O2 1' 156.162 
HOH non-polymer         . WATER                                                                            ?        'H2 O' 18.015  
ILE 'L-peptide linking' y ISOLEUCINE                                                                       ?        'C6 H13 N O2' 
131.173 
LEU 'L-peptide linking' y LEUCINE                                                                          ?        'C6 H13 N O2' 
131.173 
LYS 'L-peptide linking' y LYSINE                                                                           ?        
'C6 H15 N2 O2 1' 147.195 
MET 'L-peptide linking' y METHIONINE                                                                       ?        
'C5 H11 N O2 S'  149.211 
OIN non-polymer         . '(1R,5S)-8-METHYL-8-AZABICYCLO[3.2.1]OCT-3-YL (2R)-3-HYDROXY-2-PHENYLPROPANOATE' ATROPINE 'C17 H23 N O3' 
289.369 
PHE 'L-peptide linking' y PHENYLALANINE                                                                    ?        'C9 H11 N O2' 
165.189 
PRO 'L-peptide linking' y PROLINE                                                                          ?        'C5 H9 N O2' 
115.130 
SER 'L-peptide linking' y SERINE                                                                           ?        'C3 H7 N O3' 
105.093 
SO4 non-polymer         . 'SULFATE ION'                                                                    ?        'O4 S -2' 
96.063  
THR 'L-peptide linking' y THREONINE                                                                        ?        'C4 H9 N O3' 
119.119 
TRP 'L-peptide linking' y TRYPTOPHAN                                                                       ?        
'C11 H12 N2 O2'  204.225 
TYR 'L-peptide linking' y TYROSINE                                                                         ?        'C9 H11 N O3' 
181.189 
VAL 'L-peptide linking' y VALINE                                                                           ?        'C5 H11 N O2' 
117.146 
# 
loop_
_pdbx_poly_seq_scheme.asym_id 
_pdbx_poly_seq_scheme.entity_id 
_pdbx_poly_seq_scheme.seq_id 
_pdbx_poly_seq_scheme.mon_id 
_pdbx_poly_seq_scheme.ndb_seq_num 
_pdbx_poly_seq_scheme.pdb_seq_num 
_pdbx_poly_seq_scheme.auth_seq_num 
_pdbx_poly_seq_scheme.pdb_mon_id 
_pdbx_poly_seq_scheme.auth_mon_id 
_pdbx_poly_seq_scheme.pdb_strand_id 
_pdbx_poly_seq_scheme.pdb_ins_code 
_pdbx_poly_seq_scheme.hetero 
A 1 1   SER 1   1   1   SER SER A . n 
A 1 2   LEU 2   2   2   LEU LEU A . n 
A 1 3   LEU 3   3   3   LEU LEU A . n 
A 1 4   GLU 4   4   4   GLU GLU A . n 
A 1 5   PHE 5   5   5   PHE PHE A . n 
A 1 6   GLY 6   6   6   GLY GLY A . n 
A 1 7   LYS 7   7   7   LYS LYS A . n 
A 1 8   MET 8   8   8   MET MET A . n 
A 1 9   ILE 9   9   9   ILE ILE A . n 
A 1 10  LEU 10  10  10  LEU LEU A . n 
A 1 11  GLU 11  11  11  GLU GLU A . n 
A 1 12  GLU 12  12  12  GLU GLU A . n 
A 1 13  THR 13  13  13  THR THR A . n 
A 1 14  GLY 14  14  14  GLY GLY A . n 
A 1 15  LYS 15  16  16  LYS LYS A . n 
A 1 16  LEU 16  17  17  LEU LEU A . n 
A 1 17  ALA 17  18  18  ALA ALA A . n 
A 1 18  ILE 18  19  19  ILE ILE A . n 
A 1 19  PRO 19  20  20  PRO PRO A . n 
A 1 20  SER 20  21  21  SER SER A . n 
A 1 21  TYR 21  22  22  TYR TYR A . n 
A 1 22  SER 22  23  23  SER SER A . n 
A 1 23  SER 23  24  24  SER SER A . n 
A 1 24  TYR 24  25  25  TYR TYR A . n 
A 1 25  GLY 25  26  26  GLY GLY A . n 
A 1 26  CYS 26  27  27  CYS CYS A . n 
A 1 27  TYR 27  28  28  TYR TYR A . n 
A 1 28  CYS 28  29  29  CYS CYS A . n 
A 1 29  GLY 29  30  30  GLY GLY A . n 
A 1 30  TRP 30  31  31  TRP TRP A . n 
A 1 31  GLY 31  32  32  GLY GLY A . n 
A 1 32  GLY 32  33  33  GLY GLY A . n 
A 1 33  LYS 33  34  34  LYS LYS A . n 
A 1 34  GLY 34  35  35  GLY GLY A . n 
A 1 35  THR 35  36  36  THR THR A . n 
A 1 36  PRO 36  37  37  PRO PRO A . n 
A 1 37  LYS 37  38  38  LYS LYS A . n 
A 1 38  ASP 38  39  39  ASP ASP A . n 
A 1 39  ALA 39  40  40  ALA ALA A . n 
A 1 40  THR 40  41  41  THR THR A . n 
A 1 41  ASP 41  42  42  ASP ASP A . n 
A 1 42  ARG 42  43  43  ARG ARG A . n 
A 1 43  CYS 43  44  44  CYS CYS A . n 
A 1 44  CYS 44  45  45  CYS CYS A . n 
A 1 45  PHE 45  46  46  PHE PHE A . n 
A 1 46  VAL 46  47  47  VAL VAL A . n 
A 1 47  HIS 47  48  48  HIS HIS A . n 
A 1 48  ASP 48  49  49  ASP ASP A . n 
A 1 49  CYS 49  50  50  CYS CYS A . n 
A 1 50  CYS 50  51  51  CYS CYS A . n 
A 1 51  TYR 51  52  52  TYR TYR A . n 
A 1 52  GLY 52  53  53  GLY GLY A . n 
A 1 53  ASN 53  54  54  ASN ASN A . n 
A 1 54  LEU 54  55  55  LEU LEU A . n 
A 1 55  PRO 55  56  56  PRO PRO A . n 
A 1 56  ASP 56  59  59  ASP ASP A . n 
A 1 57  CYS 57  61  61  CYS CYS A . n 
A 1 58  ASN 58  67  67  ASN ASN A . n 
A 1 59  PRO 59  68  68  PRO PRO A . n 
A 1 60  LYS 60  69  69  LYS LYS A . n 
A 1 61  SER 61  70  70  SER SER A . n 
A 1 62  ASP 62  71  71  ASP ASP A . n 
A 1 63  ARG 63  72  72  ARG ARG A . n 
A 1 64  TYR 64  73  73  TYR TYR A . n 
A 1 65  LYS 65  74  74  LYS LYS A . n 
A 1 66  TYR 66  75  75  TYR TYR A . n 
A 1 67  LYS 67  76  76  LYS LYS A . n 
A 1 68  ARG 68  77  77  ARG ARG A . n 
A 1 69  VAL 69  78  78  VAL VAL A . n 
A 1 70  ASN 70  79  79  ASN ASN A . n 
A 1 71  GLY 71  80  80  GLY GLY A . n 
A 1 72  ALA 72  81  81  ALA ALA A . n 
A 1 73  ILE 73  82  82  ILE ILE A . n 
A 1 74  VAL 74  83  83  VAL VAL A . n 
A 1 75  CYS 75  84  84  CYS CYS A . n 
A 1 76  GLU 76  85  85  GLU GLU A . n 
A 1 77  LYS 77  86  86  LYS LYS A . n 
A 1 78  GLY 78  88  88  GLY GLY A . n 
A 1 79  THR 79  89  89  THR THR A . n 
A 1 80  SER 80  90  90  SER SER A . n 
A 1 81  CYS 81  91  91  CYS CYS A . n 
A 1 82  GLU 82  92  92  GLU GLU A . n 
A 1 83  ASN 83  93  93  ASN ASN A . n 
A 1 84  ARG 84  94  94  ARG ARG A . n 
A 1 85  ILE 85  95  95  ILE ILE A . n 
A 1 86  CYS 86  96  96  CYS CYS A . n 
A 1 87  GLU 87  97  97  GLU GLU A . n 
A 1 88  CYS 88  98  98  CYS CYS A . n 
A 1 89  ASP 89  99  99  ASP ASP A . n 
A 1 90  LYS 90  100 100 LYS LYS A . n 
A 1 91  ALA 91  101 101 ALA ALA A . n 
A 1 92  ALA 92  102 102 ALA ALA A . n 
A 1 93  ALA 93  103 103 ALA ALA A . n 
A 1 94  ILE 94  104 104 ILE ILE A . n 
A 1 95  CYS 95  105 105 CYS CYS A . n 
A 1 96  PHE 96  106 106 PHE PHE A . n 
A 1 97  ARG 97  107 107 ARG ARG A . n 
A 1 98  GLN 98  108 108 GLN GLN A . n 
A 1 99  ASN 99  109 109 ASN ASN A . n 
A 1 100 LEU 100 110 110 LEU LEU A . n 
A 1 101 ASN 101 111 111 ASN ASN A . n 
A 1 102 THR 102 112 112 THR THR A . n 
A 1 103 TYR 103 113 113 TYR TYR A . n 
A 1 104 SER 104 114 114 SER SER A . n 
A 1 105 LYS 105 115 115 LYS LYS A . n 
A 1 106 LYS 106 116 116 LYS LYS A . n 
A 1 107 TYR 107 117 117 TYR TYR A . n 
A 1 108 MET 108 118 118 MET MET A . n 
A 1 109 LEU 109 119 119 LEU LEU A . n 
A 1 110 TYR 110 120 120 TYR TYR A . n 
A 1 111 PRO 111 121 121 PRO PRO A . n 
A 1 112 ASP 112 122 122 ASP ASP A . n 
A 1 113 PHE 113 124 124 PHE PHE A . n 
A 1 114 LEU 114 125 125 LEU LEU A . n 
A 1 115 CYS 115 126 126 CYS CYS A . n 
A 1 116 LYS 116 127 127 LYS LYS A . n 
A 1 117 GLY 117 128 128 GLY GLY A . n 
A 1 118 GLU 118 129 129 GLU GLU A . n 
A 1 119 LEU 119 130 130 LEU LEU A . n 
A 1 120 LYS 120 131 131 LYS LYS A . n 
A 1 121 CYS 121 133 133 CYS CYS A . n 
# 
loop_
_pdbx_nonpoly_scheme.asym_id 
_pdbx_nonpoly_scheme.entity_id 
_pdbx_nonpoly_scheme.mon_id 
_pdbx_nonpoly_scheme.ndb_seq_num 
_pdbx_nonpoly_scheme.pdb_seq_num 
_pdbx_nonpoly_scheme.auth_seq_num 
_pdbx_nonpoly_scheme.pdb_mon_id 
_pdbx_nonpoly_scheme.auth_mon_id 
_pdbx_nonpoly_scheme.pdb_strand_id 
_pdbx_nonpoly_scheme.pdb_ins_code 
B 2 OIN 1   401 401 OIN OIN A . 
C 3 SO4 1   301 301 SO4 SO4 A . 
D 3 SO4 1   302 302 SO4 SO4 A . 
E 3 SO4 1   303 303 SO4 SO4 A . 
F 3 SO4 1   304 304 SO4 SO4 A . 
G 4 HOH 1   402 1   HOH HOH A . 
G 4 HOH 2   403 2   HOH HOH A . 
G 4 HOH 3   404 3   HOH HOH A . 
G 4 HOH 4   405 4   HOH HOH A . 
G 4 HOH 5   406 5   HOH HOH A . 
G 4 HOH 6   407 6   HOH HOH A . 
G 4 HOH 7   408 7   HOH HOH A . 
G 4 HOH 8   409 8   HOH HOH A . 
G 4 HOH 9   410 9   HOH HOH A . 
G 4 HOH 10  411 10  HOH HOH A . 
G 4 HOH 11  412 11  HOH HOH A . 
G 4 HOH 12  413 12  HOH HOH A . 
G 4 HOH 13  414 13  HOH HOH A . 
G 4 HOH 14  415 14  HOH HOH A . 
G 4 HOH 15  416 15  HOH HOH A . 
G 4 HOH 16  417 16  HOH HOH A . 
G 4 HOH 17  418 17  HOH HOH A . 
G 4 HOH 18  419 18  HOH HOH A . 
G 4 HOH 19  420 19  HOH HOH A . 
G 4 HOH 20  421 20  HOH HOH A . 
G 4 HOH 21  422 21  HOH HOH A . 
G 4 HOH 22  423 22  HOH HOH A . 
G 4 HOH 23  424 23  HOH HOH A . 
G 4 HOH 24  425 24  HOH HOH A . 
G 4 HOH 25  426 25  HOH HOH A . 
G 4 HOH 26  427 26  HOH HOH A . 
G 4 HOH 27  428 27  HOH HOH A . 
G 4 HOH 28  429 28  HOH HOH A . 
G 4 HOH 29  430 29  HOH HOH A . 
G 4 HOH 30  431 30  HOH HOH A . 
G 4 HOH 31  432 31  HOH HOH A . 
G 4 HOH 32  433 32  HOH HOH A . 
G 4 HOH 33  434 33  HOH HOH A . 
G 4 HOH 34  435 34  HOH HOH A . 
G 4 HOH 35  436 35  HOH HOH A . 
G 4 HOH 36  437 36  HOH HOH A . 
G 4 HOH 37  438 37  HOH HOH A . 
G 4 HOH 38  439 38  HOH HOH A . 
G 4 HOH 39  440 39  HOH HOH A . 
G 4 HOH 40  441 40  HOH HOH A . 
G 4 HOH 41  442 41  HOH HOH A . 
G 4 HOH 42  443 42  HOH HOH A . 
G 4 HOH 43  444 43  HOH HOH A . 
G 4 HOH 44  445 44  HOH HOH A . 
G 4 HOH 45  446 45  HOH HOH A . 
G 4 HOH 46  447 46  HOH HOH A . 
G 4 HOH 47  448 47  HOH HOH A . 
G 4 HOH 48  449 48  HOH HOH A . 
G 4 HOH 49  450 49  HOH HOH A . 
G 4 HOH 50  451 50  HOH HOH A . 
G 4 HOH 51  452 51  HOH HOH A . 
G 4 HOH 52  453 52  HOH HOH A . 
G 4 HOH 53  454 53  HOH HOH A . 
G 4 HOH 54  455 54  HOH HOH A . 
G 4 HOH 55  456 55  HOH HOH A . 
G 4 HOH 56  457 56  HOH HOH A . 
G 4 HOH 57  458 57  HOH HOH A . 
G 4 HOH 58  459 58  HOH HOH A . 
G 4 HOH 59  460 59  HOH HOH A . 
G 4 HOH 60  461 60  HOH HOH A . 
G 4 HOH 61  462 61  HOH HOH A . 
G 4 HOH 62  463 62  HOH HOH A . 
G 4 HOH 63  464 63  HOH HOH A . 
G 4 HOH 64  465 64  HOH HOH A . 
G 4 HOH 65  466 65  HOH HOH A . 
G 4 HOH 66  467 66  HOH HOH A . 
G 4 HOH 67  468 67  HOH HOH A . 
G 4 HOH 68  469 68  HOH HOH A . 
G 4 HOH 69  470 69  HOH HOH A . 
G 4 HOH 70  471 70  HOH HOH A . 
G 4 HOH 71  472 71  HOH HOH A . 
G 4 HOH 72  473 72  HOH HOH A . 
G 4 HOH 73  474 73  HOH HOH A . 
G 4 HOH 74  475 74  HOH HOH A . 
G 4 HOH 75  476 75  HOH HOH A . 
G 4 HOH 76  477 76  HOH HOH A . 
G 4 HOH 77  478 77  HOH HOH A . 
G 4 HOH 78  479 78  HOH HOH A . 
G 4 HOH 79  480 79  HOH HOH A . 
G 4 HOH 80  481 80  HOH HOH A . 
G 4 HOH 81  482 81  HOH HOH A . 
G 4 HOH 82  483 82  HOH HOH A . 
G 4 HOH 83  484 83  HOH HOH A . 
G 4 HOH 84  485 84  HOH HOH A . 
G 4 HOH 85  486 85  HOH HOH A . 
G 4 HOH 86  487 86  HOH HOH A . 
G 4 HOH 87  488 87  HOH HOH A . 
G 4 HOH 88  489 88  HOH HOH A . 
G 4 HOH 89  490 89  HOH HOH A . 
G 4 HOH 90  491 90  HOH HOH A . 
G 4 HOH 91  492 91  HOH HOH A . 
G 4 HOH 92  493 92  HOH HOH A . 
G 4 HOH 93  494 93  HOH HOH A . 
G 4 HOH 94  495 94  HOH HOH A . 
G 4 HOH 95  496 95  HOH HOH A . 
G 4 HOH 96  497 96  HOH HOH A . 
G 4 HOH 97  498 97  HOH HOH A . 
G 4 HOH 98  499 98  HOH HOH A . 
G 4 HOH 99  500 99  HOH HOH A . 
G 4 HOH 100 501 100 HOH HOH A . 
G 4 HOH 101 502 101 HOH HOH A . 
G 4 HOH 102 503 102 HOH HOH A . 
G 4 HOH 103 504 103 HOH HOH A . 
G 4 HOH 104 505 104 HOH HOH A . 
G 4 HOH 105 506 105 HOH HOH A . 
G 4 HOH 106 507 106 HOH HOH A . 
G 4 HOH 107 508 107 HOH HOH A . 
G 4 HOH 108 509 108 HOH HOH A . 
G 4 HOH 109 510 109 HOH HOH A . 
G 4 HOH 110 511 110 HOH HOH A . 
G 4 HOH 111 512 111 HOH HOH A . 
G 4 HOH 112 513 112 HOH HOH A . 
G 4 HOH 113 514 113 HOH HOH A . 
G 4 HOH 114 515 114 HOH HOH A . 
G 4 HOH 115 516 115 HOH HOH A . 
G 4 HOH 116 517 116 HOH HOH A . 
G 4 HOH 117 518 117 HOH HOH A . 
G 4 HOH 118 519 118 HOH HOH A . 
G 4 HOH 119 520 119 HOH HOH A . 
G 4 HOH 120 521 120 HOH HOH A . 
G 4 HOH 121 522 121 HOH HOH A . 
G 4 HOH 122 523 122 HOH HOH A . 
G 4 HOH 123 524 123 HOH HOH A . 
G 4 HOH 124 525 124 HOH HOH A . 
G 4 HOH 125 526 125 HOH HOH A . 
G 4 HOH 126 527 126 HOH HOH A . 
G 4 HOH 127 528 127 HOH HOH A . 
G 4 HOH 128 529 128 HOH HOH A . 
G 4 HOH 129 530 129 HOH HOH A . 
G 4 HOH 130 531 130 HOH HOH A . 
G 4 HOH 131 532 131 HOH HOH A . 
G 4 HOH 132 533 132 HOH HOH A . 
G 4 HOH 133 534 133 HOH HOH A . 
G 4 HOH 134 535 134 HOH HOH A . 
G 4 HOH 135 536 135 HOH HOH A . 
G 4 HOH 136 537 136 HOH HOH A . 
G 4 HOH 137 538 137 HOH HOH A . 
G 4 HOH 138 539 138 HOH HOH A . 
G 4 HOH 139 540 139 HOH HOH A . 
G 4 HOH 140 541 140 HOH HOH A . 
G 4 HOH 141 542 141 HOH HOH A . 
G 4 HOH 142 543 142 HOH HOH A . 
G 4 HOH 143 544 143 HOH HOH A . 
G 4 HOH 144 545 144 HOH HOH A . 
G 4 HOH 145 546 145 HOH HOH A . 
G 4 HOH 146 547 146 HOH HOH A . 
G 4 HOH 147 548 147 HOH HOH A . 
G 4 HOH 148 549 148 HOH HOH A . 
G 4 HOH 149 550 149 HOH HOH A . 
G 4 HOH 150 551 150 HOH HOH A . 
G 4 HOH 151 552 151 HOH HOH A . 
G 4 HOH 152 553 152 HOH HOH A . 
G 4 HOH 153 554 153 HOH HOH A . 
G 4 HOH 154 555 154 HOH HOH A . 
G 4 HOH 155 556 155 HOH HOH A . 
G 4 HOH 156 557 156 HOH HOH A . 
G 4 HOH 157 558 157 HOH HOH A . 
G 4 HOH 158 559 158 HOH HOH A . 
G 4 HOH 159 560 159 HOH HOH A . 
G 4 HOH 160 561 160 HOH HOH A . 
G 4 HOH 161 562 161 HOH HOH A . 
G 4 HOH 162 563 162 HOH HOH A . 
G 4 HOH 163 564 163 HOH HOH A . 
G 4 HOH 164 565 164 HOH HOH A . 
G 4 HOH 165 566 165 HOH HOH A . 
G 4 HOH 166 567 166 HOH HOH A . 
G 4 HOH 167 568 167 HOH HOH A . 
G 4 HOH 168 569 168 HOH HOH A . 
G 4 HOH 169 570 169 HOH HOH A . 
G 4 HOH 170 571 170 HOH HOH A . 
G 4 HOH 171 572 171 HOH HOH A . 
G 4 HOH 172 573 172 HOH HOH A . 
G 4 HOH 173 574 173 HOH HOH A . 
G 4 HOH 174 575 174 HOH HOH A . 
G 4 HOH 175 576 175 HOH HOH A . 
G 4 HOH 176 577 176 HOH HOH A . 
G 4 HOH 177 578 177 HOH HOH A . 
G 4 HOH 178 579 178 HOH HOH A . 
G 4 HOH 179 580 179 HOH HOH A . 
G 4 HOH 180 581 180 HOH HOH A . 
G 4 HOH 181 582 181 HOH HOH A . 
G 4 HOH 182 583 182 HOH HOH A . 
G 4 HOH 183 584 183 HOH HOH A . 
G 4 HOH 184 585 184 HOH HOH A . 
G 4 HOH 185 586 185 HOH HOH A . 
G 4 HOH 186 587 186 HOH HOH A . 
G 4 HOH 187 588 187 HOH HOH A . 
G 4 HOH 188 589 188 HOH HOH A . 
G 4 HOH 189 590 189 HOH HOH A . 
G 4 HOH 190 591 190 HOH HOH A . 
G 4 HOH 191 592 191 HOH HOH A . 
G 4 HOH 192 593 192 HOH HOH A . 
G 4 HOH 193 594 193 HOH HOH A . 
G 4 HOH 194 595 194 HOH HOH A . 
G 4 HOH 195 596 195 HOH HOH A . 
G 4 HOH 196 597 196 HOH HOH A . 
G 4 HOH 197 598 197 HOH HOH A . 
G 4 HOH 198 599 198 HOH HOH A . 
G 4 HOH 199 600 199 HOH HOH A . 
G 4 HOH 200 601 200 HOH HOH A . 
G 4 HOH 201 602 201 HOH HOH A . 
G 4 HOH 202 603 202 HOH HOH A . 
G 4 HOH 203 604 203 HOH HOH A . 
G 4 HOH 204 605 204 HOH HOH A . 
G 4 HOH 205 606 205 HOH HOH A . 
G 4 HOH 206 607 206 HOH HOH A . 
G 4 HOH 207 608 207 HOH HOH A . 
G 4 HOH 208 609 208 HOH HOH A . 
G 4 HOH 209 610 209 HOH HOH A . 
G 4 HOH 210 611 210 HOH HOH A . 
G 4 HOH 211 612 211 HOH HOH A . 
G 4 HOH 212 613 212 HOH HOH A . 
G 4 HOH 213 614 213 HOH HOH A . 
G 4 HOH 214 615 214 HOH HOH A . 
G 4 HOH 215 616 215 HOH HOH A . 
G 4 HOH 216 617 216 HOH HOH A . 
G 4 HOH 217 618 217 HOH HOH A . 
G 4 HOH 218 619 218 HOH HOH A . 
G 4 HOH 219 620 219 HOH HOH A . 
G 4 HOH 220 621 220 HOH HOH A . 
G 4 HOH 221 622 221 HOH HOH A . 
G 4 HOH 222 623 222 HOH HOH A . 
G 4 HOH 223 624 223 HOH HOH A . 
G 4 HOH 224 625 224 HOH HOH A . 
G 4 HOH 225 626 225 HOH HOH A . 
G 4 HOH 226 627 226 HOH HOH A . 
G 4 HOH 227 628 227 HOH HOH A . 
G 4 HOH 228 629 228 HOH HOH A . 
G 4 HOH 229 630 229 HOH HOH A . 
G 4 HOH 230 631 230 HOH HOH A . 
G 4 HOH 231 632 231 HOH HOH A . 
G 4 HOH 232 633 232 HOH HOH A . 
G 4 HOH 233 634 233 HOH HOH A . 
G 4 HOH 234 635 234 HOH HOH A . 
G 4 HOH 235 636 235 HOH HOH A . 
G 4 HOH 236 637 236 HOH HOH A . 
G 4 HOH 237 638 237 HOH HOH A . 
G 4 HOH 238 639 238 HOH HOH A . 
G 4 HOH 239 640 239 HOH HOH A . 
G 4 HOH 240 641 240 HOH HOH A . 
G 4 HOH 241 642 241 HOH HOH A . 
G 4 HOH 242 643 242 HOH HOH A . 
G 4 HOH 243 644 243 HOH HOH A . 
G 4 HOH 244 645 244 HOH HOH A . 
G 4 HOH 245 646 245 HOH HOH A . 
G 4 HOH 246 647 246 HOH HOH A . 
G 4 HOH 247 648 247 HOH HOH A . 
# 
loop_
_software.name 
_software.classification 
_software.version 
_software.citation_id 
_software.pdbx_ordinal 
REFMAC    refinement       5.0 ? 1 
HKL-2000  'data reduction' .   ? 2 
SCALEPACK 'data scaling'   .   ? 3 
AMoRE     phasing          .   ? 4 
# 
_cell.entry_id           2ARM 
_cell.length_a           52.350 
_cell.length_b           52.350 
_cell.length_c           47.828 
_cell.angle_alpha        90.00 
_cell.angle_beta         90.00 
_cell.angle_gamma        90.00 
_cell.Z_PDB              4 
_cell.pdbx_unique_axis   ? 
_cell.length_a_esd       ? 
_cell.length_b_esd       ? 
_cell.length_c_esd       ? 
_cell.angle_alpha_esd    ? 
_cell.angle_beta_esd     ? 
_cell.angle_gamma_esd    ? 
# 
_symmetry.entry_id                         2ARM 
_symmetry.space_group_name_H-M             'P 43' 
_symmetry.pdbx_full_space_group_name_H-M   ? 
_symmetry.Int_Tables_number                78 
_symmetry.cell_setting                     ? 
_symmetry.space_group_name_Hall            ? 
# 
_exptl.entry_id          2ARM 
_exptl.method            'X-RAY DIFFRACTION' 
_exptl.crystals_number   1 
# 
_exptl_crystal.id                    1 
_exptl_crystal.density_meas          ? 
_exptl_crystal.density_Matthews      2.4 
_exptl_crystal.density_percent_sol   48 
_exptl_crystal.description           ? 
_exptl_crystal.F_000                 ? 
_exptl_crystal.preparation           ? 
# 
_exptl_crystal_grow.crystal_id      1 
_exptl_crystal_grow.method          'VAPOR DIFFUSION, SITTING DROP' 
_exptl_crystal_grow.temp            298 
_exptl_crystal_grow.temp_details    ? 
_exptl_crystal_grow.pH              7.0 
_exptl_crystal_grow.pdbx_details    'ammonium sulphate and PEG 4000, pH 7.0, VAPOR DIFFUSION, SITTING DROP, temperature 298K' 
_exptl_crystal_grow.pdbx_pH_range   . 
# 
_diffrn.id                     1 
_diffrn.ambient_temp           200 
_diffrn.ambient_temp_details   ? 
_diffrn.crystal_id             1 
# 
_diffrn_detector.diffrn_id              1 
_diffrn_detector.detector               CCD 
_diffrn_detector.type                   MARRESEARCH 
_diffrn_detector.pdbx_collection_date   2004-04-20 
_diffrn_detector.details                Mirorr 
# 
_diffrn_radiation.diffrn_id                        1 
_diffrn_radiation.wavelength_id                    1 
_diffrn_radiation.pdbx_monochromatic_or_laue_m_l   M 
_diffrn_radiation.monochromator                    Y 
_diffrn_radiation.pdbx_diffrn_protocol             'SINGLE WAVELENGTH' 
_diffrn_radiation.pdbx_scattering_type             x-ray 
# 
_diffrn_radiation_wavelength.id           1 
_diffrn_radiation_wavelength.wavelength   0.80 
_diffrn_radiation_wavelength.wt           1.0 
# 
_diffrn_source.diffrn_id                   1 
_diffrn_source.source                      SYNCHROTRON 
_diffrn_source.type                        'EMBL/DESY, HAMBURG BEAMLINE X11' 
_diffrn_source.pdbx_synchrotron_site       'EMBL/DESY, HAMBURG' 
_diffrn_source.pdbx_synchrotron_beamline   X11 
_diffrn_source.pdbx_wavelength             ? 
_diffrn_source.pdbx_wavelength_list        0.80 
# 
_reflns.entry_id                     2ARM 
_reflns.observed_criterion_sigma_F   0 
_reflns.observed_criterion_sigma_I   0 
_reflns.d_resolution_high            1.23 
_reflns.d_resolution_low             51.99 
_reflns.number_all                   36667 
_reflns.number_obs                   36667 
_reflns.percent_possible_obs         100 
_reflns.pdbx_Rmerge_I_obs            ? 
_reflns.pdbx_Rsym_value              ? 
_reflns.pdbx_netI_over_sigmaI        ? 
_reflns.B_iso_Wilson_estimate        ? 
_reflns.pdbx_redundancy              ? 
_reflns.R_free_details               ? 
_reflns.limit_h_max                  ? 
_reflns.limit_h_min                  ? 
_reflns.limit_k_max                  ? 
_reflns.limit_k_min                  ? 
_reflns.limit_l_max                  ? 
_reflns.limit_l_min                  ? 
_reflns.observed_criterion_F_max     ? 
_reflns.observed_criterion_F_min     ? 
_reflns.pdbx_chi_squared             ? 
_reflns.pdbx_scaling_rejects         ? 
_reflns.pdbx_ordinal                 1 
_reflns.pdbx_diffrn_id               1 
# 
_reflns_shell.d_res_high             1.23 
_reflns_shell.d_res_low              1.26 
_reflns_shell.percent_possible_all   100 
_reflns_shell.Rmerge_I_obs           ? 
_reflns_shell.pdbx_Rsym_value        ? 
_reflns_shell.meanI_over_sigI_obs    ? 
_reflns_shell.pdbx_redundancy        ? 
_reflns_shell.percent_possible_obs   ? 
_reflns_shell.number_unique_all      ? 
_reflns_shell.number_measured_all    ? 
_reflns_shell.number_measured_obs    ? 
_reflns_shell.number_unique_obs      ? 
_reflns_shell.pdbx_chi_squared       ? 
_reflns_shell.pdbx_ordinal           1 
_reflns_shell.pdbx_diffrn_id         1 
# 
_refine.entry_id                                 2ARM 
_refine.ls_number_reflns_obs                     36667 
_refine.ls_number_reflns_all                     36667 
_refine.pdbx_ls_sigma_I                          ? 
_refine.pdbx_ls_sigma_F                          0 
_refine.pdbx_data_cutoff_high_absF               ? 
_refine.pdbx_data_cutoff_low_absF                ? 
_refine.pdbx_data_cutoff_high_rms_absF           ? 
_refine.ls_d_res_low                             51.99 
_refine.ls_d_res_high                            1.23 
_refine.ls_percent_reflns_obs                    99.82 
_refine.ls_R_factor_obs                          0.18909 
_refine.ls_R_factor_all                          0.2 
_refine.ls_R_factor_R_work                       0.18877 
_refine.ls_R_factor_R_free                       0.20444 
_refine.ls_R_factor_R_free_error                 ? 
_refine.ls_R_factor_R_free_error_details         ? 
_refine.ls_percent_reflns_R_free                 2.0 
_refine.ls_number_reflns_R_free                  767 
_refine.ls_number_parameters                     ? 
_refine.ls_number_restraints                     ? 
_refine.occupancy_min                            ? 
_refine.occupancy_max                            ? 
_refine.correlation_coeff_Fo_to_Fc               0.964 
_refine.correlation_coeff_Fo_to_Fc_free          0.958 
_refine.B_iso_mean                               14.146 
_refine.aniso_B[1][1]                            0.19 
_refine.aniso_B[2][2]                            0.19 
_refine.aniso_B[3][3]                            -0.39 
_refine.aniso_B[1][2]                            0.00 
_refine.aniso_B[1][3]                            0.00 
_refine.aniso_B[2][3]                            0.00 
_refine.solvent_model_details                    'BABINET MODEL WITH MASK' 
_refine.solvent_model_param_ksol                 ? 
_refine.solvent_model_param_bsol                 ? 
_refine.pdbx_solvent_vdw_probe_radii             1.40 
_refine.pdbx_solvent_ion_probe_radii             0.80 
_refine.pdbx_solvent_shrinkage_radii             0.80 
_refine.pdbx_ls_cross_valid_method               THROUGHOUT 
_refine.details                                  'HYDROGENS HAVE BEEN ADDED IN THE RIDING POSITIONS' 
_refine.pdbx_starting_model                      ? 
_refine.pdbx_method_to_determine_struct          'MOLECULAR REPLACEMENT' 
_refine.pdbx_isotropic_thermal_model             ? 
_refine.pdbx_stereochemistry_target_values       'MAXIMUM LIKELIHOOD' 
_refine.pdbx_stereochem_target_val_spec_case     ? 
_refine.pdbx_R_Free_selection_details            RANDOM 
_refine.pdbx_overall_ESU_R                       0.046 
_refine.pdbx_overall_ESU_R_Free                  0.046 
_refine.overall_SU_ML                            0.041 
_refine.overall_SU_B                             0.879 
_refine.ls_redundancy_reflns_obs                 ? 
_refine.B_iso_min                                ? 
_refine.B_iso_max                                ? 
_refine.overall_SU_R_Cruickshank_DPI             ? 
_refine.overall_SU_R_free                        ? 
_refine.ls_wR_factor_R_free                      ? 
_refine.ls_wR_factor_R_work                      ? 
_refine.overall_FOM_free_R_set                   ? 
_refine.overall_FOM_work_R_set                   ? 
_refine.pdbx_refine_id                           'X-RAY DIFFRACTION' 
_refine.pdbx_overall_phase_error                 ? 
_refine.pdbx_diffrn_id                           1 
_refine.pdbx_TLS_residual_ADP_flag               ? 
_refine.pdbx_overall_SU_R_free_Cruickshank_DPI   ? 
_refine.pdbx_overall_SU_R_Blow_DPI               ? 
_refine.pdbx_overall_SU_R_free_Blow_DPI          ? 
# 
_refine_hist.pdbx_refine_id                   'X-RAY DIFFRACTION' 
_refine_hist.cycle_id                         LAST 
_refine_hist.pdbx_number_atoms_protein        943 
_refine_hist.pdbx_number_atoms_nucleic_acid   0 
_refine_hist.pdbx_number_atoms_ligand         41 
_refine_hist.number_atoms_solvent             247 
_refine_hist.number_atoms_total               1231 
_refine_hist.d_res_high                       1.23 
_refine_hist.d_res_low                        51.99 
# 
loop_
_refine_ls_restr.type 
_refine_ls_restr.dev_ideal 
_refine_ls_restr.dev_ideal_target 
_refine_ls_restr.weight 
_refine_ls_restr.number 
_refine_ls_restr.pdbx_refine_id 
_refine_ls_restr.pdbx_restraint_function 
r_bond_refined_d         0.008  0.021  ? 998  'X-RAY DIFFRACTION' ? 
r_bond_other_d           0.001  0.020  ? 832  'X-RAY DIFFRACTION' ? 
r_angle_refined_deg      1.946  2.028  ? 1336 'X-RAY DIFFRACTION' ? 
r_angle_other_deg        0.790  3.000  ? 1965 'X-RAY DIFFRACTION' ? 
r_dihedral_angle_1_deg   3.975  3.000  ? 113  'X-RAY DIFFRACTION' ? 
r_dihedral_angle_3_deg   17.451 15.000 ? 181  'X-RAY DIFFRACTION' ? 
r_chiral_restr           0.211  0.200  ? 137  'X-RAY DIFFRACTION' ? 
r_gen_planes_refined     0.006  0.020  ? 1032 'X-RAY DIFFRACTION' ? 
r_gen_planes_other       0.002  0.020  ? 196  'X-RAY DIFFRACTION' ? 
r_nbd_refined            0.435  0.300  ? 299  'X-RAY DIFFRACTION' ? 
r_nbd_other              0.213  0.300  ? 819  'X-RAY DIFFRACTION' ? 
r_xyhbond_nbd_refined    0.210  0.500  ? 161  'X-RAY DIFFRACTION' ? 
r_symmetry_vdw_refined   0.200  0.300  ? 9    'X-RAY DIFFRACTION' ? 
r_symmetry_vdw_other     0.162  0.300  ? 40   'X-RAY DIFFRACTION' ? 
r_symmetry_hbond_refined 0.235  0.500  ? 39   'X-RAY DIFFRACTION' ? 
r_mcbond_it              0.635  1.500  ? 594  'X-RAY DIFFRACTION' ? 
r_mcangle_it             1.191  2.000  ? 937  'X-RAY DIFFRACTION' ? 
r_scbond_it              1.399  3.000  ? 404  'X-RAY DIFFRACTION' ? 
r_scangle_it             2.164  4.500  ? 399  'X-RAY DIFFRACTION' ? 
# 
_refine_ls_shell.pdbx_total_number_of_bins_used   20 
_refine_ls_shell.d_res_high                       1.233 
_refine_ls_shell.d_res_low                        1.265 
_refine_ls_shell.number_reflns_R_work             2663 
_refine_ls_shell.R_factor_R_work                  0.264 
_refine_ls_shell.percent_reflns_obs               ? 
_refine_ls_shell.R_factor_R_free                  0.256 
_refine_ls_shell.R_factor_R_free_error            ? 
_refine_ls_shell.percent_reflns_R_free            ? 
_refine_ls_shell.number_reflns_R_free             55 
_refine_ls_shell.number_reflns_obs                ? 
_refine_ls_shell.redundancy_reflns_obs            ? 
_refine_ls_shell.number_reflns_all                ? 
_refine_ls_shell.R_factor_all                     ? 
_refine_ls_shell.pdbx_refine_id                   'X-RAY DIFFRACTION' 
# 
_struct.entry_id                  2ARM 
_struct.title                     
'Crystal Structure of the Complex of Phospholipase A2 with a natural compound atropine at 1.2 A resolution' 
_struct.pdbx_model_details        ? 
_struct.pdbx_CASP_flag            ? 
_struct.pdbx_model_type_details   ? 
# 
_struct_keywords.entry_id        2ARM 
_struct_keywords.pdbx_keywords   HYDROLASE 
_struct_keywords.text            'Enzyme, complex, Hydrolase' 
# 
loop_
_struct_asym.id 
_struct_asym.pdbx_blank_PDB_chainid_flag 
_struct_asym.pdbx_modified 
_struct_asym.entity_id 
_struct_asym.details 
A N N 1 ? 
B N N 2 ? 
C N N 3 ? 
D N N 3 ? 
E N N 3 ? 
F N N 3 ? 
G N N 4 ? 
# 
_struct_ref.id                         1 
_struct_ref.db_name                    UNP 
_struct_ref.db_code                    PA28_DABRP 
_struct_ref.pdbx_db_accession          P59071 
_struct_ref.entity_id                  1 
_struct_ref.pdbx_seq_one_letter_code   
;SLLEFGKMILEETGKLAIPSYSSYGCYCGWGGKGTPKDATDRCCFVHDCCYGNLPDCNPKSDRYKYKRVNGAIVCEKGTS
CENRICECDKAAAICFRQNLNTYSKKYMLYPDFLCKGELKC
;
_struct_ref.pdbx_align_begin           1 
_struct_ref.pdbx_db_isoform            ? 
# 
_struct_ref_seq.align_id                      1 
_struct_ref_seq.ref_id                        1 
_struct_ref_seq.pdbx_PDB_id_code              2ARM 
_struct_ref_seq.pdbx_strand_id                A 
_struct_ref_seq.seq_align_beg                 1 
_struct_ref_seq.pdbx_seq_align_beg_ins_code   ? 
_struct_ref_seq.seq_align_end                 111 
_struct_ref_seq.pdbx_seq_align_end_ins_code   ? 
_struct_ref_seq.pdbx_db_accession             P59071 
_struct_ref_seq.db_align_beg                  1 
_struct_ref_seq.pdbx_db_align_beg_ins_code    ? 
_struct_ref_seq.db_align_end                  121 
_struct_ref_seq.pdbx_db_align_end_ins_code    ? 
_struct_ref_seq.pdbx_auth_seq_align_beg       1 
_struct_ref_seq.pdbx_auth_seq_align_end       121 
# 
_pdbx_struct_assembly.id                   1 
_pdbx_struct_assembly.details              author_defined_assembly 
_pdbx_struct_assembly.method_details       ? 
_pdbx_struct_assembly.oligomeric_details   monomeric 
_pdbx_struct_assembly.oligomeric_count     1 
# 
_pdbx_struct_assembly_gen.assembly_id       1 
_pdbx_struct_assembly_gen.oper_expression   1 
_pdbx_struct_assembly_gen.asym_id_list      A,B,C,D,E,F,G 
# 
_pdbx_struct_oper_list.id                   1 
_pdbx_struct_oper_list.type                 'identity operation' 
_pdbx_struct_oper_list.name                 1_555 
_pdbx_struct_oper_list.symmetry_operation   x,y,z 
_pdbx_struct_oper_list.matrix[1][1]         1.0000000000 
_pdbx_struct_oper_list.matrix[1][2]         0.0000000000 
_pdbx_struct_oper_list.matrix[1][3]         0.0000000000 
_pdbx_struct_oper_list.vector[1]            0.0000000000 
_pdbx_struct_oper_list.matrix[2][1]         0.0000000000 
_pdbx_struct_oper_list.matrix[2][2]         1.0000000000 
_pdbx_struct_oper_list.matrix[2][3]         0.0000000000 
_pdbx_struct_oper_list.vector[2]            0.0000000000 
_pdbx_struct_oper_list.matrix[3][1]         0.0000000000 
_pdbx_struct_oper_list.matrix[3][2]         0.0000000000 
_pdbx_struct_oper_list.matrix[3][3]         1.0000000000 
_pdbx_struct_oper_list.vector[3]            0.0000000000 
# 
_struct_biol.id        1 
_struct_biol.details   ? 
# 
loop_
_struct_conf.conf_type_id 
_struct_conf.id 
_struct_conf.pdbx_PDB_helix_id 
_struct_conf.beg_label_comp_id 
_struct_conf.beg_label_asym_id 
_struct_conf.beg_label_seq_id 
_struct_conf.pdbx_beg_PDB_ins_code 
_struct_conf.end_label_comp_id 
_struct_conf.end_label_asym_id 
_struct_conf.end_label_seq_id 
_struct_conf.pdbx_end_PDB_ins_code 
_struct_conf.beg_auth_comp_id 
_struct_conf.beg_auth_asym_id 
_struct_conf.beg_auth_seq_id 
_struct_conf.end_auth_comp_id 
_struct_conf.end_auth_asym_id 
_struct_conf.end_auth_seq_id 
_struct_conf.pdbx_PDB_helix_class 
_struct_conf.details 
_struct_conf.pdbx_PDB_helix_length 
HELX_P HELX_P1 1 SER A 1   ? GLY A 14  ? SER A 1   GLY A 14  1 ? 14 
HELX_P HELX_P2 2 LEU A 16  ? TYR A 21  ? LEU A 17  TYR A 22  1 ? 6  
HELX_P HELX_P3 3 ASP A 38  ? ASN A 53  ? ASP A 39  ASN A 54  1 ? 16 
HELX_P HELX_P4 4 THR A 79  ? ASN A 99  ? THR A 89  ASN A 109 1 ? 21 
HELX_P HELX_P5 5 LEU A 100 ? TYR A 103 ? LEU A 110 TYR A 113 5 ? 4  
HELX_P HELX_P6 6 SER A 104 ? MET A 108 ? SER A 114 MET A 118 5 ? 5  
HELX_P HELX_P7 7 PRO A 111 ? CYS A 115 ? PRO A 121 CYS A 126 5 ? 5  
# 
_struct_conf_type.id          HELX_P 
_struct_conf_type.criteria    ? 
_struct_conf_type.reference   ? 
# 
loop_
_struct_conn.id 
_struct_conn.conn_type_id 
_struct_conn.pdbx_leaving_atom_flag 
_struct_conn.pdbx_PDB_id 
_struct_conn.ptnr1_label_asym_id 
_struct_conn.ptnr1_label_comp_id 
_struct_conn.ptnr1_label_seq_id 
_struct_conn.ptnr1_label_atom_id 
_struct_conn.pdbx_ptnr1_label_alt_id 
_struct_conn.pdbx_ptnr1_PDB_ins_code 
_struct_conn.pdbx_ptnr1_standard_comp_id 
_struct_conn.ptnr1_symmetry 
_struct_conn.ptnr2_label_asym_id 
_struct_conn.ptnr2_label_comp_id 
_struct_conn.ptnr2_label_seq_id 
_struct_conn.ptnr2_label_atom_id 
_struct_conn.pdbx_ptnr2_label_alt_id 
_struct_conn.pdbx_ptnr2_PDB_ins_code 
_struct_conn.ptnr1_auth_asym_id 
_struct_conn.ptnr1_auth_comp_id 
_struct_conn.ptnr1_auth_seq_id 
_struct_conn.ptnr2_auth_asym_id 
_struct_conn.ptnr2_auth_comp_id 
_struct_conn.ptnr2_auth_seq_id 
_struct_conn.ptnr2_symmetry 
_struct_conn.pdbx_ptnr3_label_atom_id 
_struct_conn.pdbx_ptnr3_label_seq_id 
_struct_conn.pdbx_ptnr3_label_comp_id 
_struct_conn.pdbx_ptnr3_label_asym_id 
_struct_conn.pdbx_ptnr3_label_alt_id 
_struct_conn.pdbx_ptnr3_PDB_ins_code 
_struct_conn.details 
_struct_conn.pdbx_dist_value 
_struct_conn.pdbx_value_order 
_struct_conn.pdbx_role 
disulf1 disulf ? ? A CYS 26 SG ? ? ? 1_555 A CYS 115 SG ? ? A CYS 27 A CYS 126 1_555 ? ? ? ? ? ? ? 2.161 ? ? 
disulf2 disulf ? ? A CYS 28 SG ? ? ? 1_555 A CYS 44  SG ? ? A CYS 29 A CYS 45  1_555 ? ? ? ? ? ? ? 2.037 ? ? 
disulf3 disulf ? ? A CYS 43 SG ? ? ? 1_555 A CYS 95  SG ? ? A CYS 44 A CYS 105 1_555 ? ? ? ? ? ? ? 2.052 ? ? 
disulf4 disulf ? ? A CYS 49 SG ? ? ? 1_555 A CYS 121 SG ? ? A CYS 50 A CYS 133 1_555 ? ? ? ? ? ? ? 1.783 ? ? 
disulf5 disulf ? ? A CYS 50 SG ? ? ? 1_555 A CYS 88  SG ? ? A CYS 51 A CYS 98  1_555 ? ? ? ? ? ? ? 2.047 ? ? 
disulf6 disulf ? ? A CYS 57 SG ? ? ? 1_555 A CYS 81  SG ? ? A CYS 61 A CYS 91  1_555 ? ? ? ? ? ? ? 2.328 ? ? 
disulf7 disulf ? ? A CYS 75 SG ? ? ? 1_555 A CYS 86  SG ? ? A CYS 84 A CYS 96  1_555 ? ? ? ? ? ? ? 2.066 ? ? 
# 
_struct_conn_type.id          disulf 
_struct_conn_type.criteria    ? 
_struct_conn_type.reference   ? 
# 
loop_
_pdbx_modification_feature.ordinal 
_pdbx_modification_feature.label_comp_id 
_pdbx_modification_feature.label_asym_id 
_pdbx_modification_feature.label_seq_id 
_pdbx_modification_feature.label_alt_id 
_pdbx_modification_feature.modified_residue_label_comp_id 
_pdbx_modification_feature.modified_residue_label_asym_id 
_pdbx_modification_feature.modified_residue_label_seq_id 
_pdbx_modification_feature.modified_residue_label_alt_id 
_pdbx_modification_feature.auth_comp_id 
_pdbx_modification_feature.auth_asym_id 
_pdbx_modification_feature.auth_seq_id 
_pdbx_modification_feature.PDB_ins_code 
_pdbx_modification_feature.symmetry 
_pdbx_modification_feature.modified_residue_auth_comp_id 
_pdbx_modification_feature.modified_residue_auth_asym_id 
_pdbx_modification_feature.modified_residue_auth_seq_id 
_pdbx_modification_feature.modified_residue_PDB_ins_code 
_pdbx_modification_feature.modified_residue_symmetry 
_pdbx_modification_feature.comp_id_linking_atom 
_pdbx_modification_feature.modified_residue_id_linking_atom 
_pdbx_modification_feature.modified_residue_id 
_pdbx_modification_feature.ref_pcm_id 
_pdbx_modification_feature.ref_comp_id 
_pdbx_modification_feature.type 
_pdbx_modification_feature.category 
1 CYS A 26 ? CYS A 115 ? CYS A 27 ? 1_555 CYS A 126 ? 1_555 SG SG . . . None 'Disulfide bridge' 
2 CYS A 28 ? CYS A 44  ? CYS A 29 ? 1_555 CYS A 45  ? 1_555 SG SG . . . None 'Disulfide bridge' 
3 CYS A 43 ? CYS A 95  ? CYS A 44 ? 1_555 CYS A 105 ? 1_555 SG SG . . . None 'Disulfide bridge' 
4 CYS A 49 ? CYS A 121 ? CYS A 50 ? 1_555 CYS A 133 ? 1_555 SG SG . . . None 'Disulfide bridge' 
5 CYS A 50 ? CYS A 88  ? CYS A 51 ? 1_555 CYS A 98  ? 1_555 SG SG . . . None 'Disulfide bridge' 
6 CYS A 57 ? CYS A 81  ? CYS A 61 ? 1_555 CYS A 91  ? 1_555 SG SG . . . None 'Disulfide bridge' 
7 CYS A 75 ? CYS A 86  ? CYS A 84 ? 1_555 CYS A 96  ? 1_555 SG SG . . . None 'Disulfide bridge' 
# 
_struct_mon_prot_cis.pdbx_id                1 
_struct_mon_prot_cis.label_comp_id          ILE 
_struct_mon_prot_cis.label_seq_id           18 
_struct_mon_prot_cis.label_asym_id          A 
_struct_mon_prot_cis.label_alt_id           . 
_struct_mon_prot_cis.pdbx_PDB_ins_code      ? 
_struct_mon_prot_cis.auth_comp_id           ILE 
_struct_mon_prot_cis.auth_seq_id            19 
_struct_mon_prot_cis.auth_asym_id           A 
_struct_mon_prot_cis.pdbx_label_comp_id_2   PRO 
_struct_mon_prot_cis.pdbx_label_seq_id_2    19 
_struct_mon_prot_cis.pdbx_label_asym_id_2   A 
_struct_mon_prot_cis.pdbx_PDB_ins_code_2    ? 
_struct_mon_prot_cis.pdbx_auth_comp_id_2    PRO 
_struct_mon_prot_cis.pdbx_auth_seq_id_2     20 
_struct_mon_prot_cis.pdbx_auth_asym_id_2    A 
_struct_mon_prot_cis.pdbx_PDB_model_num     1 
_struct_mon_prot_cis.pdbx_omega_angle       7.36 
# 
_struct_sheet.id               A 
_struct_sheet.type             ? 
_struct_sheet.number_strands   2 
_struct_sheet.details          ? 
# 
_struct_sheet_order.sheet_id     A 
_struct_sheet_order.range_id_1   1 
_struct_sheet_order.range_id_2   2 
_struct_sheet_order.offset       ? 
_struct_sheet_order.sense        anti-parallel 
# 
loop_
_struct_sheet_range.sheet_id 
_struct_sheet_range.id 
_struct_sheet_range.beg_label_comp_id 
_struct_sheet_range.beg_label_asym_id 
_struct_sheet_range.beg_label_seq_id 
_struct_sheet_range.pdbx_beg_PDB_ins_code 
_struct_sheet_range.end_label_comp_id 
_struct_sheet_range.end_label_asym_id 
_struct_sheet_range.end_label_seq_id 
_struct_sheet_range.pdbx_end_PDB_ins_code 
_struct_sheet_range.beg_auth_comp_id 
_struct_sheet_range.beg_auth_asym_id 
_struct_sheet_range.beg_auth_seq_id 
_struct_sheet_range.end_auth_comp_id 
_struct_sheet_range.end_auth_asym_id 
_struct_sheet_range.end_auth_seq_id 
A 1 TYR A 66 ? VAL A 69 ? TYR A 75 VAL A 78 
A 2 ALA A 72 ? CYS A 75 ? ALA A 81 CYS A 84 
# 
_pdbx_struct_sheet_hbond.sheet_id                A 
_pdbx_struct_sheet_hbond.range_id_1              1 
_pdbx_struct_sheet_hbond.range_id_2              2 
_pdbx_struct_sheet_hbond.range_1_label_atom_id   N 
_pdbx_struct_sheet_hbond.range_1_label_comp_id   LYS 
_pdbx_struct_sheet_hbond.range_1_label_asym_id   A 
_pdbx_struct_sheet_hbond.range_1_label_seq_id    67 
_pdbx_struct_sheet_hbond.range_1_PDB_ins_code    ? 
_pdbx_struct_sheet_hbond.range_1_auth_atom_id    N 
_pdbx_struct_sheet_hbond.range_1_auth_comp_id    LYS 
_pdbx_struct_sheet_hbond.range_1_auth_asym_id    A 
_pdbx_struct_sheet_hbond.range_1_auth_seq_id     76 
_pdbx_struct_sheet_hbond.range_2_label_atom_id   O 
_pdbx_struct_sheet_hbond.range_2_label_comp_id   VAL 
_pdbx_struct_sheet_hbond.range_2_label_asym_id   A 
_pdbx_struct_sheet_hbond.range_2_label_seq_id    74 
_pdbx_struct_sheet_hbond.range_2_PDB_ins_code    ? 
_pdbx_struct_sheet_hbond.range_2_auth_atom_id    O 
_pdbx_struct_sheet_hbond.range_2_auth_comp_id    VAL 
_pdbx_struct_sheet_hbond.range_2_auth_asym_id    A 
_pdbx_struct_sheet_hbond.range_2_auth_seq_id     83 
# 
loop_
_struct_site.id 
_struct_site.pdbx_evidence_code 
_struct_site.pdbx_auth_asym_id 
_struct_site.pdbx_auth_comp_id 
_struct_site.pdbx_auth_seq_id 
_struct_site.pdbx_auth_ins_code 
_struct_site.pdbx_num_residues 
_struct_site.details 
AC1 Software A OIN 401 ? 14 'BINDING SITE FOR RESIDUE OIN A 401' 
AC2 Software A SO4 301 ? 9  'BINDING SITE FOR RESIDUE SO4 A 301' 
AC3 Software A SO4 302 ? 6  'BINDING SITE FOR RESIDUE SO4 A 302' 
AC4 Software A SO4 303 ? 5  'BINDING SITE FOR RESIDUE SO4 A 303' 
AC5 Software A SO4 304 ? 8  'BINDING SITE FOR RESIDUE SO4 A 304' 
# 
loop_
_struct_site_gen.id 
_struct_site_gen.site_id 
_struct_site_gen.pdbx_num_res 
_struct_site_gen.label_comp_id 
_struct_site_gen.label_asym_id 
_struct_site_gen.label_seq_id 
_struct_site_gen.pdbx_auth_ins_code 
_struct_site_gen.auth_comp_id 
_struct_site_gen.auth_asym_id 
_struct_site_gen.auth_seq_id 
_struct_site_gen.label_atom_id 
_struct_site_gen.label_alt_id 
_struct_site_gen.symmetry 
_struct_site_gen.details 
1  AC1 14 TYR A 27  ? TYR A 28  . ? 1_555 ? 
2  AC1 14 GLY A 29  ? GLY A 30  . ? 1_555 ? 
3  AC1 14 TRP A 30  ? TRP A 31  . ? 1_555 ? 
4  AC1 14 HIS A 47  ? HIS A 48  . ? 1_555 ? 
5  AC1 14 ASP A 48  ? ASP A 49  . ? 1_555 ? 
6  AC1 14 TYR A 51  ? TYR A 52  . ? 1_555 ? 
7  AC1 14 PRO A 59  ? PRO A 68  . ? 1_555 ? 
8  AC1 14 LYS A 60  ? LYS A 69  . ? 1_555 ? 
9  AC1 14 HOH G .   ? HOH A 606 . ? 1_555 ? 
10 AC1 14 HOH G .   ? HOH A 613 . ? 1_555 ? 
11 AC1 14 HOH G .   ? HOH A 632 . ? 1_555 ? 
12 AC1 14 HOH G .   ? HOH A 639 . ? 1_555 ? 
13 AC1 14 HOH G .   ? HOH A 645 . ? 1_555 ? 
14 AC1 14 HOH G .   ? HOH A 646 . ? 1_555 ? 
15 AC2 9  GLU A 4   ? GLU A 4   . ? 1_555 ? 
16 AC2 9  ARG A 63  ? ARG A 72  . ? 1_555 ? 
17 AC2 9  LYS A 65  ? LYS A 74  . ? 1_555 ? 
18 AC2 9  HOH G .   ? HOH A 467 . ? 1_555 ? 
19 AC2 9  HOH G .   ? HOH A 468 . ? 3_654 ? 
20 AC2 9  HOH G .   ? HOH A 550 . ? 1_555 ? 
21 AC2 9  HOH G .   ? HOH A 561 . ? 1_555 ? 
22 AC2 9  HOH G .   ? HOH A 573 . ? 1_555 ? 
23 AC2 9  HOH G .   ? HOH A 643 . ? 1_555 ? 
24 AC3 6  SER A 104 ? SER A 114 . ? 1_555 ? 
25 AC3 6  LYS A 105 ? LYS A 115 . ? 1_555 ? 
26 AC3 6  LYS A 120 ? LYS A 131 . ? 4_465 ? 
27 AC3 6  HOH G .   ? HOH A 494 . ? 1_555 ? 
28 AC3 6  HOH G .   ? HOH A 534 . ? 1_555 ? 
29 AC3 6  HOH G .   ? HOH A 603 . ? 1_555 ? 
30 AC4 5  ASP A 38  ? ASP A 39  . ? 1_555 ? 
31 AC4 5  ARG A 42  ? ARG A 43  . ? 1_555 ? 
32 AC4 5  SO4 F .   ? SO4 A 304 . ? 1_555 ? 
33 AC4 5  HOH G .   ? HOH A 478 . ? 4_565 ? 
34 AC4 5  HOH G .   ? HOH A 511 . ? 1_555 ? 
35 AC5 8  THR A 35  ? THR A 36  . ? 1_555 ? 
36 AC5 8  ARG A 63  ? ARG A 72  . ? 4_565 ? 
37 AC5 8  SO4 E .   ? SO4 A 303 . ? 1_555 ? 
38 AC5 8  HOH G .   ? HOH A 433 . ? 1_555 ? 
39 AC5 8  HOH G .   ? HOH A 459 . ? 4_565 ? 
40 AC5 8  HOH G .   ? HOH A 478 . ? 4_565 ? 
41 AC5 8  HOH G .   ? HOH A 519 . ? 1_555 ? 
42 AC5 8  HOH G .   ? HOH A 575 . ? 1_555 ? 
# 
_pdbx_entry_details.entry_id                   2ARM 
_pdbx_entry_details.compound_details           ? 
_pdbx_entry_details.source_details             ? 
_pdbx_entry_details.nonpolymer_details         ? 
_pdbx_entry_details.sequence_details           ? 
_pdbx_entry_details.has_ligand_of_interest     ? 
_pdbx_entry_details.has_protein_modification   Y 
# 
_pdbx_validate_rmsd_angle.id                         1 
_pdbx_validate_rmsd_angle.PDB_model_num              1 
_pdbx_validate_rmsd_angle.auth_atom_id_1             N 
_pdbx_validate_rmsd_angle.auth_asym_id_1             A 
_pdbx_validate_rmsd_angle.auth_comp_id_1             GLY 
_pdbx_validate_rmsd_angle.auth_seq_id_1              33 
_pdbx_validate_rmsd_angle.PDB_ins_code_1             ? 
_pdbx_validate_rmsd_angle.label_alt_id_1             ? 
_pdbx_validate_rmsd_angle.auth_atom_id_2             CA 
_pdbx_validate_rmsd_angle.auth_asym_id_2             A 
_pdbx_validate_rmsd_angle.auth_comp_id_2             GLY 
_pdbx_validate_rmsd_angle.auth_seq_id_2              33 
_pdbx_validate_rmsd_angle.PDB_ins_code_2             ? 
_pdbx_validate_rmsd_angle.label_alt_id_2             ? 
_pdbx_validate_rmsd_angle.auth_atom_id_3             C 
_pdbx_validate_rmsd_angle.auth_asym_id_3             A 
_pdbx_validate_rmsd_angle.auth_comp_id_3             GLY 
_pdbx_validate_rmsd_angle.auth_seq_id_3              33 
_pdbx_validate_rmsd_angle.PDB_ins_code_3             ? 
_pdbx_validate_rmsd_angle.label_alt_id_3             ? 
_pdbx_validate_rmsd_angle.angle_value                136.92 
_pdbx_validate_rmsd_angle.angle_target_value         113.10 
_pdbx_validate_rmsd_angle.angle_deviation            23.82 
_pdbx_validate_rmsd_angle.angle_standard_deviation   2.50 
_pdbx_validate_rmsd_angle.linker_flag                N 
# 
loop_
_pdbx_validate_torsion.id 
_pdbx_validate_torsion.PDB_model_num 
_pdbx_validate_torsion.auth_comp_id 
_pdbx_validate_torsion.auth_asym_id 
_pdbx_validate_torsion.auth_seq_id 
_pdbx_validate_torsion.PDB_ins_code 
_pdbx_validate_torsion.label_alt_id 
_pdbx_validate_torsion.phi 
_pdbx_validate_torsion.psi 
1 1 SER A 24 ? ? -145.01 32.80   
2 1 TRP A 31 ? ? -146.70 -3.59   
3 1 ASN A 79 ? ? 56.70   -149.97 
# 
loop_
_chem_comp_atom.comp_id 
_chem_comp_atom.atom_id 
_chem_comp_atom.type_symbol 
_chem_comp_atom.pdbx_aromatic_flag 
_chem_comp_atom.pdbx_stereo_config 
_chem_comp_atom.pdbx_ordinal 
ALA N    N N N 1   
ALA CA   C N S 2   
ALA C    C N N 3   
ALA O    O N N 4   
ALA CB   C N N 5   
ALA OXT  O N N 6   
ALA H    H N N 7   
ALA H2   H N N 8   
ALA HA   H N N 9   
ALA HB1  H N N 10  
ALA HB2  H N N 11  
ALA HB3  H N N 12  
ALA HXT  H N N 13  
ARG N    N N N 14  
ARG CA   C N S 15  
ARG C    C N N 16  
ARG O    O N N 17  
ARG CB   C N N 18  
ARG CG   C N N 19  
ARG CD   C N N 20  
ARG NE   N N N 21  
ARG CZ   C N N 22  
ARG NH1  N N N 23  
ARG NH2  N N N 24  
ARG OXT  O N N 25  
ARG H    H N N 26  
ARG H2   H N N 27  
ARG HA   H N N 28  
ARG HB2  H N N 29  
ARG HB3  H N N 30  
ARG HG2  H N N 31  
ARG HG3  H N N 32  
ARG HD2  H N N 33  
ARG HD3  H N N 34  
ARG HE   H N N 35  
ARG HH11 H N N 36  
ARG HH12 H N N 37  
ARG HH21 H N N 38  
ARG HH22 H N N 39  
ARG HXT  H N N 40  
ASN N    N N N 41  
ASN CA   C N S 42  
ASN C    C N N 43  
ASN O    O N N 44  
ASN CB   C N N 45  
ASN CG   C N N 46  
ASN OD1  O N N 47  
ASN ND2  N N N 48  
ASN OXT  O N N 49  
ASN H    H N N 50  
ASN H2   H N N 51  
ASN HA   H N N 52  
ASN HB2  H N N 53  
ASN HB3  H N N 54  
ASN HD21 H N N 55  
ASN HD22 H N N 56  
ASN HXT  H N N 57  
ASP N    N N N 58  
ASP CA   C N S 59  
ASP C    C N N 60  
ASP O    O N N 61  
ASP CB   C N N 62  
ASP CG   C N N 63  
ASP OD1  O N N 64  
ASP OD2  O N N 65  
ASP OXT  O N N 66  
ASP H    H N N 67  
ASP H2   H N N 68  
ASP HA   H N N 69  
ASP HB2  H N N 70  
ASP HB3  H N N 71  
ASP HD2  H N N 72  
ASP HXT  H N N 73  
CYS N    N N N 74  
CYS CA   C N R 75  
CYS C    C N N 76  
CYS O    O N N 77  
CYS CB   C N N 78  
CYS SG   S N N 79  
CYS OXT  O N N 80  
CYS H    H N N 81  
CYS H2   H N N 82  
CYS HA   H N N 83  
CYS HB2  H N N 84  
CYS HB3  H N N 85  
CYS HG   H N N 86  
CYS HXT  H N N 87  
GLN N    N N N 88  
GLN CA   C N S 89  
GLN C    C N N 90  
GLN O    O N N 91  
GLN CB   C N N 92  
GLN CG   C N N 93  
GLN CD   C N N 94  
GLN OE1  O N N 95  
GLN NE2  N N N 96  
GLN OXT  O N N 97  
GLN H    H N N 98  
GLN H2   H N N 99  
GLN HA   H N N 100 
GLN HB2  H N N 101 
GLN HB3  H N N 102 
GLN HG2  H N N 103 
GLN HG3  H N N 104 
GLN HE21 H N N 105 
GLN HE22 H N N 106 
GLN HXT  H N N 107 
GLU N    N N N 108 
GLU CA   C N S 109 
GLU C    C N N 110 
GLU O    O N N 111 
GLU CB   C N N 112 
GLU CG   C N N 113 
GLU CD   C N N 114 
GLU OE1  O N N 115 
GLU OE2  O N N 116 
GLU OXT  O N N 117 
GLU H    H N N 118 
GLU H2   H N N 119 
GLU HA   H N N 120 
GLU HB2  H N N 121 
GLU HB3  H N N 122 
GLU HG2  H N N 123 
GLU HG3  H N N 124 
GLU HE2  H N N 125 
GLU HXT  H N N 126 
GLY N    N N N 127 
GLY CA   C N N 128 
GLY C    C N N 129 
GLY O    O N N 130 
GLY OXT  O N N 131 
GLY H    H N N 132 
GLY H2   H N N 133 
GLY HA2  H N N 134 
GLY HA3  H N N 135 
GLY HXT  H N N 136 
HIS N    N N N 137 
HIS CA   C N S 138 
HIS C    C N N 139 
HIS O    O N N 140 
HIS CB   C N N 141 
HIS CG   C Y N 142 
HIS ND1  N Y N 143 
HIS CD2  C Y N 144 
HIS CE1  C Y N 145 
HIS NE2  N Y N 146 
HIS OXT  O N N 147 
HIS H    H N N 148 
HIS H2   H N N 149 
HIS HA   H N N 150 
HIS HB2  H N N 151 
HIS HB3  H N N 152 
HIS HD1  H N N 153 
HIS HD2  H N N 154 
HIS HE1  H N N 155 
HIS HE2  H N N 156 
HIS HXT  H N N 157 
HOH O    O N N 158 
HOH H1   H N N 159 
HOH H2   H N N 160 
ILE N    N N N 161 
ILE CA   C N S 162 
ILE C    C N N 163 
ILE O    O N N 164 
ILE CB   C N S 165 
ILE CG1  C N N 166 
ILE CG2  C N N 167 
ILE CD1  C N N 168 
ILE OXT  O N N 169 
ILE H    H N N 170 
ILE H2   H N N 171 
ILE HA   H N N 172 
ILE HB   H N N 173 
ILE HG12 H N N 174 
ILE HG13 H N N 175 
ILE HG21 H N N 176 
ILE HG22 H N N 177 
ILE HG23 H N N 178 
ILE HD11 H N N 179 
ILE HD12 H N N 180 
ILE HD13 H N N 181 
ILE HXT  H N N 182 
LEU N    N N N 183 
LEU CA   C N S 184 
LEU C    C N N 185 
LEU O    O N N 186 
LEU CB   C N N 187 
LEU CG   C N N 188 
LEU CD1  C N N 189 
LEU CD2  C N N 190 
LEU OXT  O N N 191 
LEU H    H N N 192 
LEU H2   H N N 193 
LEU HA   H N N 194 
LEU HB2  H N N 195 
LEU HB3  H N N 196 
LEU HG   H N N 197 
LEU HD11 H N N 198 
LEU HD12 H N N 199 
LEU HD13 H N N 200 
LEU HD21 H N N 201 
LEU HD22 H N N 202 
LEU HD23 H N N 203 
LEU HXT  H N N 204 
LYS N    N N N 205 
LYS CA   C N S 206 
LYS C    C N N 207 
LYS O    O N N 208 
LYS CB   C N N 209 
LYS CG   C N N 210 
LYS CD   C N N 211 
LYS CE   C N N 212 
LYS NZ   N N N 213 
LYS OXT  O N N 214 
LYS H    H N N 215 
LYS H2   H N N 216 
LYS HA   H N N 217 
LYS HB2  H N N 218 
LYS HB3  H N N 219 
LYS HG2  H N N 220 
LYS HG3  H N N 221 
LYS HD2  H N N 222 
LYS HD3  H N N 223 
LYS HE2  H N N 224 
LYS HE3  H N N 225 
LYS HZ1  H N N 226 
LYS HZ2  H N N 227 
LYS HZ3  H N N 228 
LYS HXT  H N N 229 
MET N    N N N 230 
MET CA   C N S 231 
MET C    C N N 232 
MET O    O N N 233 
MET CB   C N N 234 
MET CG   C N N 235 
MET SD   S N N 236 
MET CE   C N N 237 
MET OXT  O N N 238 
MET H    H N N 239 
MET H2   H N N 240 
MET HA   H N N 241 
MET HB2  H N N 242 
MET HB3  H N N 243 
MET HG2  H N N 244 
MET HG3  H N N 245 
MET HE1  H N N 246 
MET HE2  H N N 247 
MET HE3  H N N 248 
MET HXT  H N N 249 
OIN C10  C N N 250 
OIN N    N N N 251 
OIN C11  C N S 252 
OIN C17  C N N 253 
OIN C16  C N N 254 
OIN C15  C N R 255 
OIN C14  C N N 256 
OIN C13  C N N 257 
OIN C12  C N N 258 
OIN O2   O N N 259 
OIN C7   C N N 260 
OIN O3   O N N 261 
OIN C9   C N S 262 
OIN C8   C N N 263 
OIN OH   O N N 264 
OIN C6   C Y N 265 
OIN C5   C Y N 266 
OIN C4   C Y N 267 
OIN C3   C Y N 268 
OIN C2   C Y N 269 
OIN C1   C Y N 270 
OIN H101 H N N 271 
OIN H102 H N N 272 
OIN H103 H N N 273 
OIN H11  H N N 274 
OIN H171 H N N 275 
OIN H172 H N N 276 
OIN H161 H N N 277 
OIN H162 H N N 278 
OIN H15  H N N 279 
OIN H141 H N N 280 
OIN H142 H N N 281 
OIN H13  H N N 282 
OIN H121 H N N 283 
OIN H122 H N N 284 
OIN H9   H N N 285 
OIN H81  H N N 286 
OIN H82  H N N 287 
OIN HOH  H N N 288 
OIN H5   H N N 289 
OIN H4   H N N 290 
OIN H3   H N N 291 
OIN H2   H N N 292 
OIN H1   H N N 293 
PHE N    N N N 294 
PHE CA   C N S 295 
PHE C    C N N 296 
PHE O    O N N 297 
PHE CB   C N N 298 
PHE CG   C Y N 299 
PHE CD1  C Y N 300 
PHE CD2  C Y N 301 
PHE CE1  C Y N 302 
PHE CE2  C Y N 303 
PHE CZ   C Y N 304 
PHE OXT  O N N 305 
PHE H    H N N 306 
PHE H2   H N N 307 
PHE HA   H N N 308 
PHE HB2  H N N 309 
PHE HB3  H N N 310 
PHE HD1  H N N 311 
PHE HD2  H N N 312 
PHE HE1  H N N 313 
PHE HE2  H N N 314 
PHE HZ   H N N 315 
PHE HXT  H N N 316 
PRO N    N N N 317 
PRO CA   C N S 318 
PRO C    C N N 319 
PRO O    O N N 320 
PRO CB   C N N 321 
PRO CG   C N N 322 
PRO CD   C N N 323 
PRO OXT  O N N 324 
PRO H    H N N 325 
PRO HA   H N N 326 
PRO HB2  H N N 327 
PRO HB3  H N N 328 
PRO HG2  H N N 329 
PRO HG3  H N N 330 
PRO HD2  H N N 331 
PRO HD3  H N N 332 
PRO HXT  H N N 333 
SER N    N N N 334 
SER CA   C N S 335 
SER C    C N N 336 
SER O    O N N 337 
SER CB   C N N 338 
SER OG   O N N 339 
SER OXT  O N N 340 
SER H    H N N 341 
SER H2   H N N 342 
SER HA   H N N 343 
SER HB2  H N N 344 
SER HB3  H N N 345 
SER HG   H N N 346 
SER HXT  H N N 347 
SO4 S    S N N 348 
SO4 O1   O N N 349 
SO4 O2   O N N 350 
SO4 O3   O N N 351 
SO4 O4   O N N 352 
THR N    N N N 353 
THR CA   C N S 354 
THR C    C N N 355 
THR O    O N N 356 
THR CB   C N R 357 
THR OG1  O N N 358 
THR CG2  C N N 359 
THR OXT  O N N 360 
THR H    H N N 361 
THR H2   H N N 362 
THR HA   H N N 363 
THR HB   H N N 364 
THR HG1  H N N 365 
THR HG21 H N N 366 
THR HG22 H N N 367 
THR HG23 H N N 368 
THR HXT  H N N 369 
TRP N    N N N 370 
TRP CA   C N S 371 
TRP C    C N N 372 
TRP O    O N N 373 
TRP CB   C N N 374 
TRP CG   C Y N 375 
TRP CD1  C Y N 376 
TRP CD2  C Y N 377 
TRP NE1  N Y N 378 
TRP CE2  C Y N 379 
TRP CE3  C Y N 380 
TRP CZ2  C Y N 381 
TRP CZ3  C Y N 382 
TRP CH2  C Y N 383 
TRP OXT  O N N 384 
TRP H    H N N 385 
TRP H2   H N N 386 
TRP HA   H N N 387 
TRP HB2  H N N 388 
TRP HB3  H N N 389 
TRP HD1  H N N 390 
TRP HE1  H N N 391 
TRP HE3  H N N 392 
TRP HZ2  H N N 393 
TRP HZ3  H N N 394 
TRP HH2  H N N 395 
TRP HXT  H N N 396 
TYR N    N N N 397 
TYR CA   C N S 398 
TYR C    C N N 399 
TYR O    O N N 400 
TYR CB   C N N 401 
TYR CG   C Y N 402 
TYR CD1  C Y N 403 
TYR CD2  C Y N 404 
TYR CE1  C Y N 405 
TYR CE2  C Y N 406 
TYR CZ   C Y N 407 
TYR OH   O N N 408 
TYR OXT  O N N 409 
TYR H    H N N 410 
TYR H2   H N N 411 
TYR HA   H N N 412 
TYR HB2  H N N 413 
TYR HB3  H N N 414 
TYR HD1  H N N 415 
TYR HD2  H N N 416 
TYR HE1  H N N 417 
TYR HE2  H N N 418 
TYR HH   H N N 419 
TYR HXT  H N N 420 
VAL N    N N N 421 
VAL CA   C N S 422 
VAL C    C N N 423 
VAL O    O N N 424 
VAL CB   C N N 425 
VAL CG1  C N N 426 
VAL CG2  C N N 427 
VAL OXT  O N N 428 
VAL H    H N N 429 
VAL H2   H N N 430 
VAL HA   H N N 431 
VAL HB   H N N 432 
VAL HG11 H N N 433 
VAL HG12 H N N 434 
VAL HG13 H N N 435 
VAL HG21 H N N 436 
VAL HG22 H N N 437 
VAL HG23 H N N 438 
VAL HXT  H N N 439 
# 
loop_
_chem_comp_bond.comp_id 
_chem_comp_bond.atom_id_1 
_chem_comp_bond.atom_id_2 
_chem_comp_bond.value_order 
_chem_comp_bond.pdbx_aromatic_flag 
_chem_comp_bond.pdbx_stereo_config 
_chem_comp_bond.pdbx_ordinal 
ALA N   CA   sing N N 1   
ALA N   H    sing N N 2   
ALA N   H2   sing N N 3   
ALA CA  C    sing N N 4   
ALA CA  CB   sing N N 5   
ALA CA  HA   sing N N 6   
ALA C   O    doub N N 7   
ALA C   OXT  sing N N 8   
ALA CB  HB1  sing N N 9   
ALA CB  HB2  sing N N 10  
ALA CB  HB3  sing N N 11  
ALA OXT HXT  sing N N 12  
ARG N   CA   sing N N 13  
ARG N   H    sing N N 14  
ARG N   H2   sing N N 15  
ARG CA  C    sing N N 16  
ARG CA  CB   sing N N 17  
ARG CA  HA   sing N N 18  
ARG C   O    doub N N 19  
ARG C   OXT  sing N N 20  
ARG CB  CG   sing N N 21  
ARG CB  HB2  sing N N 22  
ARG CB  HB3  sing N N 23  
ARG CG  CD   sing N N 24  
ARG CG  HG2  sing N N 25  
ARG CG  HG3  sing N N 26  
ARG CD  NE   sing N N 27  
ARG CD  HD2  sing N N 28  
ARG CD  HD3  sing N N 29  
ARG NE  CZ   sing N N 30  
ARG NE  HE   sing N N 31  
ARG CZ  NH1  sing N N 32  
ARG CZ  NH2  doub N N 33  
ARG NH1 HH11 sing N N 34  
ARG NH1 HH12 sing N N 35  
ARG NH2 HH21 sing N N 36  
ARG NH2 HH22 sing N N 37  
ARG OXT HXT  sing N N 38  
ASN N   CA   sing N N 39  
ASN N   H    sing N N 40  
ASN N   H2   sing N N 41  
ASN CA  C    sing N N 42  
ASN CA  CB   sing N N 43  
ASN CA  HA   sing N N 44  
ASN C   O    doub N N 45  
ASN C   OXT  sing N N 46  
ASN CB  CG   sing N N 47  
ASN CB  HB2  sing N N 48  
ASN CB  HB3  sing N N 49  
ASN CG  OD1  doub N N 50  
ASN CG  ND2  sing N N 51  
ASN ND2 HD21 sing N N 52  
ASN ND2 HD22 sing N N 53  
ASN OXT HXT  sing N N 54  
ASP N   CA   sing N N 55  
ASP N   H    sing N N 56  
ASP N   H2   sing N N 57  
ASP CA  C    sing N N 58  
ASP CA  CB   sing N N 59  
ASP CA  HA   sing N N 60  
ASP C   O    doub N N 61  
ASP C   OXT  sing N N 62  
ASP CB  CG   sing N N 63  
ASP CB  HB2  sing N N 64  
ASP CB  HB3  sing N N 65  
ASP CG  OD1  doub N N 66  
ASP CG  OD2  sing N N 67  
ASP OD2 HD2  sing N N 68  
ASP OXT HXT  sing N N 69  
CYS N   CA   sing N N 70  
CYS N   H    sing N N 71  
CYS N   H2   sing N N 72  
CYS CA  C    sing N N 73  
CYS CA  CB   sing N N 74  
CYS CA  HA   sing N N 75  
CYS C   O    doub N N 76  
CYS C   OXT  sing N N 77  
CYS CB  SG   sing N N 78  
CYS CB  HB2  sing N N 79  
CYS CB  HB3  sing N N 80  
CYS SG  HG   sing N N 81  
CYS OXT HXT  sing N N 82  
GLN N   CA   sing N N 83  
GLN N   H    sing N N 84  
GLN N   H2   sing N N 85  
GLN CA  C    sing N N 86  
GLN CA  CB   sing N N 87  
GLN CA  HA   sing N N 88  
GLN C   O    doub N N 89  
GLN C   OXT  sing N N 90  
GLN CB  CG   sing N N 91  
GLN CB  HB2  sing N N 92  
GLN CB  HB3  sing N N 93  
GLN CG  CD   sing N N 94  
GLN CG  HG2  sing N N 95  
GLN CG  HG3  sing N N 96  
GLN CD  OE1  doub N N 97  
GLN CD  NE2  sing N N 98  
GLN NE2 HE21 sing N N 99  
GLN NE2 HE22 sing N N 100 
GLN OXT HXT  sing N N 101 
GLU N   CA   sing N N 102 
GLU N   H    sing N N 103 
GLU N   H2   sing N N 104 
GLU CA  C    sing N N 105 
GLU CA  CB   sing N N 106 
GLU CA  HA   sing N N 107 
GLU C   O    doub N N 108 
GLU C   OXT  sing N N 109 
GLU CB  CG   sing N N 110 
GLU CB  HB2  sing N N 111 
GLU CB  HB3  sing N N 112 
GLU CG  CD   sing N N 113 
GLU CG  HG2  sing N N 114 
GLU CG  HG3  sing N N 115 
GLU CD  OE1  doub N N 116 
GLU CD  OE2  sing N N 117 
GLU OE2 HE2  sing N N 118 
GLU OXT HXT  sing N N 119 
GLY N   CA   sing N N 120 
GLY N   H    sing N N 121 
GLY N   H2   sing N N 122 
GLY CA  C    sing N N 123 
GLY CA  HA2  sing N N 124 
GLY CA  HA3  sing N N 125 
GLY C   O    doub N N 126 
GLY C   OXT  sing N N 127 
GLY OXT HXT  sing N N 128 
HIS N   CA   sing N N 129 
HIS N   H    sing N N 130 
HIS N   H2   sing N N 131 
HIS CA  C    sing N N 132 
HIS CA  CB   sing N N 133 
HIS CA  HA   sing N N 134 
HIS C   O    doub N N 135 
HIS C   OXT  sing N N 136 
HIS CB  CG   sing N N 137 
HIS CB  HB2  sing N N 138 
HIS CB  HB3  sing N N 139 
HIS CG  ND1  sing Y N 140 
HIS CG  CD2  doub Y N 141 
HIS ND1 CE1  doub Y N 142 
HIS ND1 HD1  sing N N 143 
HIS CD2 NE2  sing Y N 144 
HIS CD2 HD2  sing N N 145 
HIS CE1 NE2  sing Y N 146 
HIS CE1 HE1  sing N N 147 
HIS NE2 HE2  sing N N 148 
HIS OXT HXT  sing N N 149 
HOH O   H1   sing N N 150 
HOH O   H2   sing N N 151 
ILE N   CA   sing N N 152 
ILE N   H    sing N N 153 
ILE N   H2   sing N N 154 
ILE CA  C    sing N N 155 
ILE CA  CB   sing N N 156 
ILE CA  HA   sing N N 157 
ILE C   O    doub N N 158 
ILE C   OXT  sing N N 159 
ILE CB  CG1  sing N N 160 
ILE CB  CG2  sing N N 161 
ILE CB  HB   sing N N 162 
ILE CG1 CD1  sing N N 163 
ILE CG1 HG12 sing N N 164 
ILE CG1 HG13 sing N N 165 
ILE CG2 HG21 sing N N 166 
ILE CG2 HG22 sing N N 167 
ILE CG2 HG23 sing N N 168 
ILE CD1 HD11 sing N N 169 
ILE CD1 HD12 sing N N 170 
ILE CD1 HD13 sing N N 171 
ILE OXT HXT  sing N N 172 
LEU N   CA   sing N N 173 
LEU N   H    sing N N 174 
LEU N   H2   sing N N 175 
LEU CA  C    sing N N 176 
LEU CA  CB   sing N N 177 
LEU CA  HA   sing N N 178 
LEU C   O    doub N N 179 
LEU C   OXT  sing N N 180 
LEU CB  CG   sing N N 181 
LEU CB  HB2  sing N N 182 
LEU CB  HB3  sing N N 183 
LEU CG  CD1  sing N N 184 
LEU CG  CD2  sing N N 185 
LEU CG  HG   sing N N 186 
LEU CD1 HD11 sing N N 187 
LEU CD1 HD12 sing N N 188 
LEU CD1 HD13 sing N N 189 
LEU CD2 HD21 sing N N 190 
LEU CD2 HD22 sing N N 191 
LEU CD2 HD23 sing N N 192 
LEU OXT HXT  sing N N 193 
LYS N   CA   sing N N 194 
LYS N   H    sing N N 195 
LYS N   H2   sing N N 196 
LYS CA  C    sing N N 197 
LYS CA  CB   sing N N 198 
LYS CA  HA   sing N N 199 
LYS C   O    doub N N 200 
LYS C   OXT  sing N N 201 
LYS CB  CG   sing N N 202 
LYS CB  HB2  sing N N 203 
LYS CB  HB3  sing N N 204 
LYS CG  CD   sing N N 205 
LYS CG  HG2  sing N N 206 
LYS CG  HG3  sing N N 207 
LYS CD  CE   sing N N 208 
LYS CD  HD2  sing N N 209 
LYS CD  HD3  sing N N 210 
LYS CE  NZ   sing N N 211 
LYS CE  HE2  sing N N 212 
LYS CE  HE3  sing N N 213 
LYS NZ  HZ1  sing N N 214 
LYS NZ  HZ2  sing N N 215 
LYS NZ  HZ3  sing N N 216 
LYS OXT HXT  sing N N 217 
MET N   CA   sing N N 218 
MET N   H    sing N N 219 
MET N   H2   sing N N 220 
MET CA  C    sing N N 221 
MET CA  CB   sing N N 222 
MET CA  HA   sing N N 223 
MET C   O    doub N N 224 
MET C   OXT  sing N N 225 
MET CB  CG   sing N N 226 
MET CB  HB2  sing N N 227 
MET CB  HB3  sing N N 228 
MET CG  SD   sing N N 229 
MET CG  HG2  sing N N 230 
MET CG  HG3  sing N N 231 
MET SD  CE   sing N N 232 
MET CE  HE1  sing N N 233 
MET CE  HE2  sing N N 234 
MET CE  HE3  sing N N 235 
MET OXT HXT  sing N N 236 
OIN C10 N    sing N N 237 
OIN C10 H101 sing N N 238 
OIN C10 H102 sing N N 239 
OIN C10 H103 sing N N 240 
OIN N   C11  sing N N 241 
OIN N   C15  sing N N 242 
OIN C11 C17  sing N N 243 
OIN C11 C12  sing N N 244 
OIN C11 H11  sing N N 245 
OIN C17 C16  sing N N 246 
OIN C17 H171 sing N N 247 
OIN C17 H172 sing N N 248 
OIN C16 C15  sing N N 249 
OIN C16 H161 sing N N 250 
OIN C16 H162 sing N N 251 
OIN C15 C14  sing N N 252 
OIN C15 H15  sing N N 253 
OIN C14 C13  sing N N 254 
OIN C14 H141 sing N N 255 
OIN C14 H142 sing N N 256 
OIN C13 C12  sing N N 257 
OIN C13 O2   sing N N 258 
OIN C13 H13  sing N N 259 
OIN C12 H121 sing N N 260 
OIN C12 H122 sing N N 261 
OIN O2  C7   sing N N 262 
OIN C7  O3   doub N N 263 
OIN C7  C9   sing N N 264 
OIN C9  C8   sing N N 265 
OIN C9  C6   sing N N 266 
OIN C9  H9   sing N N 267 
OIN C8  OH   sing N N 268 
OIN C8  H81  sing N N 269 
OIN C8  H82  sing N N 270 
OIN OH  HOH  sing N N 271 
OIN C6  C5   doub Y N 272 
OIN C6  C1   sing Y N 273 
OIN C5  C4   sing Y N 274 
OIN C5  H5   sing N N 275 
OIN C4  C3   doub Y N 276 
OIN C4  H4   sing N N 277 
OIN C3  C2   sing Y N 278 
OIN C3  H3   sing N N 279 
OIN C2  C1   doub Y N 280 
OIN C2  H2   sing N N 281 
OIN C1  H1   sing N N 282 
PHE N   CA   sing N N 283 
PHE N   H    sing N N 284 
PHE N   H2   sing N N 285 
PHE CA  C    sing N N 286 
PHE CA  CB   sing N N 287 
PHE CA  HA   sing N N 288 
PHE C   O    doub N N 289 
PHE C   OXT  sing N N 290 
PHE CB  CG   sing N N 291 
PHE CB  HB2  sing N N 292 
PHE CB  HB3  sing N N 293 
PHE CG  CD1  doub Y N 294 
PHE CG  CD2  sing Y N 295 
PHE CD1 CE1  sing Y N 296 
PHE CD1 HD1  sing N N 297 
PHE CD2 CE2  doub Y N 298 
PHE CD2 HD2  sing N N 299 
PHE CE1 CZ   doub Y N 300 
PHE CE1 HE1  sing N N 301 
PHE CE2 CZ   sing Y N 302 
PHE CE2 HE2  sing N N 303 
PHE CZ  HZ   sing N N 304 
PHE OXT HXT  sing N N 305 
PRO N   CA   sing N N 306 
PRO N   CD   sing N N 307 
PRO N   H    sing N N 308 
PRO CA  C    sing N N 309 
PRO CA  CB   sing N N 310 
PRO CA  HA   sing N N 311 
PRO C   O    doub N N 312 
PRO C   OXT  sing N N 313 
PRO CB  CG   sing N N 314 
PRO CB  HB2  sing N N 315 
PRO CB  HB3  sing N N 316 
PRO CG  CD   sing N N 317 
PRO CG  HG2  sing N N 318 
PRO CG  HG3  sing N N 319 
PRO CD  HD2  sing N N 320 
PRO CD  HD3  sing N N 321 
PRO OXT HXT  sing N N 322 
SER N   CA   sing N N 323 
SER N   H    sing N N 324 
SER N   H2   sing N N 325 
SER CA  C    sing N N 326 
SER CA  CB   sing N N 327 
SER CA  HA   sing N N 328 
SER C   O    doub N N 329 
SER C   OXT  sing N N 330 
SER CB  OG   sing N N 331 
SER CB  HB2  sing N N 332 
SER CB  HB3  sing N N 333 
SER OG  HG   sing N N 334 
SER OXT HXT  sing N N 335 
SO4 S   O1   doub N N 336 
SO4 S   O2   doub N N 337 
SO4 S   O3   sing N N 338 
SO4 S   O4   sing N N 339 
THR N   CA   sing N N 340 
THR N   H    sing N N 341 
THR N   H2   sing N N 342 
THR CA  C    sing N N 343 
THR CA  CB   sing N N 344 
THR CA  HA   sing N N 345 
THR C   O    doub N N 346 
THR C   OXT  sing N N 347 
THR CB  OG1  sing N N 348 
THR CB  CG2  sing N N 349 
THR CB  HB   sing N N 350 
THR OG1 HG1  sing N N 351 
THR CG2 HG21 sing N N 352 
THR CG2 HG22 sing N N 353 
THR CG2 HG23 sing N N 354 
THR OXT HXT  sing N N 355 
TRP N   CA   sing N N 356 
TRP N   H    sing N N 357 
TRP N   H2   sing N N 358 
TRP CA  C    sing N N 359 
TRP CA  CB   sing N N 360 
TRP CA  HA   sing N N 361 
TRP C   O    doub N N 362 
TRP C   OXT  sing N N 363 
TRP CB  CG   sing N N 364 
TRP CB  HB2  sing N N 365 
TRP CB  HB3  sing N N 366 
TRP CG  CD1  doub Y N 367 
TRP CG  CD2  sing Y N 368 
TRP CD1 NE1  sing Y N 369 
TRP CD1 HD1  sing N N 370 
TRP CD2 CE2  doub Y N 371 
TRP CD2 CE3  sing Y N 372 
TRP NE1 CE2  sing Y N 373 
TRP NE1 HE1  sing N N 374 
TRP CE2 CZ2  sing Y N 375 
TRP CE3 CZ3  doub Y N 376 
TRP CE3 HE3  sing N N 377 
TRP CZ2 CH2  doub Y N 378 
TRP CZ2 HZ2  sing N N 379 
TRP CZ3 CH2  sing Y N 380 
TRP CZ3 HZ3  sing N N 381 
TRP CH2 HH2  sing N N 382 
TRP OXT HXT  sing N N 383 
TYR N   CA   sing N N 384 
TYR N   H    sing N N 385 
TYR N   H2   sing N N 386 
TYR CA  C    sing N N 387 
TYR CA  CB   sing N N 388 
TYR CA  HA   sing N N 389 
TYR C   O    doub N N 390 
TYR C   OXT  sing N N 391 
TYR CB  CG   sing N N 392 
TYR CB  HB2  sing N N 393 
TYR CB  HB3  sing N N 394 
TYR CG  CD1  doub Y N 395 
TYR CG  CD2  sing Y N 396 
TYR CD1 CE1  sing Y N 397 
TYR CD1 HD1  sing N N 398 
TYR CD2 CE2  doub Y N 399 
TYR CD2 HD2  sing N N 400 
TYR CE1 CZ   doub Y N 401 
TYR CE1 HE1  sing N N 402 
TYR CE2 CZ   sing Y N 403 
TYR CE2 HE2  sing N N 404 
TYR CZ  OH   sing N N 405 
TYR OH  HH   sing N N 406 
TYR OXT HXT  sing N N 407 
VAL N   CA   sing N N 408 
VAL N   H    sing N N 409 
VAL N   H2   sing N N 410 
VAL CA  C    sing N N 411 
VAL CA  CB   sing N N 412 
VAL CA  HA   sing N N 413 
VAL C   O    doub N N 414 
VAL C   OXT  sing N N 415 
VAL CB  CG1  sing N N 416 
VAL CB  CG2  sing N N 417 
VAL CB  HB   sing N N 418 
VAL CG1 HG11 sing N N 419 
VAL CG1 HG12 sing N N 420 
VAL CG1 HG13 sing N N 421 
VAL CG2 HG21 sing N N 422 
VAL CG2 HG22 sing N N 423 
VAL CG2 HG23 sing N N 424 
VAL OXT HXT  sing N N 425 
# 
_atom_sites.entry_id                    2ARM 
_atom_sites.fract_transf_matrix[1][1]   0.01148237 
_atom_sites.fract_transf_matrix[1][2]   0.01443574 
_atom_sites.fract_transf_matrix[1][3]   -0.00496496 
_atom_sites.fract_transf_matrix[2][1]   -0.01485498 
_atom_sites.fract_transf_matrix[2][2]   0.00913233 
_atom_sites.fract_transf_matrix[2][3]   -0.00779850 
_atom_sites.fract_transf_matrix[3][1]   -0.00385240 
_atom_sites.fract_transf_matrix[3][2]   0.00935573 
_atom_sites.fract_transf_matrix[3][3]   0.01829683 
_atom_sites.fract_transf_vector[1]      0.161427 
_atom_sites.fract_transf_vector[2]      0.473899 
_atom_sites.fract_transf_vector[3]      0.194593 
# 
loop_
_atom_type.symbol 
C 
N 
O 
S 
# 
loop_
_atom_site.group_PDB 
_atom_site.id 
_atom_site.type_symbol 
_atom_site.label_atom_id 
_atom_site.label_alt_id 
_atom_site.label_comp_id 
_atom_site.label_asym_id 
_atom_site.label_entity_id 
_atom_site.label_seq_id 
_atom_site.pdbx_PDB_ins_code 
_atom_site.Cartn_x 
_atom_site.Cartn_y 
_atom_site.Cartn_z 
_atom_site.occupancy 
_atom_site.B_iso_or_equiv 
_atom_site.pdbx_formal_charge 
_atom_site.auth_seq_id 
_atom_site.auth_comp_id 
_atom_site.auth_asym_id 
_atom_site.auth_atom_id 
_atom_site.pdbx_PDB_model_num 
ATOM   1    N N   . SER A 1 1   ? 11.041  -2.395  -0.366  1.00 11.69 ? 1   SER A N   1 
ATOM   2    C CA  . SER A 1 1   ? 10.755  -3.536  -1.284  1.00 12.14 ? 1   SER A CA  1 
ATOM   3    C C   . SER A 1 1   ? 9.371   -4.095  -0.961  1.00 12.21 ? 1   SER A C   1 
ATOM   4    O O   . SER A 1 1   ? 8.851   -3.896  0.140   1.00 11.75 ? 1   SER A O   1 
ATOM   5    C CB  . SER A 1 1   ? 11.786  -4.641  -1.111  1.00 12.29 ? 1   SER A CB  1 
ATOM   6    O OG  . SER A 1 1   ? 11.577  -5.285  0.128   1.00 12.99 ? 1   SER A OG  1 
ATOM   7    N N   . LEU A 1 2   ? 8.731   -4.701  -1.946  1.00 12.84 ? 2   LEU A N   1 
ATOM   8    C CA  . LEU A 1 2   ? 7.455   -5.384  -1.757  1.00 13.73 ? 2   LEU A CA  1 
ATOM   9    C C   . LEU A 1 2   ? 7.412   -6.333  -0.555  1.00 13.87 ? 2   LEU A C   1 
ATOM   10   O O   . LEU A 1 2   ? 6.432   -6.341  0.188   1.00 13.67 ? 2   LEU A O   1 
ATOM   11   C CB  . LEU A 1 2   ? 7.079   -6.134  -3.034  1.00 14.41 ? 2   LEU A CB  1 
ATOM   12   C CG  . LEU A 1 2   ? 5.679   -6.741  -3.060  1.00 16.01 ? 2   LEU A CG  1 
ATOM   13   C CD1 . LEU A 1 2   ? 4.604   -5.687  -2.862  1.00 17.63 ? 2   LEU A CD1 1 
ATOM   14   C CD2 . LEU A 1 2   ? 5.473   -7.477  -4.377  1.00 17.81 ? 2   LEU A CD2 1 
ATOM   15   N N   . LEU A 1 3   ? 8.452   -7.138  -0.358  1.00 13.80 ? 3   LEU A N   1 
ATOM   16   C CA  . LEU A 1 3   ? 8.477   -8.045  0.792   1.00 14.55 ? 3   LEU A CA  1 
ATOM   17   C C   . LEU A 1 3   ? 8.492   -7.285  2.112   1.00 13.84 ? 3   LEU A C   1 
ATOM   18   O O   . LEU A 1 3   ? 7.815   -7.676  3.071   1.00 13.93 ? 3   LEU A O   1 
ATOM   19   C CB  . LEU A 1 3   ? 9.677   -8.987  0.728   1.00 15.37 ? 3   LEU A CB  1 
ATOM   20   C CG  . LEU A 1 3   ? 9.449   -10.286 -0.034  1.00 19.05 ? 3   LEU A CG  1 
ATOM   21   C CD1 . LEU A 1 3   ? 10.734  -11.073 -0.081  1.00 20.79 ? 3   LEU A CD1 1 
ATOM   22   C CD2 . LEU A 1 3   ? 8.348   -11.100 0.624   1.00 20.77 ? 3   LEU A CD2 1 
ATOM   23   N N   . GLU A 1 4   ? 9.263   -6.200  2.168   1.00 13.50 ? 4   GLU A N   1 
ATOM   24   C CA  . GLU A 1 4   ? 9.324   -5.371  3.367   1.00 13.06 ? 4   GLU A CA  1 
ATOM   25   C C   . GLU A 1 4   ? 7.971   -4.728  3.630   1.00 12.36 ? 4   GLU A C   1 
ATOM   26   O O   . GLU A 1 4   ? 7.525   -4.651  4.762   1.00 12.87 ? 4   GLU A O   1 
ATOM   27   C CB  . GLU A 1 4   ? 10.369  -4.273  3.203   1.00 13.45 ? 4   GLU A CB  1 
ATOM   28   C CG  . GLU A 1 4   ? 11.792  -4.716  3.435   1.00 14.70 ? 4   GLU A CG  1 
ATOM   29   C CD  . GLU A 1 4   ? 12.829  -3.741  2.900   1.00 14.14 ? 4   GLU A CD  1 
ATOM   30   O OE1 . GLU A 1 4   ? 12.476  -2.643  2.369   1.00 13.08 ? 4   GLU A OE1 1 
ATOM   31   O OE2 . GLU A 1 4   ? 14.031  -4.079  3.072   1.00 16.54 ? 4   GLU A OE2 1 
ATOM   32   N N   . PHE A 1 5   ? 7.328   -4.244  2.581   1.00 11.39 ? 5   PHE A N   1 
ATOM   33   C CA  . PHE A 1 5   ? 6.004   -3.638  2.691   1.00 11.28 ? 5   PHE A CA  1 
ATOM   34   C C   . PHE A 1 5   ? 5.033   -4.681  3.260   1.00 11.32 ? 5   PHE A C   1 
ATOM   35   O O   . PHE A 1 5   ? 4.223   -4.371  4.135   1.00 11.46 ? 5   PHE A O   1 
ATOM   36   C CB  . PHE A 1 5   ? 5.545   -3.131  1.306   1.00 11.17 ? 5   PHE A CB  1 
ATOM   37   C CG  . PHE A 1 5   ? 4.199   -2.432  1.283   1.00 11.59 ? 5   PHE A CG  1 
ATOM   38   C CD1 . PHE A 1 5   ? 3.799   -1.570  2.302   1.00 11.57 ? 5   PHE A CD1 1 
ATOM   39   C CD2 . PHE A 1 5   ? 3.357   -2.620  0.205   1.00 12.34 ? 5   PHE A CD2 1 
ATOM   40   C CE1 . PHE A 1 5   ? 2.583   -0.934  2.237   1.00 11.98 ? 5   PHE A CE1 1 
ATOM   41   C CE2 . PHE A 1 5   ? 2.144   -1.980  0.126   1.00 13.11 ? 5   PHE A CE2 1 
ATOM   42   C CZ  . PHE A 1 5   ? 1.759   -1.124  1.149   1.00 12.22 ? 5   PHE A CZ  1 
ATOM   43   N N   . GLY A 1 6   ? 5.127   -5.915  2.777   1.00 11.38 ? 6   GLY A N   1 
ATOM   44   C CA  . GLY A 1 6   ? 4.269   -6.986  3.260   1.00 11.85 ? 6   GLY A CA  1 
ATOM   45   C C   . GLY A 1 6   ? 4.480   -7.246  4.740   1.00 12.16 ? 6   GLY A C   1 
ATOM   46   O O   . GLY A 1 6   ? 3.511   -7.456  5.485   1.00 12.26 ? 6   GLY A O   1 
ATOM   47   N N   . LYS A 1 7   ? 5.718   -7.204  5.195   1.00 12.44 ? 7   LYS A N   1 
ATOM   48   C CA  . LYS A 1 7   ? 6.006   -7.425  6.619   1.00 13.20 ? 7   LYS A CA  1 
ATOM   49   C C   . LYS A 1 7   ? 5.449   -6.269  7.449   1.00 12.74 ? 7   LYS A C   1 
ATOM   50   O O   . LYS A 1 7   ? 4.869   -6.472  8.524   1.00 13.21 ? 7   LYS A O   1 
ATOM   51   C CB  . LYS A 1 7   ? 7.514   -7.584  6.832   1.00 13.76 ? 7   LYS A CB  1 
ATOM   52   C CG  . LYS A 1 7   ? 7.949   -7.589  8.283   1.00 16.92 ? 7   LYS A CG  1 
ATOM   53   C CD  . LYS A 1 7   ? 9.463   -7.759  8.405   1.00 19.98 ? 7   LYS A CD  1 
ATOM   54   C CE  . LYS A 1 7   ? 9.958   -7.486  9.823   1.00 22.59 ? 7   LYS A CE  1 
ATOM   55   N NZ  . LYS A 1 7   ? 10.236  -6.043  10.075  1.00 25.23 ? 7   LYS A NZ  1 
ATOM   56   N N   . MET A 1 8   ? 5.597   -5.053  6.934   1.00 12.15 ? 8   MET A N   1 
ATOM   57   C CA  . MET A 1 8   ? 5.071   -3.868  7.591   1.00 11.78 ? 8   MET A CA  1 
ATOM   58   C C   . MET A 1 8   ? 3.536   -3.938  7.709   1.00 11.68 ? 8   MET A C   1 
ATOM   59   O O   . MET A 1 8   ? 2.959   -3.571  8.741   1.00 12.15 ? 8   MET A O   1 
ATOM   60   C CB  . MET A 1 8   ? 5.499   -2.622  6.809   1.00 11.80 ? 8   MET A CB  1 
ATOM   61   C CG  . MET A 1 8   ? 5.144   -1.324  7.486   1.00 11.65 ? 8   MET A CG  1 
ATOM   62   S SD  . MET A 1 8   ? 5.530   0.149   6.472   1.00 11.74 ? 8   MET A SD  1 
ATOM   63   C CE  . MET A 1 8   ? 7.331   0.208   6.552   1.00 12.54 ? 8   MET A CE  1 
ATOM   64   N N   . ILE A 1 9   ? 2.881   -4.385  6.647   1.00 11.71 ? 9   ILE A N   1 
ATOM   65   C CA  . ILE A 1 9   ? 1.429   -4.559  6.654   1.00 11.94 ? 9   ILE A CA  1 
ATOM   66   C C   . ILE A 1 9   ? 1.006   -5.567  7.734   1.00 11.65 ? 9   ILE A C   1 
ATOM   67   O O   . ILE A 1 9   ? 0.069   -5.308  8.506   1.00 11.90 ? 9   ILE A O   1 
ATOM   68   C CB  . ILE A 1 9   ? 0.923   -5.010  5.265   1.00 11.88 ? 9   ILE A CB  1 
ATOM   69   C CG1 . ILE A 1 9   ? 1.089   -3.882  4.245   1.00 11.99 ? 9   ILE A CG1 1 
ATOM   70   C CG2 . ILE A 1 9   ? -0.540  -5.444  5.336   1.00 12.67 ? 9   ILE A CG2 1 
ATOM   71   C CD1 . ILE A 1 9   ? 0.979   -4.347  2.800   1.00 11.47 ? 9   ILE A CD1 1 
ATOM   72   N N   . LEU A 1 10  ? 1.677   -6.717  7.795   1.00 12.08 ? 10  LEU A N   1 
ATOM   73   C CA  . LEU A 1 10  ? 1.352   -7.732  8.800   1.00 12.89 ? 10  LEU A CA  1 
ATOM   74   C C   . LEU A 1 10  ? 1.576   -7.171  10.213  1.00 13.25 ? 10  LEU A C   1 
ATOM   75   O O   . LEU A 1 10  ? 0.729   -7.334  11.100  1.00 13.53 ? 10  LEU A O   1 
ATOM   76   C CB  . LEU A 1 10  ? 2.164   -9.009  8.558   1.00 13.61 ? 10  LEU A CB  1 
ATOM   77   C CG  . LEU A 1 10  ? 2.011   -10.105 9.620   1.00 14.64 ? 10  LEU A CG  1 
ATOM   78   C CD1 . LEU A 1 10  ? 0.570   -10.591 9.723   1.00 15.85 ? 10  LEU A CD1 1 
ATOM   79   C CD2 . LEU A 1 10  ? 2.949   -11.261 9.305   1.00 16.49 ? 10  LEU A CD2 1 
ATOM   80   N N   . GLU A 1 11  ? 2.696   -6.494  10.432  1.00 13.91 ? 11  GLU A N   1 
ATOM   81   C CA  . GLU A 1 11  ? 2.982   -5.890  11.733  1.00 14.59 ? 11  GLU A CA  1 
ATOM   82   C C   . GLU A 1 11  ? 1.888   -4.926  12.157  1.00 13.91 ? 11  GLU A C   1 
ATOM   83   O O   . GLU A 1 11  ? 1.476   -4.892  13.318  1.00 14.18 ? 11  GLU A O   1 
ATOM   84   C CB  . GLU A 1 11  ? 4.267   -5.066  11.676  1.00 15.22 ? 11  GLU A CB  1 
ATOM   85   C CG  . GLU A 1 11  ? 5.554   -5.852  11.708  1.00 17.58 ? 11  GLU A CG  1 
ATOM   86   C CD  . GLU A 1 11  ? 6.783   -4.996  11.438  1.00 19.47 ? 11  GLU A CD  1 
ATOM   87   O OE1 . GLU A 1 11  ? 6.663   -3.817  11.002  1.00 18.76 ? 11  GLU A OE1 1 
ATOM   88   O OE2 . GLU A 1 11  ? 7.889   -5.520  11.658  1.00 22.54 ? 11  GLU A OE2 1 
ATOM   89   N N   . GLU A 1 12  ? 1.435   -4.113  11.217  1.00 13.33 ? 12  GLU A N   1 
ATOM   90   C CA  . GLU A 1 12  ? 0.483   -3.067  11.522  1.00 13.19 ? 12  GLU A CA  1 
ATOM   91   C C   . GLU A 1 12  ? -0.939  -3.602  11.734  1.00 13.07 ? 12  GLU A C   1 
ATOM   92   O O   . GLU A 1 12  ? -1.613  -3.207  12.692  1.00 13.66 ? 12  GLU A O   1 
ATOM   93   C CB  . GLU A 1 12  ? 0.505   -2.010  10.404  1.00 13.44 ? 12  GLU A CB  1 
ATOM   94   C CG  . GLU A 1 12  ? 0.022   -0.639  10.832  1.00 14.94 ? 12  GLU A CG  1 
ATOM   95   C CD  . GLU A 1 12  ? 1.029   0.140   11.669  1.00 15.57 ? 12  GLU A CD  1 
ATOM   96   O OE1 . GLU A 1 12  ? 0.671   1.250   12.108  1.00 19.25 ? 12  GLU A OE1 1 
ATOM   97   O OE2 . GLU A 1 12  ? 2.160   -0.322  11.910  1.00 15.71 ? 12  GLU A OE2 1 
ATOM   98   N N   . THR A 1 13  ? -1.376  -4.502  10.852  1.00 12.88 ? 13  THR A N   1 
ATOM   99   C CA  . THR A 1 13  ? -2.775  -4.944  10.820  1.00 13.58 ? 13  THR A CA  1 
ATOM   100  C C   . THR A 1 13  ? -3.077  -6.330  11.361  1.00 13.97 ? 13  THR A C   1 
ATOM   101  O O   . THR A 1 13  ? -4.232  -6.615  11.682  1.00 15.22 ? 13  THR A O   1 
ATOM   102  C CB  . THR A 1 13  ? -3.312  -4.932  9.381   1.00 13.18 ? 13  THR A CB  1 
ATOM   103  O OG1 . THR A 1 13  ? -2.663  -5.965  8.614   1.00 12.97 ? 13  THR A OG1 1 
ATOM   104  C CG2 . THR A 1 13  ? -3.020  -3.612  8.671   1.00 14.26 ? 13  THR A CG2 1 
ATOM   105  N N   . GLY A 1 14  ? -2.082  -7.208  11.420  1.00 14.67 ? 14  GLY A N   1 
ATOM   106  C CA  . GLY A 1 14  ? -2.290  -8.557  11.843  1.00 15.34 ? 14  GLY A CA  1 
ATOM   107  C C   . GLY A 1 14  ? -2.777  -9.425  10.684  1.00 16.20 ? 14  GLY A C   1 
ATOM   108  O O   . GLY A 1 14  ? -3.042  -10.614 10.866  1.00 16.73 ? 14  GLY A O   1 
ATOM   109  N N   . LYS A 1 15  ? -2.915  -8.822  9.479   1.00 15.68 ? 16  LYS A N   1 
ATOM   110  C CA  . LYS A 1 15  ? -3.360  -9.493  8.230   1.00 15.54 ? 16  LYS A CA  1 
ATOM   111  C C   . LYS A 1 15  ? -2.154  -9.751  7.285   1.00 15.54 ? 16  LYS A C   1 
ATOM   112  O O   . LYS A 1 15  ? -1.299  -8.879  7.146   1.00 15.72 ? 16  LYS A O   1 
ATOM   113  C CB  . LYS A 1 15  ? -4.403  -8.638  7.494   1.00 15.40 ? 16  LYS A CB  1 
ATOM   114  C CG  . LYS A 1 15  ? -5.814  -8.696  8.050   1.00 16.37 ? 16  LYS A CG  1 
ATOM   115  C CD  . LYS A 1 15  ? -6.762  -7.890  7.173   1.00 17.17 ? 16  LYS A CD  1 
ATOM   116  C CE  . LYS A 1 15  ? -8.146  -7.804  7.793   1.00 17.89 ? 16  LYS A CE  1 
ATOM   117  N NZ  . LYS A 1 15  ? -8.844  -9.114  7.790   1.00 19.74 ? 16  LYS A NZ  1 
ATOM   118  N N   . LEU A 1 16  ? -2.075  -10.920 6.652   1.00 15.60 ? 17  LEU A N   1 
ATOM   119  C CA  . LEU A 1 16  ? -1.027  -11.201 5.680   1.00 15.92 ? 17  LEU A CA  1 
ATOM   120  C C   . LEU A 1 16  ? -1.281  -10.383 4.418   1.00 15.48 ? 17  LEU A C   1 
ATOM   121  O O   . LEU A 1 16  ? -2.386  -10.374 3.880   1.00 15.37 ? 17  LEU A O   1 
ATOM   122  C CB  . LEU A 1 16  ? -1.017  -12.689 5.330   1.00 16.31 ? 17  LEU A CB  1 
ATOM   123  C CG  . LEU A 1 16  ? -0.545  -13.622 6.438   1.00 18.09 ? 17  LEU A CG  1 
ATOM   124  C CD1 . LEU A 1 16  ? -0.923  -15.065 6.110   1.00 19.47 ? 17  LEU A CD1 1 
ATOM   125  C CD2 . LEU A 1 16  ? 0.955   -13.503 6.673   1.00 19.25 ? 17  LEU A CD2 1 
ATOM   126  N N   . ALA A 1 17  ? -0.234  -9.728  3.918   1.00 15.40 ? 18  ALA A N   1 
ATOM   127  C CA  . ALA A 1 17  ? -0.355  -8.885  2.729   1.00 15.58 ? 18  ALA A CA  1 
ATOM   128  C C   . ALA A 1 17  ? -0.912  -9.702  1.565   1.00 15.88 ? 18  ALA A C   1 
ATOM   129  O O   . ALA A 1 17  ? -1.782  -9.236  0.843   1.00 15.93 ? 18  ALA A O   1 
ATOM   130  C CB  . ALA A 1 17  ? 0.992   -8.267  2.379   1.00 15.68 ? 18  ALA A CB  1 
ATOM   131  N N   . ILE A 1 18  ? -0.373  -10.910 1.373   1.00 16.09 ? 19  ILE A N   1 
ATOM   132  C CA  . ILE A 1 18  ? -0.950  -11.904 0.460   1.00 17.45 ? 19  ILE A CA  1 
ATOM   133  C C   . ILE A 1 18  ? -1.648  -12.905 1.405   1.00 17.79 ? 19  ILE A C   1 
ATOM   134  O O   . ILE A 1 18  ? -0.960  -13.575 2.179   1.00 18.06 ? 19  ILE A O   1 
ATOM   135  C CB  . ILE A 1 18  ? 0.146   -12.641 -0.357  1.00 17.39 ? 19  ILE A CB  1 
ATOM   136  C CG1 . ILE A 1 18  ? 1.053   -11.660 -1.102  1.00 19.15 ? 19  ILE A CG1 1 
ATOM   137  C CG2 . ILE A 1 18  ? -0.493  -13.622 -1.352  1.00 17.83 ? 19  ILE A CG2 1 
ATOM   138  C CD1 . ILE A 1 18  ? 2.334   -12.293 -1.607  1.00 21.23 ? 19  ILE A CD1 1 
ATOM   139  N N   . PRO A 1 19  ? -2.964  -13.099 1.339   1.00 18.12 ? 20  PRO A N   1 
ATOM   140  C CA  . PRO A 1 19  ? -3.887  -12.569 0.340   1.00 17.97 ? 20  PRO A CA  1 
ATOM   141  C C   . PRO A 1 19  ? -4.790  -11.405 0.731   1.00 17.49 ? 20  PRO A C   1 
ATOM   142  O O   . PRO A 1 19  ? -5.664  -11.071 -0.078  1.00 18.19 ? 20  PRO A O   1 
ATOM   143  C CB  . PRO A 1 19  ? -4.810  -13.766 0.153   1.00 18.23 ? 20  PRO A CB  1 
ATOM   144  C CG  . PRO A 1 19  ? -5.010  -14.232 1.594   1.00 18.98 ? 20  PRO A CG  1 
ATOM   145  C CD  . PRO A 1 19  ? -3.672  -13.984 2.286   1.00 18.12 ? 20  PRO A CD  1 
ATOM   146  N N   . SER A 1 20  ? -4.617  -10.795 1.895   1.00 16.24 ? 21  SER A N   1 
ATOM   147  C CA  . SER A 1 20  ? -5.570  -9.766  2.309   1.00 15.81 ? 21  SER A CA  1 
ATOM   148  C C   . SER A 1 20  ? -5.518  -8.474  1.499   1.00 15.50 ? 21  SER A C   1 
ATOM   149  O O   . SER A 1 20  ? -6.537  -7.810  1.352   1.00 15.33 ? 21  SER A O   1 
ATOM   150  C CB  . SER A 1 20  ? -5.412  -9.444  3.795   1.00 15.86 ? 21  SER A CB  1 
ATOM   151  O OG  . SER A 1 20  ? -5.792  -10.565 4.568   1.00 16.78 ? 21  SER A OG  1 
ATOM   152  N N   . TYR A 1 21  ? -4.340  -8.105  1.000   1.00 15.34 ? 22  TYR A N   1 
ATOM   153  C CA  . TYR A 1 21  ? -4.147  -6.815  0.321   1.00 15.94 ? 22  TYR A CA  1 
ATOM   154  C C   . TYR A 1 21  ? -3.477  -6.901  -1.058  1.00 16.53 ? 22  TYR A C   1 
ATOM   155  O O   . TYR A 1 21  ? -3.107  -5.875  -1.644  1.00 17.94 ? 22  TYR A O   1 
ATOM   156  C CB  . TYR A 1 21  ? -3.284  -5.914  1.207   1.00 15.64 ? 22  TYR A CB  1 
ATOM   157  C CG  . TYR A 1 21  ? -3.955  -5.518  2.510   1.00 14.12 ? 22  TYR A CG  1 
ATOM   158  C CD1 . TYR A 1 21  ? -4.965  -4.558  2.528   1.00 14.21 ? 22  TYR A CD1 1 
ATOM   159  C CD2 . TYR A 1 21  ? -3.577  -6.091  3.714   1.00 13.76 ? 22  TYR A CD2 1 
ATOM   160  C CE1 . TYR A 1 21  ? -5.578  -4.189  3.709   1.00 14.14 ? 22  TYR A CE1 1 
ATOM   161  C CE2 . TYR A 1 21  ? -4.184  -5.729  4.895   1.00 13.26 ? 22  TYR A CE2 1 
ATOM   162  C CZ  . TYR A 1 21  ? -5.187  -4.770  4.891   1.00 12.73 ? 22  TYR A CZ  1 
ATOM   163  O OH  . TYR A 1 21  ? -5.791  -4.396  6.074   1.00 13.73 ? 22  TYR A OH  1 
ATOM   164  N N   . SER A 1 22  ? -3.307  -8.112  -1.574  1.00 16.83 ? 23  SER A N   1 
ATOM   165  C CA  . SER A 1 22  ? -2.614  -8.310  -2.849  1.00 17.36 ? 23  SER A CA  1 
ATOM   166  C C   . SER A 1 22  ? -3.543  -8.304  -4.067  1.00 17.26 ? 23  SER A C   1 
ATOM   167  O O   . SER A 1 22  ? -3.078  -8.180  -5.206  1.00 17.16 ? 23  SER A O   1 
ATOM   168  C CB  . SER A 1 22  ? -1.836  -9.625  -2.810  1.00 17.72 ? 23  SER A CB  1 
ATOM   169  O OG  . SER A 1 22  ? -2.691  -10.701 -2.480  1.00 20.10 ? 23  SER A OG  1 
ATOM   170  N N   . SER A 1 23  ? -4.841  -8.474  -3.835  1.00 17.01 ? 24  SER A N   1 
ATOM   171  C CA  . SER A 1 23  ? -5.833  -8.506  -4.912  1.00 17.29 ? 24  SER A CA  1 
ATOM   172  C C   . SER A 1 23  ? -7.154  -7.871  -4.479  1.00 16.85 ? 24  SER A C   1 
ATOM   173  O O   . SER A 1 23  ? -8.237  -8.276  -4.926  1.00 18.27 ? 24  SER A O   1 
ATOM   174  C CB  . SER A 1 23  ? -6.097  -9.952  -5.332  1.00 17.43 ? 24  SER A CB  1 
ATOM   175  O OG  . SER A 1 23  ? -6.695  -10.682 -4.269  1.00 19.29 ? 24  SER A OG  1 
ATOM   176  N N   . TYR A 1 24  ? -7.060  -6.868  -3.618  1.00 15.48 ? 25  TYR A N   1 
ATOM   177  C CA  . TYR A 1 24  ? -8.232  -6.225  -3.032  1.00 14.73 ? 25  TYR A CA  1 
ATOM   178  C C   . TYR A 1 24  ? -8.733  -5.032  -3.842  1.00 14.47 ? 25  TYR A C   1 
ATOM   179  O O   . TYR A 1 24  ? -7.967  -4.129  -4.185  1.00 14.28 ? 25  TYR A O   1 
ATOM   180  C CB  . TYR A 1 24  ? -7.879  -5.802  -1.608  1.00 14.63 ? 25  TYR A CB  1 
ATOM   181  C CG  . TYR A 1 24  ? -9.025  -5.296  -0.756  1.00 13.78 ? 25  TYR A CG  1 
ATOM   182  C CD1 . TYR A 1 24  ? -9.494  -4.003  -0.888  1.00 13.82 ? 25  TYR A CD1 1 
ATOM   183  C CD2 . TYR A 1 24  ? -9.575  -6.094  0.230   1.00 14.37 ? 25  TYR A CD2 1 
ATOM   184  C CE1 . TYR A 1 24  ? -10.518 -3.526  -0.069  1.00 13.70 ? 25  TYR A CE1 1 
ATOM   185  C CE2 . TYR A 1 24  ? -10.597 -5.629  1.050   1.00 13.67 ? 25  TYR A CE2 1 
ATOM   186  C CZ  . TYR A 1 24  ? -11.058 -4.354  0.895   1.00 12.92 ? 25  TYR A CZ  1 
ATOM   187  O OH  . TYR A 1 24  ? -12.070 -3.922  1.729   1.00 13.63 ? 25  TYR A OH  1 
ATOM   188  N N   . GLY A 1 25  ? -10.021 -5.039  -4.167  1.00 14.09 ? 26  GLY A N   1 
ATOM   189  C CA  . GLY A 1 25  ? -10.620 -3.938  -4.885  1.00 14.01 ? 26  GLY A CA  1 
ATOM   190  C C   . GLY A 1 25  ? -9.965  -3.647  -6.215  1.00 13.90 ? 26  GLY A C   1 
ATOM   191  O O   . GLY A 1 25  ? -9.459  -4.554  -6.889  1.00 13.97 ? 26  GLY A O   1 
ATOM   192  N N   . CYS A 1 26  ? -9.960  -2.374  -6.588  1.00 13.82 ? 27  CYS A N   1 
ATOM   193  C CA  . CYS A 1 26  ? -9.439  -1.960  -7.879  1.00 14.49 ? 27  CYS A CA  1 
ATOM   194  C C   . CYS A 1 26  ? -7.978  -1.534  -7.871  1.00 14.54 ? 27  CYS A C   1 
ATOM   195  O O   . CYS A 1 26  ? -7.353  -1.512  -8.933  1.00 15.18 ? 27  CYS A O   1 
ATOM   196  C CB  . CYS A 1 26  ? -10.283 -0.819  -8.461  1.00 14.09 ? 27  CYS A CB  1 
ATOM   197  S SG  . CYS A 1 26  ? -12.031 -1.238  -8.702  1.00 17.27 ? 27  CYS A SG  1 
ATOM   198  N N   . TYR A 1 27  ? -7.422  -1.236  -6.694  1.00 14.53 ? 28  TYR A N   1 
ATOM   199  C CA  . TYR A 1 27  ? -6.076  -0.662  -6.613  1.00 14.79 ? 28  TYR A CA  1 
ATOM   200  C C   . TYR A 1 27  ? -5.053  -1.404  -5.762  1.00 15.44 ? 28  TYR A C   1 
ATOM   201  O O   . TYR A 1 27  ? -3.862  -1.079  -5.831  1.00 15.58 ? 28  TYR A O   1 
ATOM   202  C CB  . TYR A 1 27  ? -6.173  0.801   -6.169  1.00 14.75 ? 28  TYR A CB  1 
ATOM   203  C CG  . TYR A 1 27  ? -6.776  1.633   -7.265  1.00 14.39 ? 28  TYR A CG  1 
ATOM   204  C CD1 . TYR A 1 27  ? -8.137  1.900   -7.293  1.00 14.12 ? 28  TYR A CD1 1 
ATOM   205  C CD2 . TYR A 1 27  ? -5.996  2.090   -8.315  1.00 15.19 ? 28  TYR A CD2 1 
ATOM   206  C CE1 . TYR A 1 27  ? -8.700  2.628   -8.313  1.00 15.54 ? 28  TYR A CE1 1 
ATOM   207  C CE2 . TYR A 1 27  ? -6.548  2.816   -9.344  1.00 15.59 ? 28  TYR A CE2 1 
ATOM   208  C CZ  . TYR A 1 27  ? -7.905  3.086   -9.341  1.00 15.37 ? 28  TYR A CZ  1 
ATOM   209  O OH  . TYR A 1 27  ? -8.453  3.825   -10.370 1.00 16.64 ? 28  TYR A OH  1 
ATOM   210  N N   . CYS A 1 28  ? -5.478  -2.402  -4.997  1.00 16.24 ? 29  CYS A N   1 
ATOM   211  C CA  . CYS A 1 28  ? -4.548  -3.139  -4.137  1.00 17.44 ? 29  CYS A CA  1 
ATOM   212  C C   . CYS A 1 28  ? -3.920  -4.323  -4.828  1.00 19.83 ? 29  CYS A C   1 
ATOM   213  O O   . CYS A 1 28  ? -4.612  -5.261  -5.233  1.00 21.09 ? 29  CYS A O   1 
ATOM   214  C CB  . CYS A 1 28  ? -5.243  -3.678  -2.900  1.00 16.97 ? 29  CYS A CB  1 
ATOM   215  S SG  . CYS A 1 28  ? -5.945  -2.418  -1.848  1.00 14.60 ? 29  CYS A SG  1 
ATOM   216  N N   . GLY A 1 29  ? -2.597  -4.308  -4.895  1.00 21.99 ? 30  GLY A N   1 
ATOM   217  C CA  . GLY A 1 29  ? -1.855  -5.416  -5.462  1.00 24.13 ? 30  GLY A CA  1 
ATOM   218  C C   . GLY A 1 29  ? -1.646  -5.361  -6.959  1.00 25.86 ? 30  GLY A C   1 
ATOM   219  O O   . GLY A 1 29  ? -0.713  -5.989  -7.457  1.00 26.84 ? 30  GLY A O   1 
ATOM   220  N N   . TRP A 1 30  ? -2.517  -4.614  -7.692  1.00 27.59 ? 31  TRP A N   1 
ATOM   221  C CA  . TRP A 1 30  ? -2.320  -4.583  -9.145  1.00 28.74 ? 31  TRP A CA  1 
ATOM   222  C C   . TRP A 1 30  ? -2.698  -3.256  -9.788  1.00 29.08 ? 31  TRP A C   1 
ATOM   223  O O   . TRP A 1 30  ? -2.461  -3.093  -10.991 1.00 29.64 ? 31  TRP A O   1 
ATOM   224  C CB  . TRP A 1 30  ? -2.951  -5.792  -9.792  1.00 29.12 ? 31  TRP A CB  1 
ATOM   225  C CG  . TRP A 1 30  ? -1.926  -6.448  -10.653 1.00 31.07 ? 31  TRP A CG  1 
ATOM   226  C CD1 . TRP A 1 30  ? -0.706  -6.930  -10.278 1.00 32.25 ? 31  TRP A CD1 1 
ATOM   227  C CD2 . TRP A 1 30  ? -2.018  -6.648  -12.061 1.00 33.03 ? 31  TRP A CD2 1 
ATOM   228  N NE1 . TRP A 1 30  ? -0.039  -7.431  -11.367 1.00 33.27 ? 31  TRP A NE1 1 
ATOM   229  C CE2 . TRP A 1 30  ? -0.825  -7.271  -12.476 1.00 33.36 ? 31  TRP A CE2 1 
ATOM   230  C CE3 . TRP A 1 30  ? -2.997  -6.372  -13.019 1.00 33.55 ? 31  TRP A CE3 1 
ATOM   231  C CZ2 . TRP A 1 30  ? -0.588  -7.620  -13.797 1.00 33.86 ? 31  TRP A CZ2 1 
ATOM   232  C CZ3 . TRP A 1 30  ? -2.757  -6.720  -14.330 1.00 34.19 ? 31  TRP A CZ3 1 
ATOM   233  C CH2 . TRP A 1 30  ? -1.562  -7.337  -14.705 1.00 33.73 ? 31  TRP A CH2 1 
ATOM   234  N N   . GLY A 1 31  ? -3.218  -2.290  -9.074  1.00 29.28 ? 32  GLY A N   1 
ATOM   235  C CA  . GLY A 1 31  ? -3.441  -0.969  -9.651  1.00 29.08 ? 32  GLY A CA  1 
ATOM   236  C C   . GLY A 1 31  ? -4.217  -0.851  -10.955 1.00 28.87 ? 32  GLY A C   1 
ATOM   237  O O   . GLY A 1 31  ? -4.826  -1.802  -11.458 1.00 29.50 ? 32  GLY A O   1 
ATOM   238  N N   . GLY A 1 32  ? -4.136  0.347   -11.466 1.00 28.30 ? 33  GLY A N   1 
ATOM   239  C CA  . GLY A 1 32  ? -4.894  0.775   -12.579 1.00 27.35 ? 33  GLY A CA  1 
ATOM   240  C C   . GLY A 1 32  ? -6.036  1.748   -12.837 1.00 26.50 ? 33  GLY A C   1 
ATOM   241  O O   . GLY A 1 32  ? -5.810  2.917   -13.159 1.00 26.61 ? 33  GLY A O   1 
ATOM   242  N N   . LYS A 1 33  ? -7.254  1.263   -12.751 1.00 25.23 ? 34  LYS A N   1 
ATOM   243  C CA  . LYS A 1 33  ? -8.430  2.070   -13.082 1.00 24.14 ? 34  LYS A CA  1 
ATOM   244  C C   . LYS A 1 33  ? -9.610  1.759   -12.164 1.00 22.60 ? 34  LYS A C   1 
ATOM   245  O O   . LYS A 1 33  ? -9.592  0.822   -11.358 1.00 21.89 ? 34  LYS A O   1 
ATOM   246  C CB  . LYS A 1 33  ? -8.840  1.843   -14.539 1.00 24.26 ? 34  LYS A CB  1 
ATOM   247  C CG  . LYS A 1 33  ? -7.749  2.194   -15.538 1.00 20.00 ? 34  LYS A CG  1 
ATOM   248  C CD  . LYS A 1 33  ? -8.264  2.147   -16.961 1.00 20.00 ? 34  LYS A CD  1 
ATOM   249  C CE  . LYS A 1 33  ? -7.134  2.333   -17.977 1.00 20.00 ? 34  LYS A CE  1 
ATOM   250  N NZ  . LYS A 1 33  ? -6.549  1.023   -18.396 1.00 20.00 ? 34  LYS A NZ  1 
ATOM   251  N N   . GLY A 1 34  ? -10.662 2.574   -12.313 1.00 21.21 ? 35  GLY A N   1 
ATOM   252  C CA  . GLY A 1 34  ? -11.870 2.412   -11.529 1.00 20.56 ? 35  GLY A CA  1 
ATOM   253  C C   . GLY A 1 34  ? -11.992 3.357   -10.352 1.00 19.59 ? 35  GLY A C   1 
ATOM   254  O O   . GLY A 1 34  ? -11.046 4.071   -9.990  1.00 19.00 ? 35  GLY A O   1 
ATOM   255  N N   . THR A 1 35  ? -13.180 3.372   -9.764  1.00 19.06 ? 36  THR A N   1 
ATOM   256  C CA  . THR A 1 35  ? -13.429 4.127   -8.550  1.00 18.74 ? 36  THR A CA  1 
ATOM   257  C C   . THR A 1 35  ? -13.089 3.182   -7.401  1.00 17.70 ? 36  THR A C   1 
ATOM   258  O O   . THR A 1 35  ? -13.645 2.085   -7.335  1.00 17.94 ? 36  THR A O   1 
ATOM   259  C CB  . THR A 1 35  ? -14.915 4.533   -8.478  1.00 18.91 ? 36  THR A CB  1 
ATOM   260  O OG1 . THR A 1 35  ? -15.206 5.516   -9.484  1.00 21.20 ? 36  THR A OG1 1 
ATOM   261  C CG2 . THR A 1 35  ? -15.239 5.223   -7.162  1.00 19.59 ? 36  THR A CG2 1 
ATOM   262  N N   . PRO A 1 36  ? -12.175 3.566   -6.503  1.00 16.56 ? 37  PRO A N   1 
ATOM   263  C CA  . PRO A 1 36  ? -11.829 2.676   -5.390  1.00 15.87 ? 37  PRO A CA  1 
ATOM   264  C C   . PRO A 1 36  ? -13.090 2.225   -4.671  1.00 15.57 ? 37  PRO A C   1 
ATOM   265  O O   . PRO A 1 36  ? -14.000 3.034   -4.465  1.00 16.31 ? 37  PRO A O   1 
ATOM   266  C CB  . PRO A 1 36  ? -10.930 3.541   -4.495  1.00 15.62 ? 37  PRO A CB  1 
ATOM   267  C CG  . PRO A 1 36  ? -10.359 4.545   -5.418  1.00 16.10 ? 37  PRO A CG  1 
ATOM   268  C CD  . PRO A 1 36  ? -11.416 4.825   -6.456  1.00 16.37 ? 37  PRO A CD  1 
ATOM   269  N N   . LYS A 1 37  ? -13.125 0.963   -4.269  1.00 15.00 ? 38  LYS A N   1 
ATOM   270  C CA  . LYS A 1 37  ? -14.323 0.378   -3.690  1.00 15.40 ? 38  LYS A CA  1 
ATOM   271  C C   . LYS A 1 37  ? -14.682 0.839   -2.285  1.00 14.76 ? 38  LYS A C   1 
ATOM   272  O O   . LYS A 1 37  ? -15.860 0.866   -1.929  1.00 15.63 ? 38  LYS A O   1 
ATOM   273  C CB  . LYS A 1 37  ? -14.204 -1.144  -3.679  1.00 15.62 ? 38  LYS A CB  1 
ATOM   274  C CG  . LYS A 1 37  ? -14.008 -1.792  -5.051  1.00 16.88 ? 38  LYS A CG  1 
ATOM   275  C CD  . LYS A 1 37  ? -14.954 -1.229  -6.102  1.00 18.33 ? 38  LYS A CD  1 
ATOM   276  C CE  . LYS A 1 37  ? -16.414 -1.464  -5.741  1.00 18.94 ? 38  LYS A CE  1 
ATOM   277  N NZ  . LYS A 1 37  ? -17.346 -0.970  -6.795  1.00 20.86 ? 38  LYS A NZ  1 
ATOM   278  N N   . ASP A 1 38  ? -13.677 1.188   -1.487  1.00 13.98 ? 39  ASP A N   1 
ATOM   279  C CA  . ASP A 1 38  ? -13.891 1.579   -0.101  1.00 13.46 ? 39  ASP A CA  1 
ATOM   280  C C   . ASP A 1 38  ? -12.623 2.248   0.424   1.00 12.69 ? 39  ASP A C   1 
ATOM   281  O O   . ASP A 1 38  ? -11.679 2.484   -0.333  1.00 12.18 ? 39  ASP A O   1 
ATOM   282  C CB  . ASP A 1 38  ? -14.298 0.366   0.746   1.00 13.70 ? 39  ASP A CB  1 
ATOM   283  C CG  . ASP A 1 38  ? -13.199 -0.664  0.882   1.00 13.31 ? 39  ASP A CG  1 
ATOM   284  O OD1 . ASP A 1 38  ? -12.099 -0.489  0.305   1.00 13.30 ? 39  ASP A OD1 1 
ATOM   285  O OD2 . ASP A 1 38  ? -13.360 -1.682  1.579   1.00 13.42 ? 39  ASP A OD2 1 
ATOM   286  N N   . ALA A 1 39  ? -12.605 2.577   1.710   1.00 12.24 ? 40  ALA A N   1 
ATOM   287  C CA  . ALA A 1 39  ? -11.454 3.261   2.295   1.00 12.19 ? 40  ALA A CA  1 
ATOM   288  C C   . ALA A 1 39  ? -10.137 2.485   2.130   1.00 11.83 ? 40  ALA A C   1 
ATOM   289  O O   . ALA A 1 39  ? -9.107  3.096   1.829   1.00 11.39 ? 40  ALA A O   1 
ATOM   290  C CB  . ALA A 1 39  ? -11.708 3.586   3.754   1.00 12.73 ? 40  ALA A CB  1 
ATOM   291  N N   . THR A 1 40  ? -10.162 1.170   2.333   1.00 11.63 ? 41  THR A N   1 
ATOM   292  C CA  . THR A 1 40  ? -8.968  0.355   2.172   1.00 11.26 ? 41  THR A CA  1 
ATOM   293  C C   . THR A 1 40  ? -8.446  0.448   0.746   1.00 11.09 ? 41  THR A C   1 
ATOM   294  O O   . THR A 1 40  ? -7.244  0.627   0.529   1.00 11.27 ? 41  THR A O   1 
ATOM   295  C CB  . THR A 1 40  ? -9.262  -1.103  2.558   1.00 11.21 ? 41  THR A CB  1 
ATOM   296  O OG1 . THR A 1 40  ? -9.419  -1.203  3.982   1.00 12.03 ? 41  THR A OG1 1 
ATOM   297  C CG2 . THR A 1 40  ? -8.081  -2.012  2.226   1.00 10.76 ? 41  THR A CG2 1 
ATOM   298  N N   . ASP A 1 41  ? -9.341  0.353   -0.232  1.00 10.94 ? 42  ASP A N   1 
ATOM   299  C CA  . ASP A 1 41  ? -8.944  0.473   -1.631  1.00 11.27 ? 42  ASP A CA  1 
ATOM   300  C C   . ASP A 1 41  ? -8.377  1.877   -1.903  1.00 11.31 ? 42  ASP A C   1 
ATOM   301  O O   . ASP A 1 41  ? -7.450  2.039   -2.697  1.00 11.42 ? 42  ASP A O   1 
ATOM   302  C CB  . ASP A 1 41  ? -10.150 0.174   -2.521  1.00 11.32 ? 42  ASP A CB  1 
ATOM   303  C CG  . ASP A 1 41  ? -9.781  -0.270  -3.919  1.00 11.78 ? 42  ASP A CG  1 
ATOM   304  O OD1 . ASP A 1 41  ? -8.596  -0.577  -4.202  1.00 13.00 ? 42  ASP A OD1 1 
ATOM   305  O OD2 . ASP A 1 41  ? -10.675 -0.343  -4.798  1.00 13.62 ? 42  ASP A OD2 1 
ATOM   306  N N   . ARG A 1 42  ? -8.923  2.890   -1.237  1.00 11.11 ? 43  ARG A N   1 
ATOM   307  C CA  . ARG A 1 42  ? -8.389  4.246   -1.384  1.00 11.58 ? 43  ARG A CA  1 
ATOM   308  C C   . ARG A 1 42  ? -6.959  4.334   -0.822  1.00 10.86 ? 43  ARG A C   1 
ATOM   309  O O   . ARG A 1 42  ? -6.136  5.071   -1.351  1.00 11.40 ? 43  ARG A O   1 
ATOM   310  C CB  . ARG A 1 42  ? -9.313  5.286   -0.751  1.00 11.34 ? 43  ARG A CB  1 
ATOM   311  C CG  . ARG A 1 42  ? -10.577 5.543   -1.571  1.00 11.81 ? 43  ARG A CG  1 
ATOM   312  C CD  . ARG A 1 42  ? -11.384 6.757   -1.139  1.00 12.74 ? 43  ARG A CD  1 
ATOM   313  N NE  . ARG A 1 42  ? -12.001 6.600   0.172   1.00 13.74 ? 43  ARG A NE  1 
ATOM   314  C CZ  . ARG A 1 42  ? -13.171 6.000   0.393   1.00 14.51 ? 43  ARG A CZ  1 
ATOM   315  N NH1 . ARG A 1 42  ? -13.856 5.466   -0.608  1.00 14.79 ? 43  ARG A NH1 1 
ATOM   316  N NH2 . ARG A 1 42  ? -13.649 5.917   1.629   1.00 14.86 ? 43  ARG A NH2 1 
ATOM   317  N N   . CYS A 1 43  ? -6.656  3.585   0.232   1.00 10.89 ? 44  CYS A N   1 
ATOM   318  C CA  . CYS A 1 43  ? -5.277  3.512   0.724   1.00 10.82 ? 44  CYS A CA  1 
ATOM   319  C C   . CYS A 1 43  ? -4.369  3.050   -0.413  1.00 10.68 ? 44  CYS A C   1 
ATOM   320  O O   . CYS A 1 43  ? -3.282  3.591   -0.619  1.00 10.36 ? 44  CYS A O   1 
ATOM   321  C CB  . CYS A 1 43  ? -5.136  2.502   1.864   1.00 10.84 ? 44  CYS A CB  1 
ATOM   322  S SG  . CYS A 1 43  ? -6.070  2.857   3.361   1.00 12.16 ? 44  CYS A SG  1 
ATOM   323  N N   . CYS A 1 44  ? -4.798  2.022   -1.136  1.00 11.12 ? 45  CYS A N   1 
ATOM   324  C CA  . CYS A 1 44  ? -4.019  1.497   -2.245  1.00 11.28 ? 45  CYS A CA  1 
ATOM   325  C C   . CYS A 1 44  ? -3.925  2.461   -3.419  1.00 11.17 ? 45  CYS A C   1 
ATOM   326  O O   . CYS A 1 44  ? -2.868  2.547   -4.039  1.00 10.94 ? 45  CYS A O   1 
ATOM   327  C CB  . CYS A 1 44  ? -4.592  0.165   -2.712  1.00 11.48 ? 45  CYS A CB  1 
ATOM   328  S SG  . CYS A 1 44  ? -4.430  -1.117  -1.448  1.00 13.65 ? 45  CYS A SG  1 
ATOM   329  N N   . PHE A 1 45  ? -5.012  3.164   -3.723  1.00 10.95 ? 46  PHE A N   1 
ATOM   330  C CA  . PHE A 1 45  ? -4.996  4.188   -4.764  1.00 11.38 ? 46  PHE A CA  1 
ATOM   331  C C   . PHE A 1 45  ? -3.898  5.219   -4.453  1.00 10.52 ? 46  PHE A C   1 
ATOM   332  O O   . PHE A 1 45  ? -3.040  5.545   -5.293  1.00 10.67 ? 46  PHE A O   1 
ATOM   333  C CB  . PHE A 1 45  ? -6.351  4.897   -4.864  1.00 11.93 ? 46  PHE A CB  1 
ATOM   334  C CG  . PHE A 1 45  ? -6.381  5.963   -5.914  1.00 12.91 ? 46  PHE A CG  1 
ATOM   335  C CD1 . PHE A 1 45  ? -6.637  5.634   -7.224  1.00 14.62 ? 46  PHE A CD1 1 
ATOM   336  C CD2 . PHE A 1 45  ? -6.065  7.277   -5.609  1.00 14.09 ? 46  PHE A CD2 1 
ATOM   337  C CE1 . PHE A 1 45  ? -6.634  6.599   -8.210  1.00 15.39 ? 46  PHE A CE1 1 
ATOM   338  C CE2 . PHE A 1 45  ? -6.074  8.247   -6.583  1.00 14.56 ? 46  PHE A CE2 1 
ATOM   339  C CZ  . PHE A 1 45  ? -6.346  7.903   -7.887  1.00 15.21 ? 46  PHE A CZ  1 
ATOM   340  N N   . VAL A 1 46  ? -3.928  5.749   -3.224  1.00 10.25 ? 47  VAL A N   1 
ATOM   341  C CA  . VAL A 1 46  ? -2.956  6.760   -2.817  1.00 10.22 ? 47  VAL A CA  1 
ATOM   342  C C   . VAL A 1 46  ? -1.524  6.187   -2.817  1.00 10.16 ? 47  VAL A C   1 
ATOM   343  O O   . VAL A 1 46  ? -0.589  6.870   -3.222  1.00 10.70 ? 47  VAL A O   1 
ATOM   344  C CB  . VAL A 1 46  ? -3.339  7.368   -1.450  1.00 10.35 ? 47  VAL A CB  1 
ATOM   345  C CG1 . VAL A 1 46  ? -2.225  8.265   -0.920  1.00 10.18 ? 47  VAL A CG1 1 
ATOM   346  C CG2 . VAL A 1 46  ? -4.632  8.145   -1.549  1.00 10.66 ? 47  VAL A CG2 1 
ATOM   347  N N   . HIS A 1 47  ? -1.364  4.941   -2.373  1.00 9.99  ? 48  HIS A N   1 
ATOM   348  C CA  . HIS A 1 47  ? -0.058  4.278   -2.369  1.00 10.19 ? 48  HIS A CA  1 
ATOM   349  C C   . HIS A 1 47  ? 0.454   4.158   -3.803  1.00 10.64 ? 48  HIS A C   1 
ATOM   350  O O   . HIS A 1 47  ? 1.634   4.400   -4.063  1.00 10.86 ? 48  HIS A O   1 
ATOM   351  C CB  . HIS A 1 47  ? -0.176  2.902   -1.731  1.00 10.10 ? 48  HIS A CB  1 
ATOM   352  C CG  . HIS A 1 47  ? 1.144   2.129   -1.620  1.00 10.21 ? 48  HIS A CG  1 
ATOM   353  N ND1 . HIS A 1 47  ? 1.472   1.076   -2.443  1.00 11.49 ? 48  HIS A ND1 1 
ATOM   354  C CD2 . HIS A 1 47  ? 2.187   2.292   -0.776  1.00 10.18 ? 48  HIS A CD2 1 
ATOM   355  C CE1 . HIS A 1 47  ? 2.657   0.604   -2.092  1.00 11.08 ? 48  HIS A CE1 1 
ATOM   356  N NE2 . HIS A 1 47  ? 3.110   1.319   -1.078  1.00 10.32 ? 48  HIS A NE2 1 
ATOM   357  N N   . ASP A 1 48  ? -0.428  3.803   -4.729  1.00 10.86 ? 49  ASP A N   1 
ATOM   358  C CA  . ASP A 1 48  ? -0.057  3.711   -6.141  1.00 12.13 ? 49  ASP A CA  1 
ATOM   359  C C   . ASP A 1 48  ? 0.402   5.088   -6.654  1.00 12.15 ? 49  ASP A C   1 
ATOM   360  O O   . ASP A 1 48  ? 1.418   5.194   -7.344  1.00 12.46 ? 49  ASP A O   1 
ATOM   361  C CB  . ASP A 1 48  ? -1.228  3.216   -6.990  1.00 13.08 ? 49  ASP A CB  1 
ATOM   362  C CG  . ASP A 1 48  ? -1.643  1.785   -6.668  1.00 14.67 ? 49  ASP A CG  1 
ATOM   363  O OD1 . ASP A 1 48  ? -0.851  1.049   -6.056  1.00 15.48 ? 49  ASP A OD1 1 
ATOM   364  O OD2 . ASP A 1 48  ? -2.778  1.422   -7.043  1.00 17.45 ? 49  ASP A OD2 1 
ATOM   365  N N   . CYS A 1 49  ? -0.338  6.140   -6.315  1.00 12.07 ? 50  CYS A N   1 
ATOM   366  C CA  . CYS A 1 49  ? 0.036   7.503   -6.687  1.00 12.32 ? 50  CYS A CA  1 
ATOM   367  C C   . CYS A 1 49  ? 1.385   7.884   -6.079  1.00 12.09 ? 50  CYS A C   1 
ATOM   368  O O   . CYS A 1 49  ? 2.198   8.551   -6.718  1.00 12.79 ? 50  CYS A O   1 
ATOM   369  C CB  . CYS A 1 49  ? -1.025  8.497   -6.212  1.00 12.63 ? 50  CYS A CB  1 
ATOM   370  S SG  . CYS A 1 49  ? -2.653  8.370   -7.008  1.00 14.08 ? 50  CYS A SG  1 
ATOM   371  N N   . CYS A 1 50  ? 1.598   7.474   -4.835  1.00 11.83 ? 51  CYS A N   1 
ATOM   372  C CA  . CYS A 1 50  ? 2.818   7.776   -4.095  1.00 11.93 ? 51  CYS A CA  1 
ATOM   373  C C   . CYS A 1 50  ? 4.011   7.173   -4.846  1.00 12.11 ? 51  CYS A C   1 
ATOM   374  O O   . CYS A 1 50  ? 5.006   7.862   -5.096  1.00 12.44 ? 51  CYS A O   1 
ATOM   375  C CB  . CYS A 1 50  ? 2.711   7.269   -2.660  1.00 11.53 ? 51  CYS A CB  1 
ATOM   376  S SG  . CYS A 1 50  ? 3.873   8.020   -1.497  1.00 11.10 ? 51  CYS A SG  1 
ATOM   377  N N   . TYR A 1 51  ? 3.915   5.908   -5.230  1.00 12.30 ? 52  TYR A N   1 
ATOM   378  C CA  . TYR A 1 51  ? 4.957   5.279   -6.037  1.00 12.77 ? 52  TYR A CA  1 
ATOM   379  C C   . TYR A 1 51  ? 5.080   6.005   -7.379  1.00 13.86 ? 52  TYR A C   1 
ATOM   380  O O   . TYR A 1 51  ? 6.178   6.158   -7.916  1.00 14.09 ? 52  TYR A O   1 
ATOM   381  C CB  . TYR A 1 51  ? 4.631   3.811   -6.277  1.00 12.30 ? 52  TYR A CB  1 
ATOM   382  C CG  . TYR A 1 51  ? 4.979   2.846   -5.150  1.00 11.82 ? 52  TYR A CG  1 
ATOM   383  C CD1 . TYR A 1 51  ? 5.460   3.272   -3.915  1.00 11.21 ? 52  TYR A CD1 1 
ATOM   384  C CD2 . TYR A 1 51  ? 4.792   1.490   -5.334  1.00 11.90 ? 52  TYR A CD2 1 
ATOM   385  C CE1 . TYR A 1 51  ? 5.771   2.351   -2.924  1.00 11.56 ? 52  TYR A CE1 1 
ATOM   386  C CE2 . TYR A 1 51  ? 5.090   0.574   -4.362  1.00 12.27 ? 52  TYR A CE2 1 
ATOM   387  C CZ  . TYR A 1 51  ? 5.575   1.003   -3.157  1.00 10.80 ? 52  TYR A CZ  1 
ATOM   388  O OH  . TYR A 1 51  ? 5.863   0.053   -2.202  1.00 11.86 ? 52  TYR A OH  1 
ATOM   389  N N   . GLY A 1 52  ? 3.954   6.472   -7.909  1.00 15.14 ? 53  GLY A N   1 
ATOM   390  C CA  . GLY A 1 52  ? 3.943   7.218   -9.163  1.00 15.88 ? 53  GLY A CA  1 
ATOM   391  C C   . GLY A 1 52  ? 4.674   8.554   -9.082  1.00 15.99 ? 53  GLY A C   1 
ATOM   392  O O   . GLY A 1 52  ? 5.085   9.100   -10.118 1.00 17.60 ? 53  GLY A O   1 
ATOM   393  N N   . ASN A 1 53  ? 4.827   9.101   -7.883  1.00 16.60 ? 54  ASN A N   1 
ATOM   394  C CA  . ASN A 1 53  ? 5.598   10.325  -7.696  1.00 16.89 ? 54  ASN A CA  1 
ATOM   395  C C   . ASN A 1 53  ? 7.105   10.041  -7.872  1.00 16.60 ? 54  ASN A C   1 
ATOM   396  O O   . ASN A 1 53  ? 7.894   10.984  -7.936  1.00 16.74 ? 54  ASN A O   1 
ATOM   397  C CB  . ASN A 1 53  ? 5.409   10.948  -6.295  1.00 16.97 ? 54  ASN A CB  1 
ATOM   398  C CG  . ASN A 1 53  ? 3.949   11.342  -5.958  1.00 17.55 ? 54  ASN A CG  1 
ATOM   399  O OD1 . ASN A 1 53  ? 3.183   11.762  -6.824  1.00 19.46 ? 54  ASN A OD1 1 
ATOM   400  N ND2 . ASN A 1 53  ? 3.579   11.225  -4.670  1.00 17.57 ? 54  ASN A ND2 1 
ATOM   401  N N   . LEU A 1 54  ? 7.492   8.760   -7.947  1.00 16.14 ? 55  LEU A N   1 
ATOM   402  C CA  . LEU A 1 54  ? 8.914   8.339   -7.983  1.00 16.00 ? 55  LEU A CA  1 
ATOM   403  C C   . LEU A 1 54  ? 9.315   7.529   -9.224  1.00 16.58 ? 55  LEU A C   1 
ATOM   404  O O   . LEU A 1 54  ? 9.640   6.344   -9.134  1.00 15.20 ? 55  LEU A O   1 
ATOM   405  C CB  . LEU A 1 54  ? 9.221   7.494   -6.741  1.00 16.00 ? 55  LEU A CB  1 
ATOM   406  C CG  . LEU A 1 54  ? 8.635   7.977   -5.419  1.00 16.17 ? 55  LEU A CG  1 
ATOM   407  C CD1 . LEU A 1 54  ? 8.832   6.922   -4.335  1.00 15.76 ? 55  LEU A CD1 1 
ATOM   408  C CD2 . LEU A 1 54  ? 9.265   9.293   -5.010  1.00 17.74 ? 55  LEU A CD2 1 
ATOM   409  N N   . PRO A 1 55  ? 9.163   8.139   -10.392 1.00 17.58 ? 56  PRO A N   1 
ATOM   410  C CA  . PRO A 1 55  ? 9.545   7.576   -11.685 1.00 18.14 ? 56  PRO A CA  1 
ATOM   411  C C   . PRO A 1 55  ? 10.872  6.840   -11.839 1.00 17.21 ? 56  PRO A C   1 
ATOM   412  O O   . PRO A 1 55  ? 10.882  5.833   -12.557 1.00 17.09 ? 56  PRO A O   1 
ATOM   413  C CB  . PRO A 1 55  ? 9.430   8.794   -12.617 1.00 18.42 ? 56  PRO A CB  1 
ATOM   414  C CG  . PRO A 1 55  ? 8.286   9.553   -12.045 1.00 20.04 ? 56  PRO A CG  1 
ATOM   415  C CD  . PRO A 1 55  ? 8.257   9.274   -10.582 1.00 19.04 ? 56  PRO A CD  1 
ATOM   416  N N   . ASP A 1 56  ? 11.836  7.331   -11.149 1.00 14.43 ? 59  ASP A N   1 
ATOM   417  C CA  . ASP A 1 56  ? 13.192  6.807   -11.295 1.00 14.31 ? 59  ASP A CA  1 
ATOM   418  C C   . ASP A 1 56  ? 13.625  6.052   -10.051 1.00 14.10 ? 59  ASP A C   1 
ATOM   419  O O   . ASP A 1 56  ? 14.802  5.753   -9.858  1.00 13.40 ? 59  ASP A O   1 
ATOM   420  C CB  . ASP A 1 56  ? 14.147  7.946   -11.605 1.00 15.04 ? 59  ASP A CB  1 
ATOM   421  C CG  . ASP A 1 56  ? 13.817  8.598   -12.923 1.00 16.66 ? 59  ASP A CG  1 
ATOM   422  O OD1 . ASP A 1 56  ? 14.165  9.774   -13.132 1.00 18.81 ? 59  ASP A OD1 1 
ATOM   423  O OD2 . ASP A 1 56  ? 13.177  8.024   -13.812 1.00 19.11 ? 59  ASP A OD2 1 
ATOM   424  N N   . CYS A 1 57  ? 12.615  5.648   -9.272  1.00 11.72 ? 61  CYS A N   1 
ATOM   425  C CA  . CYS A 1 57  ? 12.798  4.783   -8.110  1.00 11.64 ? 61  CYS A CA  1 
ATOM   426  C C   . CYS A 1 57  ? 12.226  3.368   -8.438  1.00 11.73 ? 61  CYS A C   1 
ATOM   427  O O   . CYS A 1 57  ? 11.444  3.234   -9.387  1.00 13.01 ? 61  CYS A O   1 
ATOM   428  C CB  . CYS A 1 57  ? 12.118  5.352   -6.880  1.00 11.35 ? 61  CYS A CB  1 
ATOM   429  S SG  . CYS A 1 57  ? 12.698  7.017   -6.418  1.00 11.54 ? 61  CYS A SG  1 
ATOM   430  N N   . ASN A 1 58  ? 12.602  2.302   -7.684  1.00 11.38 ? 67  ASN A N   1 
ATOM   431  C CA  . ASN A 1 58  ? 12.186  0.935   -7.940  1.00 11.84 ? 67  ASN A CA  1 
ATOM   432  C C   . ASN A 1 58  ? 11.626  0.315   -6.649  1.00 12.29 ? 67  ASN A C   1 
ATOM   433  O O   . ASN A 1 58  ? 12.276  -0.483  -5.995  1.00 12.74 ? 67  ASN A O   1 
ATOM   434  C CB  . ASN A 1 58  ? 13.356  0.142   -8.523  1.00 12.46 ? 67  ASN A CB  1 
ATOM   435  C CG  . ASN A 1 58  ? 13.787  0.682   -9.870  1.00 13.51 ? 67  ASN A CG  1 
ATOM   436  O OD1 . ASN A 1 58  ? 13.199  0.351   -10.902 1.00 16.04 ? 67  ASN A OD1 1 
ATOM   437  N ND2 . ASN A 1 58  ? 14.792  1.524   -9.869  1.00 13.50 ? 67  ASN A ND2 1 
ATOM   438  N N   . PRO A 1 59  ? 10.427  0.758   -6.260  1.00 13.86 ? 68  PRO A N   1 
ATOM   439  C CA  . PRO A 1 59  ? 9.727   0.286   -5.055  1.00 14.63 ? 68  PRO A CA  1 
ATOM   440  C C   . PRO A 1 59  ? 9.602   -1.216  -4.833  1.00 14.70 ? 68  PRO A C   1 
ATOM   441  O O   . PRO A 1 59  ? 9.560   -1.653  -3.680  1.00 14.59 ? 68  PRO A O   1 
ATOM   442  C CB  . PRO A 1 59  ? 8.323   0.857   -5.249  1.00 16.00 ? 68  PRO A CB  1 
ATOM   443  C CG  . PRO A 1 59  ? 8.488   2.073   -6.014  1.00 16.05 ? 68  PRO A CG  1 
ATOM   444  C CD  . PRO A 1 59  ? 9.705   1.879   -6.878  1.00 14.63 ? 68  PRO A CD  1 
ATOM   445  N N   . LYS A 1 60  ? 9.487   -1.999  -5.895  1.00 14.48 ? 69  LYS A N   1 
ATOM   446  C CA  . LYS A 1 60  ? 9.332   -3.439  -5.715  1.00 15.10 ? 69  LYS A CA  1 
ATOM   447  C C   . LYS A 1 60  ? 10.557  -4.105  -5.107  1.00 14.77 ? 69  LYS A C   1 
ATOM   448  O O   . LYS A 1 60  ? 10.433  -5.010  -4.286  1.00 14.98 ? 69  LYS A O   1 
ATOM   449  C CB  . LYS A 1 60  ? 8.990   -4.106  -7.049  1.00 16.18 ? 69  LYS A CB  1 
ATOM   450  C CG  . LYS A 1 60  ? 7.620   -3.726  -7.544  1.00 19.43 ? 69  LYS A CG  1 
ATOM   451  C CD  . LYS A 1 60  ? 7.551   -3.845  -9.042  1.00 23.17 ? 69  LYS A CD  1 
ATOM   452  C CE  . LYS A 1 60  ? 6.132   -4.067  -9.514  1.00 24.74 ? 69  LYS A CE  1 
ATOM   453  N NZ  . LYS A 1 60  ? 6.019   -5.192  -10.480 1.00 26.93 ? 69  LYS A NZ  1 
ATOM   454  N N   . SER A 1 61  ? 11.744  -3.658  -5.504  1.00 14.12 ? 70  SER A N   1 
ATOM   455  C CA  . SER A 1 61  ? 12.970  -4.319  -5.101  1.00 14.06 ? 70  SER A CA  1 
ATOM   456  C C   . SER A 1 61  ? 13.877  -3.557  -4.147  1.00 12.81 ? 70  SER A C   1 
ATOM   457  O O   . SER A 1 61  ? 14.603  -4.177  -3.389  1.00 13.80 ? 70  SER A O   1 
ATOM   458  C CB  . SER A 1 61  ? 13.788  -4.670  -6.350  1.00 14.84 ? 70  SER A CB  1 
ATOM   459  O OG  . SER A 1 61  ? 14.090  -3.497  -7.100  1.00 16.74 ? 70  SER A OG  1 
ATOM   460  N N   . ASP A 1 62  ? 13.859  -2.227  -4.195  1.00 11.43 ? 71  ASP A N   1 
ATOM   461  C CA  . ASP A 1 62  ? 14.773  -1.430  -3.384  1.00 10.94 ? 71  ASP A CA  1 
ATOM   462  C C   . ASP A 1 62  ? 14.378  -1.542  -1.912  1.00 10.88 ? 71  ASP A C   1 
ATOM   463  O O   . ASP A 1 62  ? 13.221  -1.316  -1.551  1.00 12.05 ? 71  ASP A O   1 
ATOM   464  C CB  . ASP A 1 62  ? 14.751  0.021   -3.868  1.00 10.82 ? 71  ASP A CB  1 
ATOM   465  C CG  . ASP A 1 62  ? 15.916  0.838   -3.386  1.00 10.27 ? 71  ASP A CG  1 
ATOM   466  O OD1 . ASP A 1 62  ? 16.771  0.316   -2.629  1.00 10.83 ? 71  ASP A OD1 1 
ATOM   467  O OD2 . ASP A 1 62  ? 16.027  2.036   -3.743  1.00 10.42 ? 71  ASP A OD2 1 
ATOM   468  N N   . ARG A 1 63  ? 15.335  -1.905  -1.069  1.00 11.02 ? 72  ARG A N   1 
ATOM   469  C CA  . ARG A 1 63  ? 15.118  -2.087  0.367   1.00 11.30 ? 72  ARG A CA  1 
ATOM   470  C C   . ARG A 1 63  ? 15.443  -0.835  1.163   1.00 11.07 ? 72  ARG A C   1 
ATOM   471  O O   . ARG A 1 63  ? 16.434  -0.157  0.913   1.00 11.57 ? 72  ARG A O   1 
ATOM   472  C CB  . ARG A 1 63  ? 16.008  -3.222  0.881   1.00 11.63 ? 72  ARG A CB  1 
ATOM   473  C CG  . ARG A 1 63  ? 15.697  -4.565  0.262   1.00 13.46 ? 72  ARG A CG  1 
ATOM   474  C CD  . ARG A 1 63  ? 16.364  -5.723  0.962   1.00 13.93 ? 72  ARG A CD  1 
ATOM   475  N NE  . ARG A 1 63  ? 16.274  -6.955  0.188   1.00 16.00 ? 72  ARG A NE  1 
ATOM   476  C CZ  . ARG A 1 63  ? 16.641  -8.149  0.632   1.00 18.04 ? 72  ARG A CZ  1 
ATOM   477  N NH1 . ARG A 1 63  ? 16.531  -9.207  -0.158  1.00 18.96 ? 72  ARG A NH1 1 
ATOM   478  N NH2 . ARG A 1 63  ? 17.109  -8.283  1.861   1.00 16.95 ? 72  ARG A NH2 1 
ATOM   479  N N   . TYR A 1 64  ? 14.611  -0.549  2.156   1.00 11.55 ? 73  TYR A N   1 
ATOM   480  C CA  . TYR A 1 64  ? 14.837  0.586   3.056   1.00 11.97 ? 73  TYR A CA  1 
ATOM   481  C C   . TYR A 1 64  ? 14.882  0.038   4.478   1.00 12.04 ? 73  TYR A C   1 
ATOM   482  O O   . TYR A 1 64  ? 14.495  -1.098  4.725   1.00 13.21 ? 73  TYR A O   1 
ATOM   483  C CB  . TYR A 1 64  ? 13.726  1.648   2.923   1.00 11.66 ? 73  TYR A CB  1 
ATOM   484  C CG  . TYR A 1 64  ? 12.336  1.060   3.028   1.00 11.63 ? 73  TYR A CG  1 
ATOM   485  C CD1 . TYR A 1 64  ? 11.796  0.706   4.257   1.00 11.68 ? 73  TYR A CD1 1 
ATOM   486  C CD2 . TYR A 1 64  ? 11.567  0.841   1.892   1.00 10.31 ? 73  TYR A CD2 1 
ATOM   487  C CE1 . TYR A 1 64  ? 10.534  0.152   4.352   1.00 11.23 ? 73  TYR A CE1 1 
ATOM   488  C CE2 . TYR A 1 64  ? 10.315  0.280   1.970   1.00 10.53 ? 73  TYR A CE2 1 
ATOM   489  C CZ  . TYR A 1 64  ? 9.803   -0.069  3.207   1.00 10.79 ? 73  TYR A CZ  1 
ATOM   490  O OH  . TYR A 1 64  ? 8.545   -0.628  3.321   1.00 11.93 ? 73  TYR A OH  1 
ATOM   491  N N   . LYS A 1 65  ? 15.366  0.851   5.410   1.00 12.78 ? 74  LYS A N   1 
ATOM   492  C CA  . LYS A 1 65  ? 15.378  0.482   6.824   1.00 13.26 ? 74  LYS A CA  1 
ATOM   493  C C   . LYS A 1 65  ? 14.418  1.374   7.614   1.00 12.84 ? 74  LYS A C   1 
ATOM   494  O O   . LYS A 1 65  ? 14.282  2.564   7.330   1.00 12.94 ? 74  LYS A O   1 
ATOM   495  C CB  . LYS A 1 65  ? 16.781  0.618   7.421   1.00 14.36 ? 74  LYS A CB  1 
ATOM   496  C CG  . LYS A 1 65  ? 17.811  -0.353  6.847   1.00 15.65 ? 74  LYS A CG  1 
ATOM   497  C CD  . LYS A 1 65  ? 17.520  -1.807  7.186   1.00 17.87 ? 74  LYS A CD  1 
ATOM   498  C CE  . LYS A 1 65  ? 18.705  -2.697  6.816   1.00 19.32 ? 74  LYS A CE  1 
ATOM   499  N NZ  . LYS A 1 65  ? 18.423  -4.137  7.051   1.00 20.33 ? 74  LYS A NZ  1 
ATOM   500  N N   . TYR A 1 66  ? 13.763  0.784   8.602   1.00 13.01 ? 75  TYR A N   1 
ATOM   501  C CA  . TYR A 1 66  ? 12.906  1.546   9.497   1.00 13.06 ? 75  TYR A CA  1 
ATOM   502  C C   . TYR A 1 66  ? 12.946  0.912   10.873  1.00 13.81 ? 75  TYR A C   1 
ATOM   503  O O   . TYR A 1 66  ? 13.329  -0.251  11.018  1.00 14.37 ? 75  TYR A O   1 
ATOM   504  C CB  . TYR A 1 66  ? 11.460  1.629   8.984   1.00 12.95 ? 75  TYR A CB  1 
ATOM   505  C CG  . TYR A 1 66  ? 10.671  0.340   9.023   1.00 13.03 ? 75  TYR A CG  1 
ATOM   506  C CD1 . TYR A 1 66  ? 9.808   0.056   10.073  1.00 13.27 ? 75  TYR A CD1 1 
ATOM   507  C CD2 . TYR A 1 66  ? 10.765  -0.584  7.999   1.00 13.03 ? 75  TYR A CD2 1 
ATOM   508  C CE1 . TYR A 1 66  ? 9.076   -1.116  10.105  1.00 14.01 ? 75  TYR A CE1 1 
ATOM   509  C CE2 . TYR A 1 66  ? 10.050  -1.756  8.023   1.00 13.44 ? 75  TYR A CE2 1 
ATOM   510  C CZ  . TYR A 1 66  ? 9.204   -2.017  9.074   1.00 13.12 ? 75  TYR A CZ  1 
ATOM   511  O OH  . TYR A 1 66  ? 8.480   -3.189  9.082   1.00 14.52 ? 75  TYR A OH  1 
ATOM   512  N N   . LYS A 1 67  ? 12.559  1.690   11.876  1.00 14.08 ? 76  LYS A N   1 
ATOM   513  C CA  . LYS A 1 67  ? 12.496  1.214   13.256  1.00 14.75 ? 76  LYS A CA  1 
ATOM   514  C C   . LYS A 1 67  ? 11.157  1.616   13.855  1.00 15.00 ? 76  LYS A C   1 
ATOM   515  O O   . LYS A 1 67  ? 10.401  2.367   13.248  1.00 14.51 ? 76  LYS A O   1 
ATOM   516  C CB  . LYS A 1 67  ? 13.632  1.811   14.093  1.00 15.30 ? 76  LYS A CB  1 
ATOM   517  C CG  . LYS A 1 67  ? 13.558  3.310   14.240  1.00 15.80 ? 76  LYS A CG  1 
ATOM   518  C CD  . LYS A 1 67  ? 14.780  3.864   14.945  1.00 18.05 ? 76  LYS A CD  1 
ATOM   519  C CE  . LYS A 1 67  ? 14.801  5.371   14.908  1.00 19.80 ? 76  LYS A CE  1 
ATOM   520  N NZ  . LYS A 1 67  ? 15.912  5.932   15.710  1.00 21.70 ? 76  LYS A NZ  1 
ATOM   521  N N   . ARG A 1 68  ? 10.872  1.087   15.042  1.00 16.20 ? 77  ARG A N   1 
ATOM   522  C CA  . ARG A 1 68  ? 9.674   1.420   15.806  1.00 17.41 ? 77  ARG A CA  1 
ATOM   523  C C   . ARG A 1 68  ? 10.082  2.259   17.002  1.00 18.18 ? 77  ARG A C   1 
ATOM   524  O O   . ARG A 1 68  ? 11.032  1.919   17.705  1.00 18.26 ? 77  ARG A O   1 
ATOM   525  C CB  . ARG A 1 68  ? 8.991   0.153   16.327  1.00 17.77 ? 77  ARG A CB  1 
ATOM   526  C CG  . ARG A 1 68  ? 8.431   -0.739  15.261  1.00 18.17 ? 77  ARG A CG  1 
ATOM   527  C CD  . ARG A 1 68  ? 7.029   -0.348  14.827  1.00 18.59 ? 77  ARG A CD  1 
ATOM   528  N NE  . ARG A 1 68  ? 6.594   -1.088  13.651  1.00 17.03 ? 77  ARG A NE  1 
ATOM   529  C CZ  . ARG A 1 68  ? 5.412   -0.946  13.073  1.00 15.52 ? 77  ARG A CZ  1 
ATOM   530  N NH1 . ARG A 1 68  ? 4.535   -0.074  13.550  1.00 15.30 ? 77  ARG A NH1 1 
ATOM   531  N NH2 . ARG A 1 68  ? 5.100   -1.678  12.006  1.00 16.56 ? 77  ARG A NH2 1 
ATOM   532  N N   . VAL A 1 69  ? 9.404   3.373   17.218  1.00 19.07 ? 78  VAL A N   1 
ATOM   533  C CA  . VAL A 1 69  ? 9.654   4.185   18.396  1.00 20.39 ? 78  VAL A CA  1 
ATOM   534  C C   . VAL A 1 69  ? 8.337   4.052   19.119  1.00 21.54 ? 78  VAL A C   1 
ATOM   535  O O   . VAL A 1 69  ? 7.359   4.739   18.787  1.00 21.82 ? 78  VAL A O   1 
ATOM   536  C CB  . VAL A 1 69  ? 10.002  5.636   18.049  1.00 20.23 ? 78  VAL A CB  1 
ATOM   537  C CG1 . VAL A 1 69  ? 10.169  6.462   19.314  1.00 20.84 ? 78  VAL A CG1 1 
ATOM   538  C CG2 . VAL A 1 69  ? 11.276  5.680   17.223  1.00 20.56 ? 78  VAL A CG2 1 
ATOM   539  N N   . ASN A 1 70  ? 8.302   3.118   20.070  1.00 23.17 ? 79  ASN A N   1 
ATOM   540  C CA  . ASN A 1 70  ? 7.048   2.711   20.661  1.00 24.17 ? 79  ASN A CA  1 
ATOM   541  C C   . ASN A 1 70  ? 6.300   2.281   19.364  1.00 23.74 ? 79  ASN A C   1 
ATOM   542  O O   . ASN A 1 70  ? 6.986   1.869   18.437  1.00 25.39 ? 79  ASN A O   1 
ATOM   543  C CB  . ASN A 1 70  ? 6.479   3.835   21.516  1.00 24.83 ? 79  ASN A CB  1 
ATOM   544  C CG  . ASN A 1 70  ? 7.319   4.063   22.772  1.00 26.41 ? 79  ASN A CG  1 
ATOM   545  O OD1 . ASN A 1 70  ? 7.261   3.273   23.717  1.00 30.22 ? 79  ASN A OD1 1 
ATOM   546  N ND2 . ASN A 1 70  ? 8.131   5.115   22.769  1.00 28.56 ? 79  ASN A ND2 1 
ATOM   547  N N   . GLY A 1 71  ? 4.980   2.364   19.222  1.00 22.33 ? 80  GLY A N   1 
ATOM   548  C CA  . GLY A 1 71  ? 4.359   1.861   17.987  1.00 20.97 ? 80  GLY A CA  1 
ATOM   549  C C   . GLY A 1 71  ? 4.624   2.580   16.649  1.00 19.20 ? 80  GLY A C   1 
ATOM   550  O O   . GLY A 1 71  ? 4.292   2.075   15.551  1.00 18.92 ? 80  GLY A O   1 
ATOM   551  N N   . ALA A 1 72  ? 5.252   3.744   16.711  1.00 17.65 ? 81  ALA A N   1 
ATOM   552  C CA  . ALA A 1 72  ? 5.433   4.572   15.523  1.00 16.67 ? 81  ALA A CA  1 
ATOM   553  C C   . ALA A 1 72  ? 6.524   4.075   14.578  1.00 15.83 ? 81  ALA A C   1 
ATOM   554  O O   . ALA A 1 72  ? 7.590   3.661   15.019  1.00 16.50 ? 81  ALA A O   1 
ATOM   555  C CB  . ALA A 1 72  ? 5.725   5.999   15.938  1.00 16.88 ? 81  ALA A CB  1 
ATOM   556  N N   . ILE A 1 73  ? 6.250   4.134   13.278  1.00 14.96 ? 82  ILE A N   1 
ATOM   557  C CA  . ILE A 1 73  ? 7.236   3.771   12.270  1.00 14.00 ? 82  ILE A CA  1 
ATOM   558  C C   . ILE A 1 73  ? 8.121   4.981   12.006  1.00 13.65 ? 82  ILE A C   1 
ATOM   559  O O   . ILE A 1 73  ? 7.620   6.082   11.774  1.00 13.94 ? 82  ILE A O   1 
ATOM   560  C CB  . ILE A 1 73  ? 6.532   3.346   10.969  1.00 13.40 ? 82  ILE A CB  1 
ATOM   561  C CG1 . ILE A 1 73  ? 5.733   2.063   11.201  1.00 14.42 ? 82  ILE A CG1 1 
ATOM   562  C CG2 . ILE A 1 73  ? 7.541   3.160   9.837   1.00 13.08 ? 82  ILE A CG2 1 
ATOM   563  C CD1 . ILE A 1 73  ? 4.749   1.765   10.094  1.00 14.42 ? 82  ILE A CD1 1 
ATOM   564  N N   . VAL A 1 74  ? 9.433   4.781   12.066  1.00 13.34 ? 83  VAL A N   1 
ATOM   565  C CA  . VAL A 1 74  ? 10.388  5.833   11.761  1.00 13.31 ? 83  VAL A CA  1 
ATOM   566  C C   . VAL A 1 74  ? 11.309  5.348   10.655  1.00 13.10 ? 83  VAL A C   1 
ATOM   567  O O   . VAL A 1 74  ? 12.122  4.447   10.861  1.00 13.10 ? 83  VAL A O   1 
ATOM   568  C CB  . VAL A 1 74  ? 11.221  6.230   12.998  1.00 14.14 ? 83  VAL A CB  1 
ATOM   569  C CG1 . VAL A 1 74  ? 12.253  7.260   12.615  1.00 14.95 ? 83  VAL A CG1 1 
ATOM   570  C CG2 . VAL A 1 74  ? 10.317  6.742   14.132  1.00 15.56 ? 83  VAL A CG2 1 
ATOM   571  N N   . CYS A 1 75  ? 11.158  5.929   9.475   1.00 12.61 ? 84  CYS A N   1 
ATOM   572  C CA  . CYS A 1 75  ? 12.016  5.589   8.345   1.00 13.15 ? 84  CYS A CA  1 
ATOM   573  C C   . CYS A 1 75  ? 13.434  6.087   8.656   1.00 13.91 ? 84  CYS A C   1 
ATOM   574  O O   . CYS A 1 75  ? 13.608  7.208   9.137   1.00 15.93 ? 84  CYS A O   1 
ATOM   575  C CB  . CYS A 1 75  ? 11.458  6.224   7.070   1.00 13.25 ? 84  CYS A CB  1 
ATOM   576  S SG  . CYS A 1 75  ? 9.871   5.528   6.506   1.00 12.74 ? 84  CYS A SG  1 
ATOM   577  N N   . GLU A 1 76  ? 14.432  5.238   8.442   1.00 13.67 ? 85  GLU A N   1 
ATOM   578  C CA  . GLU A 1 76  ? 15.830  5.591   8.711   1.00 14.25 ? 85  GLU A CA  1 
ATOM   579  C C   . GLU A 1 76  ? 16.515  5.995   7.406   1.00 14.86 ? 85  GLU A C   1 
ATOM   580  O O   . GLU A 1 76  ? 16.133  5.535   6.334   1.00 16.32 ? 85  GLU A O   1 
ATOM   581  C CB  . GLU A 1 76  ? 16.538  4.427   9.397   1.00 14.31 ? 85  GLU A CB  1 
ATOM   582  C CG  . GLU A 1 76  ? 16.006  4.193   10.805  1.00 14.86 ? 85  GLU A CG  1 
ATOM   583  C CD  . GLU A 1 76  ? 16.454  2.878   11.399  1.00 14.87 ? 85  GLU A CD  1 
ATOM   584  O OE1 . GLU A 1 76  ? 15.995  1.839   10.905  1.00 15.92 ? 85  GLU A OE1 1 
ATOM   585  O OE2 . GLU A 1 76  ? 17.242  2.880   12.377  1.00 17.84 ? 85  GLU A OE2 1 
ATOM   586  N N   . LYS A 1 77  ? 17.506  6.869   7.505   1.00 15.19 ? 86  LYS A N   1 
ATOM   587  C CA  . LYS A 1 77  ? 18.128  7.393   6.303   1.00 16.11 ? 86  LYS A CA  1 
ATOM   588  C C   . LYS A 1 77  ? 18.932  6.402   5.457   1.00 15.68 ? 86  LYS A C   1 
ATOM   589  O O   . LYS A 1 77  ? 19.836  5.723   5.938   1.00 16.64 ? 86  LYS A O   1 
ATOM   590  C CB  . LYS A 1 77  ? 19.026  8.619   6.650   1.00 16.63 ? 86  LYS A CB  1 
ATOM   591  C CG  . LYS A 1 77  ? 19.356  9.511   5.449   1.00 19.17 ? 86  LYS A CG  1 
ATOM   592  C CD  . LYS A 1 77  ? 19.975  10.834  5.867   1.00 21.68 ? 86  LYS A CD  1 
ATOM   593  C CE  . LYS A 1 77  ? 20.686  11.522  4.709   1.00 23.60 ? 86  LYS A CE  1 
ATOM   594  N NZ  . LYS A 1 77  ? 19.734  11.915  3.641   1.00 24.68 ? 86  LYS A NZ  1 
ATOM   595  N N   . GLY A 1 78  ? 18.543  6.342   4.159   1.00 13.23 ? 88  GLY A N   1 
ATOM   596  C CA  . GLY A 1 78  ? 19.181  5.542   3.120   1.00 12.37 ? 88  GLY A CA  1 
ATOM   597  C C   . GLY A 1 78  ? 19.358  6.475   1.908   1.00 11.91 ? 88  GLY A C   1 
ATOM   598  O O   . GLY A 1 78  ? 19.644  7.666   2.072   1.00 13.09 ? 88  GLY A O   1 
ATOM   599  N N   . THR A 1 79  ? 19.187  5.954   0.704   1.00 11.28 ? 89  THR A N   1 
ATOM   600  C CA  . THR A 1 79  ? 19.248  6.799   -0.491  1.00 10.69 ? 89  THR A CA  1 
ATOM   601  C C   . THR A 1 79  ? 17.960  7.620   -0.542  1.00 10.73 ? 89  THR A C   1 
ATOM   602  O O   . THR A 1 79  ? 16.977  7.313   0.162   1.00 10.78 ? 89  THR A O   1 
ATOM   603  C CB  . THR A 1 79  ? 19.340  5.964   -1.766  1.00 10.53 ? 89  THR A CB  1 
ATOM   604  O OG1 . THR A 1 79  ? 18.133  5.194   -1.903  1.00 10.30 ? 89  THR A OG1 1 
ATOM   605  C CG2 . THR A 1 79  ? 20.498  4.966   -1.715  1.00 10.41 ? 89  THR A CG2 1 
ATOM   606  N N   . SER A 1 80  ? 17.905  8.644   -1.389  1.00 10.97 ? 90  SER A N   1 
ATOM   607  C CA  . SER A 1 80  ? 16.677  9.423   -1.509  1.00 11.52 ? 90  SER A CA  1 
ATOM   608  C C   . SER A 1 80  ? 15.492  8.537   -1.942  1.00 10.82 ? 90  SER A C   1 
ATOM   609  O O   . SER A 1 80  ? 14.392  8.681   -1.404  1.00 11.15 ? 90  SER A O   1 
ATOM   610  C CB  . SER A 1 80  ? 16.833  10.630  -2.437  1.00 12.53 ? 90  SER A CB  1 
ATOM   611  O OG  . SER A 1 80  ? 17.193  10.270  -3.717  1.00 17.50 ? 90  SER A OG  1 
ATOM   612  N N   . CYS A 1 81  ? 15.690  7.657   -2.908  1.00 9.78  ? 91  CYS A N   1 
ATOM   613  C CA  . CYS A 1 81  ? 14.618  6.762   -3.321  1.00 10.27 ? 91  CYS A CA  1 
ATOM   614  C C   . CYS A 1 81  ? 14.132  5.909   -2.143  1.00 10.01 ? 91  CYS A C   1 
ATOM   615  O O   . CYS A 1 81  ? 12.926  5.734   -1.938  1.00 10.36 ? 91  CYS A O   1 
ATOM   616  C CB  . CYS A 1 81  ? 15.092  5.852   -4.453  1.00 10.20 ? 91  CYS A CB  1 
ATOM   617  S SG  . CYS A 1 81  ? 14.964  6.573   -6.117  1.00 11.56 ? 91  CYS A SG  1 
ATOM   618  N N   . GLU A 1 82  ? 15.056  5.367   -1.364  1.00 9.73  ? 92  GLU A N   1 
ATOM   619  C CA  . GLU A 1 82  ? 14.691  4.516   -0.240  1.00 9.92  ? 92  GLU A CA  1 
ATOM   620  C C   . GLU A 1 82  ? 13.871  5.278   0.783   1.00 9.97  ? 92  GLU A C   1 
ATOM   621  O O   . GLU A 1 82  ? 12.872  4.766   1.286   1.00 10.52 ? 92  GLU A O   1 
ATOM   622  C CB  . GLU A 1 82  ? 15.957  3.903   0.360   1.00 10.01 ? 92  GLU A CB  1 
ATOM   623  C CG  . GLU A 1 82  ? 16.515  2.802   -0.539  1.00 10.15 ? 92  GLU A CG  1 
ATOM   624  C CD  . GLU A 1 82  ? 17.960  2.406   -0.300  1.00 10.97 ? 92  GLU A CD  1 
ATOM   625  O OE1 . GLU A 1 82  ? 18.632  2.972   0.582   1.00 10.58 ? 92  GLU A OE1 1 
ATOM   626  O OE2 . GLU A 1 82  ? 18.434  1.493   -1.033  1.00 10.95 ? 92  GLU A OE2 1 
ATOM   627  N N   . ASN A 1 83  ? 14.292  6.496   1.097   1.00 10.49 ? 93  ASN A N   1 
ATOM   628  C CA  . ASN A 1 83  ? 13.554  7.328   2.041   1.00 10.92 ? 93  ASN A CA  1 
ATOM   629  C C   . ASN A 1 83  ? 12.121  7.578   1.573   1.00 10.74 ? 93  ASN A C   1 
ATOM   630  O O   . ASN A 1 83  ? 11.169  7.459   2.351   1.00 10.65 ? 93  ASN A O   1 
ATOM   631  C CB  . ASN A 1 83  ? 14.252  8.675   2.217   1.00 12.07 ? 93  ASN A CB  1 
ATOM   632  C CG  . ASN A 1 83  ? 15.672  8.554   2.741   1.00 12.87 ? 93  ASN A CG  1 
ATOM   633  O OD1 . ASN A 1 83  ? 16.039  7.563   3.363   1.00 14.53 ? 93  ASN A OD1 1 
ATOM   634  N ND2 . ASN A 1 83  ? 16.478  9.583   2.484   1.00 15.76 ? 93  ASN A ND2 1 
ATOM   635  N N   . ARG A 1 84  ? 11.963  7.923   0.302   1.00 10.57 ? 94  ARG A N   1 
ATOM   636  C CA  . ARG A 1 84  ? 10.644  8.251   -0.246  1.00 10.87 ? 94  ARG A CA  1 
ATOM   637  C C   . ARG A 1 84  ? 9.751   7.018   -0.365  1.00 10.07 ? 94  ARG A C   1 
ATOM   638  O O   . ARG A 1 84  ? 8.547   7.074   -0.094  1.00 10.18 ? 94  ARG A O   1 
ATOM   639  C CB  . ARG A 1 84  ? 10.808  8.924   -1.607  1.00 11.25 ? 94  ARG A CB  1 
ATOM   640  C CG  . ARG A 1 84  ? 11.643  10.200  -1.571  1.00 13.47 ? 94  ARG A CG  1 
ATOM   641  C CD  . ARG A 1 84  ? 12.151  10.610  -2.953  1.00 16.57 ? 94  ARG A CD  1 
ATOM   642  N NE  . ARG A 1 84  ? 11.171  11.464  -3.624  1.00 17.78 ? 94  ARG A NE  1 
ATOM   643  C CZ  . ARG A 1 84  ? 11.256  11.878  -4.877  1.00 18.42 ? 94  ARG A CZ  1 
ATOM   644  N NH1 . ARG A 1 84  ? 12.273  11.491  -5.641  1.00 19.02 ? 94  ARG A NH1 1 
ATOM   645  N NH2 . ARG A 1 84  ? 10.314  12.681  -5.365  1.00 19.81 ? 94  ARG A NH2 1 
ATOM   646  N N   . ILE A 1 85  ? 10.324  5.902   -0.779  1.00 9.77  ? 95  ILE A N   1 
ATOM   647  C CA  . ILE A 1 85  ? 9.584   4.650   -0.832  1.00 9.61  ? 95  ILE A CA  1 
ATOM   648  C C   . ILE A 1 85  ? 9.109   4.276   0.580   1.00 8.91  ? 95  ILE A C   1 
ATOM   649  O O   . ILE A 1 85  ? 7.947   3.890   0.772   1.00 9.19  ? 95  ILE A O   1 
ATOM   650  C CB  . ILE A 1 85  ? 10.462  3.517   -1.413  1.00 9.81  ? 95  ILE A CB  1 
ATOM   651  C CG1 . ILE A 1 85  ? 10.775  3.760   -2.887  1.00 10.40 ? 95  ILE A CG1 1 
ATOM   652  C CG2 . ILE A 1 85  ? 9.773   2.166   -1.204  1.00 10.20 ? 95  ILE A CG2 1 
ATOM   653  C CD1 . ILE A 1 85  ? 11.938  2.937   -3.383  1.00 10.77 ? 95  ILE A CD1 1 
ATOM   654  N N   . CYS A 1 86  ? 9.990   4.381   1.573   1.00 9.12  ? 96  CYS A N   1 
ATOM   655  C CA  . CYS A 1 86  ? 9.623   4.057   2.951   1.00 9.56  ? 96  CYS A CA  1 
ATOM   656  C C   . CYS A 1 86  ? 8.434   4.916   3.414   1.00 9.46  ? 96  CYS A C   1 
ATOM   657  O O   . CYS A 1 86  ? 7.486   4.406   4.030   1.00 9.41  ? 96  CYS A O   1 
ATOM   658  C CB  . CYS A 1 86  ? 10.816  4.220   3.890   1.00 9.79  ? 96  CYS A CB  1 
ATOM   659  S SG  . CYS A 1 86  ? 10.441  3.757   5.608   1.00 11.31 ? 96  CYS A SG  1 
ATOM   660  N N   . GLU A 1 87  ? 8.458   6.209   3.112   1.00 9.31  ? 97  GLU A N   1 
ATOM   661  C CA  . GLU A 1 87  ? 7.359   7.084   3.524   1.00 9.83  ? 97  GLU A CA  1 
ATOM   662  C C   . GLU A 1 87  ? 6.041   6.697   2.842   1.00 9.57  ? 97  GLU A C   1 
ATOM   663  O O   . GLU A 1 87  ? 4.969   6.787   3.465   1.00 10.05 ? 97  GLU A O   1 
ATOM   664  C CB  . GLU A 1 87  ? 7.703   8.551   3.275   1.00 10.44 ? 97  GLU A CB  1 
ATOM   665  C CG  . GLU A 1 87  ? 8.832   9.078   4.161   1.00 12.75 ? 97  GLU A CG  1 
ATOM   666  C CD  . GLU A 1 87  ? 8.497   9.110   5.642   1.00 14.37 ? 97  GLU A CD  1 
ATOM   667  O OE1 . GLU A 1 87  ? 7.299   9.101   5.998   1.00 17.13 ? 97  GLU A OE1 1 
ATOM   668  O OE2 . GLU A 1 87  ? 9.447   9.153   6.457   1.00 16.66 ? 97  GLU A OE2 1 
ATOM   669  N N   . CYS A 1 88  ? 6.094   6.267   1.589   1.00 9.15  ? 98  CYS A N   1 
ATOM   670  C CA  . CYS A 1 88  ? 4.900   5.791   0.900   1.00 9.58  ? 98  CYS A CA  1 
ATOM   671  C C   . CYS A 1 88  ? 4.323   4.550   1.583   1.00 9.18  ? 98  CYS A C   1 
ATOM   672  O O   . CYS A 1 88  ? 3.109   4.426   1.780   1.00 8.94  ? 98  CYS A O   1 
ATOM   673  C CB  . CYS A 1 88  ? 5.228   5.436   -0.561  1.00 9.63  ? 98  CYS A CB  1 
ATOM   674  S SG  . CYS A 1 88  ? 5.528   6.830   -1.677  1.00 10.80 ? 98  CYS A SG  1 
ATOM   675  N N   . ASP A 1 89  ? 5.198   3.609   1.915   1.00 8.74  ? 99  ASP A N   1 
ATOM   676  C CA  . ASP A 1 89  ? 4.793   2.341   2.523   1.00 8.88  ? 99  ASP A CA  1 
ATOM   677  C C   . ASP A 1 89  ? 4.253   2.552   3.929   1.00 9.11  ? 99  ASP A C   1 
ATOM   678  O O   . ASP A 1 89  ? 3.228   1.975   4.287   1.00 9.14  ? 99  ASP A O   1 
ATOM   679  C CB  . ASP A 1 89  ? 5.963   1.355   2.535   1.00 9.38  ? 99  ASP A CB  1 
ATOM   680  C CG  . ASP A 1 89  ? 6.260   0.763   1.178   1.00 9.03  ? 99  ASP A CG  1 
ATOM   681  O OD1 . ASP A 1 89  ? 5.606   1.144   0.180   1.00 9.95  ? 99  ASP A OD1 1 
ATOM   682  O OD2 . ASP A 1 89  ? 7.142   -0.135  1.081   1.00 10.57 ? 99  ASP A OD2 1 
ATOM   683  N N   . LYS A 1 90  ? 4.943   3.363   4.725   1.00 9.07  ? 100 LYS A N   1 
ATOM   684  C CA  . LYS A 1 90  ? 4.507   3.711   6.073   1.00 9.39  ? 100 LYS A CA  1 
ATOM   685  C C   . LYS A 1 90  ? 3.083   4.276   6.049   1.00 9.41  ? 100 LYS A C   1 
ATOM   686  O O   . LYS A 1 90  ? 2.220   3.855   6.845   1.00 9.79  ? 100 LYS A O   1 
ATOM   687  C CB  . LYS A 1 90  ? 5.468   4.754   6.659   1.00 9.53  ? 100 LYS A CB  1 
ATOM   688  C CG  . LYS A 1 90  ? 4.985   5.394   7.953   1.00 10.16 ? 100 LYS A CG  1 
ATOM   689  C CD  . LYS A 1 90  ? 5.983   6.397   8.504   1.00 10.97 ? 100 LYS A CD  1 
ATOM   690  C CE  . LYS A 1 90  ? 5.407   7.164   9.696   1.00 12.47 ? 100 LYS A CE  1 
ATOM   691  N NZ  . LYS A 1 90  ? 6.378   8.180   10.205  1.00 14.02 ? 100 LYS A NZ  1 
ATOM   692  N N   . ALA A 1 91  ? 2.821   5.220   5.145   1.00 9.02  ? 101 ALA A N   1 
ATOM   693  C CA  . ALA A 1 91  ? 1.504   5.832   5.044   1.00 8.83  ? 101 ALA A CA  1 
ATOM   694  C C   . ALA A 1 91  ? 0.447   4.787   4.713   1.00 8.98  ? 101 ALA A C   1 
ATOM   695  O O   . ALA A 1 91  ? -0.626  4.777   5.317   1.00 9.16  ? 101 ALA A O   1 
ATOM   696  C CB  . ALA A 1 91  ? 1.508   6.928   3.992   1.00 9.13  ? 101 ALA A CB  1 
ATOM   697  N N   . ALA A 1 92  ? 0.727   3.910   3.761   1.00 9.14  ? 102 ALA A N   1 
ATOM   698  C CA  . ALA A 1 92  ? -0.238  2.875   3.386   1.00 9.89  ? 102 ALA A CA  1 
ATOM   699  C C   . ALA A 1 92  ? -0.528  1.912   4.541   1.00 9.65  ? 102 ALA A C   1 
ATOM   700  O O   . ALA A 1 92  ? -1.684  1.545   4.761   1.00 10.01 ? 102 ALA A O   1 
ATOM   701  C CB  . ALA A 1 92  ? 0.257   2.107   2.159   1.00 9.61  ? 102 ALA A CB  1 
ATOM   702  N N   . ALA A 1 93  ? 0.501   1.515   5.284   1.00 10.39 ? 103 ALA A N   1 
ATOM   703  C CA  . ALA A 1 93  ? 0.314   0.607   6.412   1.00 11.12 ? 103 ALA A CA  1 
ATOM   704  C C   . ALA A 1 93  ? -0.545  1.247   7.497   1.00 11.06 ? 103 ALA A C   1 
ATOM   705  O O   . ALA A 1 93  ? -1.435  0.594   8.049   1.00 11.44 ? 103 ALA A O   1 
ATOM   706  C CB  . ALA A 1 93  ? 1.657   0.178   6.968   1.00 11.70 ? 103 ALA A CB  1 
ATOM   707  N N   . ILE A 1 94  ? -0.283  2.513   7.807   1.00 10.80 ? 104 ILE A N   1 
ATOM   708  C CA  . ILE A 1 94  ? -1.106  3.270   8.746   1.00 11.01 ? 104 ILE A CA  1 
ATOM   709  C C   . ILE A 1 94  ? -2.543  3.386   8.219   1.00 10.64 ? 104 ILE A C   1 
ATOM   710  O O   . ILE A 1 94  ? -3.507  3.207   8.970   1.00 11.14 ? 104 ILE A O   1 
ATOM   711  C CB  . ILE A 1 94  ? -0.498  4.676   8.963   1.00 11.18 ? 104 ILE A CB  1 
ATOM   712  C CG1 . ILE A 1 94  ? 0.793   4.574   9.774   1.00 12.50 ? 104 ILE A CG1 1 
ATOM   713  C CG2 . ILE A 1 94  ? -1.498  5.606   9.648   1.00 12.75 ? 104 ILE A CG2 1 
ATOM   714  C CD1 . ILE A 1 94  ? 1.600   5.866   9.817   1.00 13.70 ? 104 ILE A CD1 1 
ATOM   715  N N   . CYS A 1 95  ? -2.688  3.682   6.936   1.00 10.07 ? 105 CYS A N   1 
ATOM   716  C CA  . CYS A 1 95  ? -4.002  3.811   6.319   1.00 10.32 ? 105 CYS A CA  1 
ATOM   717  C C   . CYS A 1 95  ? -4.792  2.486   6.427   1.00 10.24 ? 105 CYS A C   1 
ATOM   718  O O   . CYS A 1 95  ? -5.984  2.474   6.767   1.00 10.57 ? 105 CYS A O   1 
ATOM   719  C CB  . CYS A 1 95  ? -3.840  4.286   4.874   1.00 10.33 ? 105 CYS A CB  1 
ATOM   720  S SG  . CYS A 1 95  ? -5.376  4.671   4.024   1.00 11.75 ? 105 CYS A SG  1 
ATOM   721  N N   . PHE A 1 96  ? -4.137  1.363   6.153   1.00 10.41 ? 106 PHE A N   1 
ATOM   722  C CA  . PHE A 1 96  ? -4.800  0.063   6.274   1.00 10.63 ? 106 PHE A CA  1 
ATOM   723  C C   . PHE A 1 96  ? -5.269  -0.135  7.716   1.00 11.13 ? 106 PHE A C   1 
ATOM   724  O O   . PHE A 1 96  ? -6.396  -0.591  7.959   1.00 11.36 ? 106 PHE A O   1 
ATOM   725  C CB  . PHE A 1 96  ? -3.864  -1.091  5.900   1.00 10.77 ? 106 PHE A CB  1 
ATOM   726  C CG  . PHE A 1 96  ? -3.523  -1.193  4.434   1.00 10.82 ? 106 PHE A CG  1 
ATOM   727  C CD1 . PHE A 1 96  ? -4.394  -0.793  3.437   1.00 12.09 ? 106 PHE A CD1 1 
ATOM   728  C CD2 . PHE A 1 96  ? -2.316  -1.762  4.062   1.00 11.63 ? 106 PHE A CD2 1 
ATOM   729  C CE1 . PHE A 1 96  ? -4.047  -0.941  2.104   1.00 12.57 ? 106 PHE A CE1 1 
ATOM   730  C CE2 . PHE A 1 96  ? -1.964  -1.896  2.740   1.00 13.11 ? 106 PHE A CE2 1 
ATOM   731  C CZ  . PHE A 1 96  ? -2.823  -1.494  1.761   1.00 12.97 ? 106 PHE A CZ  1 
ATOM   732  N N   . ARG A 1 97  ? -4.417  0.194   8.675   1.00 11.22 ? 107 ARG A N   1 
ATOM   733  C CA  . ARG A 1 97  ? -4.757  0.062   10.094  1.00 12.11 ? 107 ARG A CA  1 
ATOM   734  C C   . ARG A 1 97  ? -5.962  0.927   10.476  1.00 11.96 ? 107 ARG A C   1 
ATOM   735  O O   . ARG A 1 97  ? -6.838  0.489   11.228  1.00 12.46 ? 107 ARG A O   1 
ATOM   736  C CB  . ARG A 1 97  ? -3.555  0.450   10.959  1.00 12.52 ? 107 ARG A CB  1 
ATOM   737  C CG  . ARG A 1 97  ? -3.810  0.387   12.456  1.00 14.39 ? 107 ARG A CG  1 
ATOM   738  C CD  . ARG A 1 97  ? -4.025  -1.014  12.961  1.00 15.83 ? 107 ARG A CD  1 
ATOM   739  N NE  . ARG A 1 97  ? -4.395  -1.049  14.375  1.00 18.52 ? 107 ARG A NE  1 
ATOM   740  C CZ  . ARG A 1 97  ? -5.640  -0.967  14.821  1.00 20.22 ? 107 ARG A CZ  1 
ATOM   741  N NH1 . ARG A 1 97  ? -5.868  -1.019  16.131  1.00 22.29 ? 107 ARG A NH1 1 
ATOM   742  N NH2 . ARG A 1 97  ? -6.658  -0.810  13.981  1.00 19.92 ? 107 ARG A NH2 1 
ATOM   743  N N   . GLN A 1 98  ? -6.003  2.146   9.956   1.00 12.14 ? 108 GLN A N   1 
ATOM   744  C CA  . GLN A 1 98  ? -7.075  3.098   10.242  1.00 12.48 ? 108 GLN A CA  1 
ATOM   745  C C   . GLN A 1 98  ? -8.399  2.676   9.633   1.00 12.71 ? 108 GLN A C   1 
ATOM   746  O O   . GLN A 1 98  ? -9.462  3.136   10.069  1.00 14.27 ? 108 GLN A O   1 
ATOM   747  C CB  . GLN A 1 98  ? -6.677  4.462   9.670   1.00 12.59 ? 108 GLN A CB  1 
ATOM   748  C CG  . GLN A 1 98  ? -7.616  5.573   9.993   1.00 14.95 ? 108 GLN A CG  1 
ATOM   749  C CD  . GLN A 1 98  ? -6.919  6.908   10.099  1.00 17.19 ? 108 GLN A CD  1 
ATOM   750  O OE1 . GLN A 1 98  ? -7.131  7.648   11.068  1.00 19.88 ? 108 GLN A OE1 1 
ATOM   751  N NE2 . GLN A 1 98  ? -6.087  7.233   9.118   1.00 15.47 ? 108 GLN A NE2 1 
ATOM   752  N N   . ASN A 1 99  ? -8.345  1.795   8.646   1.00 12.80 ? 109 ASN A N   1 
ATOM   753  C CA  . ASN A 1 99  ? -9.548  1.386   7.931   1.00 12.92 ? 109 ASN A CA  1 
ATOM   754  C C   . ASN A 1 99  ? -9.902  -0.099  8.054   1.00 13.33 ? 109 ASN A C   1 
ATOM   755  O O   . ASN A 1 99  ? -10.745 -0.614  7.305   1.00 13.28 ? 109 ASN A O   1 
ATOM   756  C CB  . ASN A 1 99  ? -9.435  1.836   6.484   1.00 12.60 ? 109 ASN A CB  1 
ATOM   757  C CG  . ASN A 1 99  ? -9.497  3.340   6.370   1.00 12.18 ? 109 ASN A CG  1 
ATOM   758  O OD1 . ASN A 1 99  ? -10.541 3.939   6.652   1.00 12.66 ? 109 ASN A OD1 1 
ATOM   759  N ND2 . ASN A 1 99  ? -8.378  3.972   6.013   1.00 12.44 ? 109 ASN A ND2 1 
ATOM   760  N N   . LEU A 1 100 ? -9.292  -0.780  9.015   1.00 14.19 ? 110 LEU A N   1 
ATOM   761  C CA  . LEU A 1 100 ? -9.652  -2.174  9.274   1.00 15.94 ? 110 LEU A CA  1 
ATOM   762  C C   . LEU A 1 100 ? -11.134 -2.297  9.627   1.00 16.81 ? 110 LEU A C   1 
ATOM   763  O O   . LEU A 1 100 ? -11.760 -3.326  9.357   1.00 18.04 ? 110 LEU A O   1 
ATOM   764  C CB  . LEU A 1 100 ? -8.838  -2.745  10.428  1.00 16.73 ? 110 LEU A CB  1 
ATOM   765  C CG  . LEU A 1 100 ? -7.421  -3.189  10.089  1.00 17.39 ? 110 LEU A CG  1 
ATOM   766  C CD1 . LEU A 1 100 ? -6.697  -3.650  11.342  1.00 17.97 ? 110 LEU A CD1 1 
ATOM   767  C CD2 . LEU A 1 100 ? -7.432  -4.299  9.044   1.00 17.58 ? 110 LEU A CD2 1 
ATOM   768  N N   . ASN A 1 101 ? -11.690 -1.249  10.228  1.00 17.24 ? 111 ASN A N   1 
ATOM   769  C CA  . ASN A 1 101 ? -13.088 -1.245  10.652  1.00 18.32 ? 111 ASN A CA  1 
ATOM   770  C C   . ASN A 1 101 ? -14.081 -1.408  9.502   1.00 17.92 ? 111 ASN A C   1 
ATOM   771  O O   . ASN A 1 101 ? -15.242 -1.754  9.738   1.00 18.98 ? 111 ASN A O   1 
ATOM   772  C CB  . ASN A 1 101 ? -13.409 -0.006  11.512  1.00 18.79 ? 111 ASN A CB  1 
ATOM   773  C CG  . ASN A 1 101 ? -13.360 1.305   10.742  1.00 19.73 ? 111 ASN A CG  1 
ATOM   774  O OD1 . ASN A 1 101 ? -14.034 2.264   11.119  1.00 24.25 ? 111 ASN A OD1 1 
ATOM   775  N ND2 . ASN A 1 101 ? -12.557 1.370   9.693   1.00 19.22 ? 111 ASN A ND2 1 
ATOM   776  N N   . THR A 1 102 ? -13.635 -1.184  8.269   1.00 16.94 ? 112 THR A N   1 
ATOM   777  C CA  . THR A 1 102 ? -14.501 -1.363  7.109   1.00 16.51 ? 112 THR A CA  1 
ATOM   778  C C   . THR A 1 102 ? -13.936 -2.339  6.071   1.00 15.81 ? 112 THR A C   1 
ATOM   779  O O   . THR A 1 102 ? -14.536 -2.505  5.019   1.00 16.10 ? 112 THR A O   1 
ATOM   780  C CB  . THR A 1 102 ? -14.849 -0.013  6.433   1.00 16.37 ? 112 THR A CB  1 
ATOM   781  O OG1 . THR A 1 102 ? -13.656 0.636   5.957   1.00 16.33 ? 112 THR A OG1 1 
ATOM   782  C CG2 . THR A 1 102 ? -15.463 0.963   7.434   1.00 17.01 ? 112 THR A CG2 1 
ATOM   783  N N   . TYR A 1 103 ? -12.785 -2.953  6.339   1.00 15.53 ? 113 TYR A N   1 
ATOM   784  C CA  . TYR A 1 103 ? -12.234 -3.968  5.436   1.00 15.54 ? 113 TYR A CA  1 
ATOM   785  C C   . TYR A 1 103 ? -13.328 -5.009  5.141   1.00 15.88 ? 113 TYR A C   1 
ATOM   786  O O   . TYR A 1 103 ? -14.004 -5.465  6.070   1.00 16.11 ? 113 TYR A O   1 
ATOM   787  C CB  . TYR A 1 103 ? -11.029 -4.661  6.090   1.00 15.43 ? 113 TYR A CB  1 
ATOM   788  C CG  . TYR A 1 103 ? -10.363 -5.696  5.202   1.00 15.75 ? 113 TYR A CG  1 
ATOM   789  C CD1 . TYR A 1 103 ? -10.900 -6.972  5.063   1.00 16.73 ? 113 TYR A CD1 1 
ATOM   790  C CD2 . TYR A 1 103 ? -9.208  -5.393  4.492   1.00 14.95 ? 113 TYR A CD2 1 
ATOM   791  C CE1 . TYR A 1 103 ? -10.311 -7.917  4.253   1.00 16.70 ? 113 TYR A CE1 1 
ATOM   792  C CE2 . TYR A 1 103 ? -8.607  -6.339  3.669   1.00 15.25 ? 113 TYR A CE2 1 
ATOM   793  C CZ  . TYR A 1 103 ? -9.166  -7.599  3.548   1.00 15.73 ? 113 TYR A CZ  1 
ATOM   794  O OH  . TYR A 1 103 ? -8.579  -8.553  2.735   1.00 16.50 ? 113 TYR A OH  1 
ATOM   795  N N   . SER A 1 104 ? -13.512 -5.367  3.870   1.00 16.12 ? 114 SER A N   1 
ATOM   796  C CA  . SER A 1 104 ? -14.536 -6.347  3.494   1.00 17.48 ? 114 SER A CA  1 
ATOM   797  C C   . SER A 1 104 ? -13.976 -7.449  2.599   1.00 18.09 ? 114 SER A C   1 
ATOM   798  O O   . SER A 1 104 ? -13.452 -7.184  1.521   1.00 17.15 ? 114 SER A O   1 
ATOM   799  C CB  . SER A 1 104 ? -15.694 -5.667  2.776   1.00 17.40 ? 114 SER A CB  1 
ATOM   800  O OG  . SER A 1 104 ? -16.700 -6.617  2.470   1.00 21.80 ? 114 SER A OG  1 
ATOM   801  N N   . LYS A 1 105 ? -14.130 -8.693  3.036   1.00 19.65 ? 115 LYS A N   1 
ATOM   802  C CA  . LYS A 1 105 ? -13.636 -9.835  2.275   1.00 20.79 ? 115 LYS A CA  1 
ATOM   803  C C   . LYS A 1 105 ? -14.243 -9.948  0.871   1.00 21.14 ? 115 LYS A C   1 
ATOM   804  O O   . LYS A 1 105 ? -13.634 -10.552 -0.010  1.00 21.61 ? 115 LYS A O   1 
ATOM   805  C CB  . LYS A 1 105 ? -13.880 -11.131 3.046   1.00 21.54 ? 115 LYS A CB  1 
ATOM   806  C CG  . LYS A 1 105 ? -12.925 -11.336 4.200   1.00 23.35 ? 115 LYS A CG  1 
ATOM   807  C CD  . LYS A 1 105 ? -13.198 -12.650 4.921   1.00 25.81 ? 115 LYS A CD  1 
ATOM   808  C CE  . LYS A 1 105 ? -11.917 -13.290 5.423   1.00 27.40 ? 115 LYS A CE  1 
ATOM   809  N NZ  . LYS A 1 105 ? -12.116 -14.705 5.847   1.00 29.29 ? 115 LYS A NZ  1 
ATOM   810  N N   . LYS A 1 106 ? -15.428 -9.388  0.655   1.00 21.00 ? 116 LYS A N   1 
ATOM   811  C CA  . LYS A 1 106 ? -16.056 -9.432  -0.664  1.00 21.44 ? 116 LYS A CA  1 
ATOM   812  C C   . LYS A 1 106 ? -15.199 -8.765  -1.745  1.00 20.89 ? 116 LYS A C   1 
ATOM   813  O O   . LYS A 1 106 ? -15.409 -9.009  -2.936  1.00 21.62 ? 116 LYS A O   1 
ATOM   814  C CB  . LYS A 1 106 ? -17.452 -8.798  -0.643  1.00 21.78 ? 116 LYS A CB  1 
ATOM   815  C CG  . LYS A 1 106 ? -17.469 -7.284  -0.527  1.00 23.16 ? 116 LYS A CG  1 
ATOM   816  C CD  . LYS A 1 106 ? -18.866 -6.757  -0.244  1.00 25.77 ? 116 LYS A CD  1 
ATOM   817  C CE  . LYS A 1 106 ? -18.825 -5.424  0.483   1.00 26.92 ? 116 LYS A CE  1 
ATOM   818  N NZ  . LYS A 1 106 ? -18.932 -5.601  1.959   1.00 28.50 ? 116 LYS A NZ  1 
ATOM   819  N N   . TYR A 1 107 ? -14.239 -7.929  -1.340  1.00 20.11 ? 117 TYR A N   1 
ATOM   820  C CA  . TYR A 1 107 ? -13.374 -7.237  -2.299  1.00 19.48 ? 117 TYR A CA  1 
ATOM   821  C C   . TYR A 1 107 ? -12.063 -7.982  -2.579  1.00 19.17 ? 117 TYR A C   1 
ATOM   822  O O   . TYR A 1 107 ? -11.252 -7.520  -3.377  1.00 18.62 ? 117 TYR A O   1 
ATOM   823  C CB  . TYR A 1 107 ? -13.104 -5.793  -1.854  1.00 19.61 ? 117 TYR A CB  1 
ATOM   824  C CG  . TYR A 1 107 ? -14.344 -4.917  -1.874  1.00 19.25 ? 117 TYR A CG  1 
ATOM   825  C CD1 . TYR A 1 107 ? -15.158 -4.829  -3.005  1.00 20.46 ? 117 TYR A CD1 1 
ATOM   826  C CD2 . TYR A 1 107 ? -14.711 -4.171  -0.758  1.00 19.57 ? 117 TYR A CD2 1 
ATOM   827  C CE1 . TYR A 1 107 ? -16.293 -4.038  -3.021  1.00 21.73 ? 117 TYR A CE1 1 
ATOM   828  C CE2 . TYR A 1 107 ? -15.843 -3.371  -0.772  1.00 21.39 ? 117 TYR A CE2 1 
ATOM   829  C CZ  . TYR A 1 107 ? -16.630 -3.312  -1.905  1.00 21.69 ? 117 TYR A CZ  1 
ATOM   830  O OH  . TYR A 1 107 ? -17.755 -2.523  -1.928  1.00 24.12 ? 117 TYR A OH  1 
ATOM   831  N N   . MET A 1 108 ? -11.881 -9.148  -1.963  1.00 19.30 ? 118 MET A N   1 
ATOM   832  C CA  . MET A 1 108 ? -10.707 -9.949  -2.267  1.00 19.79 ? 118 MET A CA  1 
ATOM   833  C C   . MET A 1 108 ? -10.901 -10.602 -3.633  1.00 19.14 ? 118 MET A C   1 
ATOM   834  O O   . MET A 1 108 ? -12.010 -11.051 -3.937  1.00 19.33 ? 118 MET A O   1 
ATOM   835  C CB  . MET A 1 108 ? -10.475 -11.044 -1.220  1.00 20.25 ? 118 MET A CB  1 
ATOM   836  C CG  . MET A 1 108 ? -10.046 -10.574 0.162   1.00 22.05 ? 118 MET A CG  1 
ATOM   837  S SD  . MET A 1 108 ? -9.864  -11.907 1.369   1.00 26.69 ? 118 MET A SD  1 
ATOM   838  C CE  . MET A 1 108 ? -8.099  -12.197 1.295   1.00 26.18 ? 118 MET A CE  1 
ATOM   839  N N   . LEU A 1 109 ? -9.845  -10.679 -4.441  1.00 19.23 ? 119 LEU A N   1 
ATOM   840  C CA  . LEU A 1 109 ? -9.926  -11.240 -5.792  1.00 19.21 ? 119 LEU A CA  1 
ATOM   841  C C   . LEU A 1 109 ? -10.993 -10.510 -6.621  1.00 18.75 ? 119 LEU A C   1 
ATOM   842  O O   . LEU A 1 109 ? -11.693 -11.132 -7.417  1.00 19.49 ? 119 LEU A O   1 
ATOM   843  C CB  . LEU A 1 109 ? -10.198 -12.757 -5.744  1.00 19.21 ? 119 LEU A CB  1 
ATOM   844  C CG  . LEU A 1 109 ? -9.160  -13.617 -5.000  1.00 20.01 ? 119 LEU A CG  1 
ATOM   845  C CD1 . LEU A 1 109 ? -9.590  -15.074 -4.901  1.00 20.81 ? 119 LEU A CD1 1 
ATOM   846  C CD2 . LEU A 1 109 ? -7.783  -13.529 -5.645  1.00 21.24 ? 119 LEU A CD2 1 
ATOM   847  N N   . TYR A 1 110 ? -11.096 -9.188  -6.449  1.00 17.76 ? 120 TYR A N   1 
ATOM   848  C CA  . TYR A 1 110 ? -12.104 -8.381  -7.145  1.00 16.93 ? 120 TYR A CA  1 
ATOM   849  C C   . TYR A 1 110 ? -11.851 -8.403  -8.658  1.00 16.34 ? 120 TYR A C   1 
ATOM   850  O O   . TYR A 1 110 ? -10.731 -8.147  -9.097  1.00 15.82 ? 120 TYR A O   1 
ATOM   851  C CB  . TYR A 1 110 ? -12.080 -6.943  -6.614  1.00 17.25 ? 120 TYR A CB  1 
ATOM   852  C CG  . TYR A 1 110 ? -13.331 -6.160  -6.927  1.00 17.45 ? 120 TYR A CG  1 
ATOM   853  C CD1 . TYR A 1 110 ? -14.558 -6.522  -6.381  1.00 18.12 ? 120 TYR A CD1 1 
ATOM   854  C CD2 . TYR A 1 110 ? -13.290 -5.058  -7.766  1.00 17.95 ? 120 TYR A CD2 1 
ATOM   855  C CE1 . TYR A 1 110 ? -15.703 -5.812  -6.665  1.00 17.95 ? 120 TYR A CE1 1 
ATOM   856  C CE2 . TYR A 1 110 ? -14.429 -4.339  -8.053  1.00 18.55 ? 120 TYR A CE2 1 
ATOM   857  C CZ  . TYR A 1 110 ? -15.635 -4.719  -7.500  1.00 19.10 ? 120 TYR A CZ  1 
ATOM   858  O OH  . TYR A 1 110 ? -16.766 -3.993  -7.794  1.00 20.05 ? 120 TYR A OH  1 
ATOM   859  N N   . PRO A 1 111 ? -12.863 -8.717  -9.464  1.00 15.44 ? 121 PRO A N   1 
ATOM   860  C CA  . PRO A 1 111 ? -12.640 -8.806  -10.918 1.00 15.09 ? 121 PRO A CA  1 
ATOM   861  C C   . PRO A 1 111 ? -12.397 -7.463  -11.604 1.00 14.79 ? 121 PRO A C   1 
ATOM   862  O O   . PRO A 1 111 ? -13.092 -6.473  -11.328 1.00 14.76 ? 121 PRO A O   1 
ATOM   863  C CB  . PRO A 1 111 ? -13.925 -9.456  -11.427 1.00 15.03 ? 121 PRO A CB  1 
ATOM   864  C CG  . PRO A 1 111 ? -14.944 -9.011  -10.462 1.00 16.26 ? 121 PRO A CG  1 
ATOM   865  C CD  . PRO A 1 111 ? -14.249 -9.069  -9.111  1.00 15.98 ? 121 PRO A CD  1 
ATOM   866  N N   . ASP A 1 112 ? -11.424 -7.463  -12.508 1.00 14.44 ? 122 ASP A N   1 
ATOM   867  C CA  . ASP A 1 112 ? -10.983 -6.292  -13.267 1.00 14.98 ? 122 ASP A CA  1 
ATOM   868  C C   . ASP A 1 112 ? -12.143 -5.540  -13.980 1.00 14.89 ? 122 ASP A C   1 
ATOM   869  O O   . ASP A 1 112 ? -12.179 -4.317  -13.928 1.00 15.20 ? 122 ASP A O   1 
ATOM   870  C CB  . ASP A 1 112 ? -9.939  -6.704  -14.283 1.00 15.44 ? 122 ASP A CB  1 
ATOM   871  C CG  . ASP A 1 112 ? -9.436  -5.529  -15.064 1.00 17.40 ? 122 ASP A CG  1 
ATOM   872  O OD1 . ASP A 1 112 ? -10.010 -5.214  -16.131 1.00 18.63 ? 122 ASP A OD1 1 
ATOM   873  O OD2 . ASP A 1 112 ? -8.441  -4.911  -14.610 1.00 20.77 ? 122 ASP A OD2 1 
ATOM   874  N N   . PHE A 1 113 ? -13.093 -6.245  -14.619 1.00 16.01 ? 124 PHE A N   1 
ATOM   875  C CA  . PHE A 1 113 ? -14.152 -5.510  -15.378 1.00 16.91 ? 124 PHE A CA  1 
ATOM   876  C C   . PHE A 1 113 ? -15.032 -4.585  -14.539 1.00 17.24 ? 124 PHE A C   1 
ATOM   877  O O   . PHE A 1 113 ? -15.683 -3.684  -15.073 1.00 17.65 ? 124 PHE A O   1 
ATOM   878  C CB  . PHE A 1 113 ? -14.979 -6.499  -16.186 1.00 17.40 ? 124 PHE A CB  1 
ATOM   879  C CG  . PHE A 1 113 ? -16.120 -7.105  -15.430 1.00 18.71 ? 124 PHE A CG  1 
ATOM   880  C CD1 . PHE A 1 113 ? -15.876 -8.086  -14.485 1.00 18.96 ? 124 PHE A CD1 1 
ATOM   881  C CD2 . PHE A 1 113 ? -17.425 -6.703  -15.648 1.00 20.62 ? 124 PHE A CD2 1 
ATOM   882  C CE1 . PHE A 1 113 ? -16.906 -8.651  -13.773 1.00 19.52 ? 124 PHE A CE1 1 
ATOM   883  C CE2 . PHE A 1 113 ? -18.460 -7.267  -14.941 1.00 21.15 ? 124 PHE A CE2 1 
ATOM   884  C CZ  . PHE A 1 113 ? -18.204 -8.242  -14.001 1.00 21.10 ? 124 PHE A CZ  1 
ATOM   885  N N   . LEU A 1 114 ? -15.056 -4.778  -13.221 1.00 17.69 ? 125 LEU A N   1 
ATOM   886  C CA  . LEU A 1 114 ? -15.818 -3.897  -12.336 1.00 18.57 ? 125 LEU A CA  1 
ATOM   887  C C   . LEU A 1 114 ? -15.023 -2.639  -11.954 1.00 18.89 ? 125 LEU A C   1 
ATOM   888  O O   . LEU A 1 114 ? -15.480 -1.818  -11.153 1.00 19.81 ? 125 LEU A O   1 
ATOM   889  C CB  . LEU A 1 114 ? -16.265 -4.657  -11.089 1.00 18.58 ? 125 LEU A CB  1 
ATOM   890  C CG  . LEU A 1 114 ? -17.303 -5.746  -11.390 1.00 20.07 ? 125 LEU A CG  1 
ATOM   891  C CD1 . LEU A 1 114 ? -17.659 -6.539  -10.149 1.00 20.82 ? 125 LEU A CD1 1 
ATOM   892  C CD2 . LEU A 1 114 ? -18.561 -5.143  -12.000 1.00 21.60 ? 125 LEU A CD2 1 
ATOM   893  N N   . CYS A 1 115 ? -13.845 -2.486  -12.547 1.00 19.27 ? 126 CYS A N   1 
ATOM   894  C CA  . CYS A 1 115 ? -12.991 -1.326  -12.300 1.00 20.17 ? 126 CYS A CA  1 
ATOM   895  C C   . CYS A 1 115 ? -12.758 -0.571  -13.599 1.00 21.91 ? 126 CYS A C   1 
ATOM   896  O O   . CYS A 1 115 ? -11.836 -0.907  -14.341 1.00 22.81 ? 126 CYS A O   1 
ATOM   897  C CB  . CYS A 1 115 ? -11.643 -1.786  -11.763 1.00 19.93 ? 126 CYS A CB  1 
ATOM   898  S SG  . CYS A 1 115 ? -11.763 -2.730  -10.242 1.00 17.26 ? 126 CYS A SG  1 
ATOM   899  N N   . LYS A 1 116 ? -13.573 0.447   -13.863 1.00 23.67 ? 127 LYS A N   1 
ATOM   900  C CA  . LYS A 1 116 ? -13.463 1.204   -15.107 1.00 24.94 ? 127 LYS A CA  1 
ATOM   901  C C   . LYS A 1 116 ? -13.338 2.698   -14.828 1.00 25.58 ? 127 LYS A C   1 
ATOM   902  O O   . LYS A 1 116 ? -13.897 3.202   -13.852 1.00 26.01 ? 127 LYS A O   1 
ATOM   903  C CB  . LYS A 1 116 ? -14.695 0.989   -16.005 1.00 25.39 ? 127 LYS A CB  1 
ATOM   904  C CG  . LYS A 1 116 ? -15.509 -0.283  -15.754 1.00 26.86 ? 127 LYS A CG  1 
ATOM   905  C CD  . LYS A 1 116 ? -17.011 0.030   -15.745 1.00 28.63 ? 127 LYS A CD  1 
ATOM   906  C CE  . LYS A 1 116 ? -17.656 -0.117  -17.112 1.00 29.44 ? 127 LYS A CE  1 
ATOM   907  N NZ  . LYS A 1 116 ? -18.488 -1.352  -17.193 1.00 30.75 ? 127 LYS A NZ  1 
ATOM   908  N N   . GLY A 1 117 ? -12.610 3.400   -15.689 1.00 26.34 ? 128 GLY A N   1 
ATOM   909  C CA  . GLY A 1 117 ? -12.516 4.846   -15.598 1.00 26.80 ? 128 GLY A CA  1 
ATOM   910  C C   . GLY A 1 117 ? -11.260 5.331   -14.911 1.00 27.27 ? 128 GLY A C   1 
ATOM   911  O O   . GLY A 1 117 ? -10.758 4.694   -13.991 1.00 27.49 ? 128 GLY A O   1 
ATOM   912  N N   . GLU A 1 118 ? -10.758 6.477   -15.354 1.00 27.79 ? 129 GLU A N   1 
ATOM   913  C CA  . GLU A 1 118 ? -9.562  7.050   -14.756 1.00 27.98 ? 129 GLU A CA  1 
ATOM   914  C C   . GLU A 1 118 ? -9.918  7.928   -13.582 1.00 27.44 ? 129 GLU A C   1 
ATOM   915  O O   . GLU A 1 118 ? -10.932 8.623   -13.584 1.00 27.60 ? 129 GLU A O   1 
ATOM   916  C CB  . GLU A 1 118 ? -8.765  7.877   -15.761 1.00 28.38 ? 129 GLU A CB  1 
ATOM   917  C CG  . GLU A 1 118 ? -7.407  7.285   -16.094 1.00 30.04 ? 129 GLU A CG  1 
ATOM   918  C CD  . GLU A 1 118 ? -6.421  7.360   -14.944 1.00 31.90 ? 129 GLU A CD  1 
ATOM   919  O OE1 . GLU A 1 118 ? -5.519  8.224   -14.984 1.00 34.16 ? 129 GLU A OE1 1 
ATOM   920  O OE2 . GLU A 1 118 ? -6.540  6.547   -14.003 1.00 33.66 ? 129 GLU A OE2 1 
ATOM   921  N N   . LEU A 1 119 ? -9.063  7.866   -12.573 1.00 26.77 ? 130 LEU A N   1 
ATOM   922  C CA  . LEU A 1 119 ? -9.185  8.696   -11.398 1.00 26.17 ? 130 LEU A CA  1 
ATOM   923  C C   . LEU A 1 119 ? -7.817  9.323   -11.253 1.00 25.25 ? 130 LEU A C   1 
ATOM   924  O O   . LEU A 1 119 ? -6.827  8.620   -11.048 1.00 24.73 ? 130 LEU A O   1 
ATOM   925  C CB  . LEU A 1 119 ? -9.538  7.848   -10.184 1.00 26.57 ? 130 LEU A CB  1 
ATOM   926  C CG  . LEU A 1 119 ? -10.315 8.579   -9.095  1.00 27.87 ? 130 LEU A CG  1 
ATOM   927  C CD1 . LEU A 1 119 ? -11.046 7.578   -8.234  1.00 28.69 ? 130 LEU A CD1 1 
ATOM   928  C CD2 . LEU A 1 119 ? -9.399  9.454   -8.266  1.00 28.57 ? 130 LEU A CD2 1 
ATOM   929  N N   . LYS A 1 120 ? -7.749  10.641  -11.389 1.00 24.01 ? 131 LYS A N   1 
ATOM   930  C CA  . LYS A 1 120 ? -6.471  11.334  -11.340 1.00 23.52 ? 131 LYS A CA  1 
ATOM   931  C C   . LYS A 1 120 ? -5.902  11.433  -9.911  1.00 22.76 ? 131 LYS A C   1 
ATOM   932  O O   . LYS A 1 120 ? -6.624  11.696  -8.957  1.00 21.68 ? 131 LYS A O   1 
ATOM   933  C CB  . LYS A 1 120 ? -6.593  12.730  -11.950 1.00 23.73 ? 131 LYS A CB  1 
ATOM   934  C CG  . LYS A 1 120 ? -7.261  12.736  -13.316 1.00 24.68 ? 131 LYS A CG  1 
ATOM   935  C CD  . LYS A 1 120 ? -7.220  14.115  -13.954 1.00 25.30 ? 131 LYS A CD  1 
ATOM   936  C CE  . LYS A 1 120 ? -7.772  14.083  -15.373 1.00 26.08 ? 131 LYS A CE  1 
ATOM   937  N NZ  . LYS A 1 120 ? -7.745  15.431  -16.009 1.00 26.62 ? 131 LYS A NZ  1 
ATOM   938  N N   . CYS A 1 121 ? -4.575  11.267  -9.778  1.00 18.35 ? 133 CYS A N   1 
ATOM   939  C CA  . CYS A 1 121 ? -3.847  11.351  -8.505  1.00 18.25 ? 133 CYS A CA  1 
ATOM   940  C C   . CYS A 1 121 ? -3.861  12.791  -7.976  1.00 18.73 ? 133 CYS A C   1 
ATOM   941  O O   . CYS A 1 121 ? -3.788  13.017  -6.766  1.00 19.96 ? 133 CYS A O   1 
ATOM   942  C CB  . CYS A 1 121 ? -2.405  10.884  -8.667  1.00 17.90 ? 133 CYS A CB  1 
ATOM   943  S SG  . CYS A 1 121 ? -2.204  9.072   -8.583  1.00 17.45 ? 133 CYS A SG  1 
HETATM 944  C C10 . OIN B 2 .   ? 6.493   0.005   -7.661  0.30 21.80 ? 401 OIN A C10 1 
HETATM 945  N N   . OIN B 2 .   ? 5.748   -0.347  -8.879  0.30 21.68 ? 401 OIN A N   1 
HETATM 946  C C11 . OIN B 2 .   ? 4.857   0.545   -9.468  0.30 21.53 ? 401 OIN A C11 1 
HETATM 947  C C17 . OIN B 2 .   ? 4.621   -0.083  -10.798 0.30 21.80 ? 401 OIN A C17 1 
HETATM 948  C C16 . OIN B 2 .   ? 4.471   -1.518  -10.289 0.30 22.01 ? 401 OIN A C16 1 
HETATM 949  C C15 . OIN B 2 .   ? 4.700   -1.249  -8.839  0.30 21.78 ? 401 OIN A C15 1 
HETATM 950  C C14 . OIN B 2 .   ? 3.571   -1.147  -7.853  0.30 21.05 ? 401 OIN A C14 1 
HETATM 951  C C13 . OIN B 2 .   ? 2.884   0.173   -8.062  0.30 20.04 ? 401 OIN A C13 1 
HETATM 952  C C12 . OIN B 2 .   ? 3.751   1.250   -8.719  0.30 21.02 ? 401 OIN A C12 1 
HETATM 953  O O2  . OIN B 2 .   ? 1.538   0.332   -7.479  0.30 17.67 ? 401 OIN A O2  1 
HETATM 954  C C7  . OIN B 2 .   ? 1.193   -0.670  -6.443  0.30 15.22 ? 401 OIN A C7  1 
HETATM 955  O O3  . OIN B 2 .   ? 1.634   -0.492  -5.314  0.30 15.87 ? 401 OIN A O3  1 
HETATM 956  C C9  . OIN B 2 .   ? 0.279   -1.862  -6.734  0.30 13.87 ? 401 OIN A C9  1 
HETATM 957  C C8  . OIN B 2 .   ? -0.448  -2.317  -5.476  0.30 13.07 ? 401 OIN A C8  1 
HETATM 958  O OH  . OIN B 2 .   ? -1.329  -1.328  -4.971  0.30 14.61 ? 401 OIN A OH  1 
HETATM 959  C C6  . OIN B 2 .   ? 0.997   -3.007  -7.383  0.30 12.97 ? 401 OIN A C6  1 
HETATM 960  C C5  . OIN B 2 .   ? 0.531   -3.498  -8.596  0.30 13.42 ? 401 OIN A C5  1 
HETATM 961  C C4  . OIN B 2 .   ? 1.187   -4.537  -9.240  0.30 13.41 ? 401 OIN A C4  1 
HETATM 962  C C3  . OIN B 2 .   ? 2.314   -5.105  -8.675  0.30 13.44 ? 401 OIN A C3  1 
HETATM 963  C C2  . OIN B 2 .   ? 2.790   -4.622  -7.471  0.30 12.72 ? 401 OIN A C2  1 
HETATM 964  C C1  . OIN B 2 .   ? 2.133   -3.584  -6.825  0.30 13.23 ? 401 OIN A C1  1 
HETATM 965  S S   . SO4 C 3 .   ? 15.810  -6.427  5.096   1.00 20.16 ? 301 SO4 A S   1 
HETATM 966  O O1  . SO4 C 3 .   ? 14.642  -6.299  4.226   1.00 19.43 ? 301 SO4 A O1  1 
HETATM 967  O O2  . SO4 C 3 .   ? 15.519  -7.494  6.048   1.00 20.93 ? 301 SO4 A O2  1 
HETATM 968  O O3  . SO4 C 3 .   ? 16.967  -6.829  4.298   1.00 21.34 ? 301 SO4 A O3  1 
HETATM 969  O O4  . SO4 C 3 .   ? 16.098  -5.149  5.756   1.00 20.72 ? 301 SO4 A O4  1 
HETATM 970  S S   . SO4 D 3 .   ? -16.513 -9.264  6.052   1.00 45.13 ? 302 SO4 A S   1 
HETATM 971  O O1  . SO4 D 3 .   ? -15.187 -9.085  5.467   1.00 44.78 ? 302 SO4 A O1  1 
HETATM 972  O O2  . SO4 D 3 .   ? -17.463 -8.386  5.377   1.00 45.28 ? 302 SO4 A O2  1 
HETATM 973  O O3  . SO4 D 3 .   ? -16.940 -10.650 5.887   1.00 45.23 ? 302 SO4 A O3  1 
HETATM 974  O O4  . SO4 D 3 .   ? -16.466 -8.932  7.473   1.00 45.24 ? 302 SO4 A O4  1 
HETATM 975  S S   . SO4 E 3 .   ? -17.155 4.778   1.002   1.00 38.18 ? 303 SO4 A S   1 
HETATM 976  O O1  . SO4 E 3 .   ? -17.786 6.047   0.648   1.00 38.70 ? 303 SO4 A O1  1 
HETATM 977  O O2  . SO4 E 3 .   ? -16.445 4.242   -0.154  1.00 37.89 ? 303 SO4 A O2  1 
HETATM 978  O O3  . SO4 E 3 .   ? -16.216 4.999   2.099   1.00 38.18 ? 303 SO4 A O3  1 
HETATM 979  O O4  . SO4 E 3 .   ? -18.181 3.830   1.426   1.00 38.97 ? 303 SO4 A O4  1 
HETATM 980  S S   . SO4 F 3 .   ? -16.562 7.235   -3.810  1.00 76.06 ? 304 SO4 A S   1 
HETATM 981  O O1  . SO4 F 3 .   ? -15.184 7.428   -4.246  1.00 76.10 ? 304 SO4 A O1  1 
HETATM 982  O O2  . SO4 F 3 .   ? -17.470 7.603   -4.894  1.00 76.07 ? 304 SO4 A O2  1 
HETATM 983  O O3  . SO4 F 3 .   ? -16.769 5.833   -3.456  1.00 76.05 ? 304 SO4 A O3  1 
HETATM 984  O O4  . SO4 F 3 .   ? -16.828 8.074   -2.646  1.00 76.10 ? 304 SO4 A O4  1 
HETATM 985  O O   . HOH G 4 .   ? 18.239  3.504   -4.054  1.00 9.83  ? 402 HOH A O   1 
HETATM 986  O O   . HOH G 4 .   ? 8.856   -0.937  -0.952  1.00 10.94 ? 403 HOH A O   1 
HETATM 987  O O   . HOH G 4 .   ? 16.630  7.770   -9.205  1.00 11.67 ? 404 HOH A O   1 
HETATM 988  O O   . HOH G 4 .   ? 0.874   5.818   0.471   1.00 10.12 ? 405 HOH A O   1 
HETATM 989  O O   . HOH G 4 .   ? -1.620  4.965   1.260   1.00 10.87 ? 406 HOH A O   1 
HETATM 990  O O   . HOH G 4 .   ? 16.292  3.583   -8.416  1.00 12.30 ? 407 HOH A O   1 
HETATM 991  O O   . HOH G 4 .   ? 20.448  9.209   -2.648  1.00 12.68 ? 408 HOH A O   1 
HETATM 992  O O   . HOH G 4 .   ? 4.522   8.448   5.774   1.00 11.95 ? 409 HOH A O   1 
HETATM 993  O O   . HOH G 4 .   ? 14.793  2.864   -6.038  1.00 11.30 ? 410 HOH A O   1 
HETATM 994  O O   . HOH G 4 .   ? -12.120 -0.410  3.890   1.00 13.12 ? 411 HOH A O   1 
HETATM 995  O O   . HOH G 4 .   ? 20.382  1.728   -3.606  1.00 12.03 ? 412 HOH A O   1 
HETATM 996  O O   . HOH G 4 .   ? 3.317   9.075   2.166   1.00 11.21 ? 413 HOH A O   1 
HETATM 997  O O   . HOH G 4 .   ? -12.902 2.799   7.407   1.00 15.50 ? 414 HOH A O   1 
HETATM 998  O O   . HOH G 4 .   ? 7.363   9.673   -0.379  1.00 13.02 ? 415 HOH A O   1 
HETATM 999  O O   . HOH G 4 .   ? 17.906  8.003   -4.785  1.00 15.15 ? 416 HOH A O   1 
HETATM 1000 O O   . HOH G 4 .   ? 18.066  -2.794  -1.807  1.00 15.22 ? 417 HOH A O   1 
HETATM 1001 O O   . HOH G 4 .   ? -7.809  6.735   5.255   1.00 13.97 ? 418 HOH A O   1 
HETATM 1002 O O   . HOH G 4 .   ? 9.324   8.167   9.172   1.00 17.16 ? 419 HOH A O   1 
HETATM 1003 O O   . HOH G 4 .   ? -10.030 7.523   2.031   1.00 15.43 ? 420 HOH A O   1 
HETATM 1004 O O   . HOH G 4 .   ? -7.638  -2.238  5.965   1.00 13.61 ? 421 HOH A O   1 
HETATM 1005 O O   . HOH G 4 .   ? -8.176  5.701   2.736   1.00 13.52 ? 422 HOH A O   1 
HETATM 1006 O O   . HOH G 4 .   ? 21.380  2.183   0.849   1.00 13.58 ? 423 HOH A O   1 
HETATM 1007 O O   . HOH G 4 .   ? 18.689  -0.323  2.506   1.00 16.12 ? 424 HOH A O   1 
HETATM 1008 O O   . HOH G 4 .   ? 11.883  9.269   -9.066  1.00 16.70 ? 425 HOH A O   1 
HETATM 1009 O O   . HOH G 4 .   ? -14.927 2.335   3.519   1.00 18.79 ? 426 HOH A O   1 
HETATM 1010 O O   . HOH G 4 .   ? -2.680  15.405  -6.151  1.00 17.28 ? 427 HOH A O   1 
HETATM 1011 O O   . HOH G 4 .   ? -4.655  -12.354 6.187   1.00 17.75 ? 428 HOH A O   1 
HETATM 1012 O O   . HOH G 4 .   ? 6.653   -2.538  -3.154  1.00 16.96 ? 429 HOH A O   1 
HETATM 1013 O O   . HOH G 4 .   ? -11.717 -6.560  -17.695 1.00 19.07 ? 430 HOH A O   1 
HETATM 1014 O O   . HOH G 4 .   ? 17.290  -4.616  -3.564  1.00 16.16 ? 431 HOH A O   1 
HETATM 1015 O O   . HOH G 4 .   ? -15.884 -2.036  2.588   1.00 17.98 ? 432 HOH A O   1 
HETATM 1016 O O   . HOH G 4 .   ? -13.796 5.565   -3.438  1.00 18.22 ? 433 HOH A O   1 
HETATM 1017 O O   . HOH G 4 .   ? 18.016  5.018   13.985  1.00 17.85 ? 434 HOH A O   1 
HETATM 1018 O O   . HOH G 4 .   ? 19.076  7.107   9.991   1.00 24.12 ? 435 HOH A O   1 
HETATM 1019 O O   . HOH G 4 .   ? 10.333  -7.699  -2.552  1.00 18.54 ? 436 HOH A O   1 
HETATM 1020 O O   . HOH G 4 .   ? 14.081  -2.250  8.787   1.00 19.47 ? 437 HOH A O   1 
HETATM 1021 O O   . HOH G 4 .   ? 3.715   5.182   12.444  1.00 19.02 ? 438 HOH A O   1 
HETATM 1022 O O   . HOH G 4 .   ? 13.770  4.555   5.253   1.00 18.58 ? 439 HOH A O   1 
HETATM 1023 O O   . HOH G 4 .   ? 13.028  -7.415  0.308   1.00 22.49 ? 440 HOH A O   1 
HETATM 1024 O O   . HOH G 4 .   ? 6.143   10.419  8.323   1.00 20.97 ? 441 HOH A O   1 
HETATM 1025 O O   . HOH G 4 .   ? 16.991  3.019   4.623   1.00 20.61 ? 442 HOH A O   1 
HETATM 1026 O O   . HOH G 4 .   ? 16.052  11.210  -11.409 1.00 19.80 ? 443 HOH A O   1 
HETATM 1027 O O   . HOH G 4 .   ? -6.714  -5.363  -6.995  1.00 20.64 ? 444 HOH A O   1 
HETATM 1028 O O   . HOH G 4 .   ? -6.678  -9.189  -1.621  1.00 20.07 ? 445 HOH A O   1 
HETATM 1029 O O   . HOH G 4 .   ? -7.627  9.494   8.118   1.00 19.86 ? 446 HOH A O   1 
HETATM 1030 O O   . HOH G 4 .   ? 14.923  10.103  -5.296  1.00 23.07 ? 447 HOH A O   1 
HETATM 1031 O O   . HOH G 4 .   ? 14.816  -6.797  -2.417  1.00 20.89 ? 448 HOH A O   1 
HETATM 1032 O O   . HOH G 4 .   ? -9.650  0.456   12.090  1.00 21.79 ? 449 HOH A O   1 
HETATM 1033 O O   . HOH G 4 .   ? 14.289  8.228   5.776   1.00 21.85 ? 450 HOH A O   1 
HETATM 1034 O O   . HOH G 4 .   ? -14.373 -9.873  -5.219  1.00 23.72 ? 451 HOH A O   1 
HETATM 1035 O O   . HOH G 4 .   ? 6.336   9.793   -3.427  1.00 21.27 ? 452 HOH A O   1 
HETATM 1036 O O   . HOH G 4 .   ? 2.389   2.795   13.500  1.00 20.75 ? 453 HOH A O   1 
HETATM 1037 O O   . HOH G 4 .   ? 7.360   8.374   13.669  1.00 29.03 ? 454 HOH A O   1 
HETATM 1038 O O   . HOH G 4 .   ? -10.039 12.349  -11.696 1.00 33.52 ? 455 HOH A O   1 
HETATM 1039 O O   . HOH G 4 .   ? -11.395 4.776   10.900  1.00 22.66 ? 456 HOH A O   1 
HETATM 1040 O O   . HOH G 4 .   ? 20.464  5.375   8.379   1.00 23.65 ? 457 HOH A O   1 
HETATM 1041 O O   . HOH G 4 .   ? 6.310   -10.059 3.368   1.00 23.99 ? 458 HOH A O   1 
HETATM 1042 O O   . HOH G 4 .   ? 17.288  -9.519  -3.144  1.00 24.36 ? 459 HOH A O   1 
HETATM 1043 O O   . HOH G 4 .   ? 9.185   -4.712  6.985   1.00 19.74 ? 460 HOH A O   1 
HETATM 1044 O O   . HOH G 4 .   ? -8.549  -10.696 4.580   1.00 27.66 ? 461 HOH A O   1 
HETATM 1045 O O   . HOH G 4 .   ? 16.001  12.016  1.144   1.00 30.25 ? 462 HOH A O   1 
HETATM 1046 O O   . HOH G 4 .   ? -9.432  -0.887  14.329  1.00 23.76 ? 463 HOH A O   1 
HETATM 1047 O O   . HOH G 4 .   ? -2.903  -13.268 9.359   1.00 24.81 ? 464 HOH A O   1 
HETATM 1048 O O   . HOH G 4 .   ? -9.398  -5.696  -9.647  1.00 24.12 ? 465 HOH A O   1 
HETATM 1049 O O   . HOH G 4 .   ? -5.700  -11.838 10.776  1.00 26.31 ? 466 HOH A O   1 
HETATM 1050 O O   . HOH G 4 .   ? 13.991  -3.476  6.413   1.00 19.14 ? 467 HOH A O   1 
HETATM 1051 O O   . HOH G 4 .   ? -13.198 8.272   3.487   1.00 23.46 ? 468 HOH A O   1 
HETATM 1052 O O   . HOH G 4 .   ? -11.356 6.513   6.679   1.00 25.93 ? 469 HOH A O   1 
HETATM 1053 O O   . HOH G 4 .   ? -6.438  7.691   14.328  1.00 29.86 ? 470 HOH A O   1 
HETATM 1054 O O   . HOH G 4 .   ? 19.983  -0.957  -2.384  1.00 19.36 ? 471 HOH A O   1 
HETATM 1055 O O   . HOH G 4 .   ? -19.014 -4.771  -6.519  1.00 30.88 ? 472 HOH A O   1 
HETATM 1056 O O   . HOH G 4 .   ? -2.041  -12.163 12.869  1.00 25.77 ? 473 HOH A O   1 
HETATM 1057 O O   . HOH G 4 .   ? -18.240 0.513   -3.235  1.00 29.13 ? 474 HOH A O   1 
HETATM 1058 O O   . HOH G 4 .   ? -8.966  12.422  -8.603  1.00 35.81 ? 475 HOH A O   1 
HETATM 1059 O O   . HOH G 4 .   ? -2.854  -12.030 -4.959  1.00 28.80 ? 476 HOH A O   1 
HETATM 1060 O O   . HOH G 4 .   ? 2.142   -14.466 2.631   1.00 27.74 ? 477 HOH A O   1 
HETATM 1061 O O   . HOH G 4 .   ? 18.031  -10.750 3.017   1.00 41.33 ? 478 HOH A O   1 
HETATM 1062 O O   . HOH G 4 .   ? 19.164  10.236  1.598   1.00 24.88 ? 479 HOH A O   1 
HETATM 1063 O O   . HOH G 4 .   ? -13.005 -13.497 -3.043  1.00 30.16 ? 480 HOH A O   1 
HETATM 1064 O O   . HOH G 4 .   ? -16.481 1.939   -6.442  1.00 41.47 ? 481 HOH A O   1 
HETATM 1065 O O   . HOH G 4 .   ? 16.911  -0.418  11.887  1.00 23.22 ? 482 HOH A O   1 
HETATM 1066 O O   . HOH G 4 .   ? 18.301  7.242   17.117  1.00 24.45 ? 483 HOH A O   1 
HETATM 1067 O O   . HOH G 4 .   ? 16.754  13.861  -12.049 1.00 30.81 ? 484 HOH A O   1 
HETATM 1068 O O   . HOH G 4 .   ? -7.883  -1.490  -11.729 1.00 25.83 ? 485 HOH A O   1 
HETATM 1069 O O   . HOH G 4 .   ? 12.445  -0.845  16.335  1.00 28.18 ? 486 HOH A O   1 
HETATM 1070 O O   . HOH G 4 .   ? 7.638   -8.198  12.189  1.00 30.42 ? 487 HOH A O   1 
HETATM 1071 O O   . HOH G 4 .   ? 8.292   -0.979  19.677  1.00 29.90 ? 488 HOH A O   1 
HETATM 1072 O O   . HOH G 4 .   ? 21.181  -4.653  5.734   1.00 33.42 ? 489 HOH A O   1 
HETATM 1073 O O   . HOH G 4 .   ? 11.124  -8.141  4.613   1.00 24.61 ? 490 HOH A O   1 
HETATM 1074 O O   . HOH G 4 .   ? 12.216  -2.853  10.792  1.00 31.12 ? 491 HOH A O   1 
HETATM 1075 O O   . HOH G 4 .   ? 11.912  11.378  -14.176 1.00 31.10 ? 492 HOH A O   1 
HETATM 1076 O O   . HOH G 4 .   ? 13.612  3.181   18.494  1.00 31.68 ? 493 HOH A O   1 
HETATM 1077 O O   . HOH G 4 .   ? -17.346 -9.097  2.967   1.00 29.71 ? 494 HOH A O   1 
HETATM 1078 O O   . HOH G 4 .   ? -7.787  -10.008 10.541  1.00 34.94 ? 495 HOH A O   1 
HETATM 1079 O O   . HOH G 4 .   ? 15.050  5.610   18.314  1.00 30.70 ? 496 HOH A O   1 
HETATM 1080 O O   . HOH G 4 .   ? -9.029  -12.454 8.263   1.00 40.56 ? 497 HOH A O   1 
HETATM 1081 O O   . HOH G 4 .   ? -14.408 8.127   -9.074  1.00 33.85 ? 498 HOH A O   1 
HETATM 1082 O O   . HOH G 4 .   ? 18.046  -4.299  10.054  1.00 32.29 ? 499 HOH A O   1 
HETATM 1083 O O   . HOH G 4 .   ? -0.983  -16.491 1.225   1.00 31.14 ? 500 HOH A O   1 
HETATM 1084 O O   . HOH G 4 .   ? -13.982 -13.721 -6.938  1.00 37.31 ? 501 HOH A O   1 
HETATM 1085 O O   . HOH G 4 .   ? -14.049 4.231   9.521   1.00 36.26 ? 502 HOH A O   1 
HETATM 1086 O O   . HOH G 4 .   ? 12.191  9.569   9.428   1.00 36.57 ? 503 HOH A O   1 
HETATM 1087 O O   . HOH G 4 .   ? 1.951   4.345   16.908  1.00 31.05 ? 504 HOH A O   1 
HETATM 1088 O O   . HOH G 4 .   ? 15.613  7.956   11.766  1.00 30.05 ? 505 HOH A O   1 
HETATM 1089 O O   . HOH G 4 .   ? -9.807  6.496   12.353  1.00 30.78 ? 506 HOH A O   1 
HETATM 1090 O O   . HOH G 4 .   ? -11.055 -15.082 2.998   1.00 36.73 ? 507 HOH A O   1 
HETATM 1091 O O   . HOH G 4 .   ? -17.280 -1.019  11.076  1.00 32.71 ? 508 HOH A O   1 
HETATM 1092 O O   . HOH G 4 .   ? 11.876  9.809   5.343   1.00 31.79 ? 509 HOH A O   1 
HETATM 1093 O O   . HOH G 4 .   ? -8.178  17.263  -14.117 1.00 31.20 ? 510 HOH A O   1 
HETATM 1094 O O   . HOH G 4 .   ? -17.709 1.441   0.204   1.00 28.91 ? 511 HOH A O   1 
HETATM 1095 O O   . HOH G 4 .   ? -5.226  -4.169  14.231  1.00 41.51 ? 512 HOH A O   1 
HETATM 1096 O O   . HOH G 4 .   ? 11.014  -0.343  19.471  1.00 38.42 ? 513 HOH A O   1 
HETATM 1097 O O   . HOH G 4 .   ? -5.873  -12.381 -2.614  1.00 29.56 ? 514 HOH A O   1 
HETATM 1098 O O   . HOH G 4 .   ? -13.941 -13.325 -0.443  1.00 39.13 ? 515 HOH A O   1 
HETATM 1099 O O   . HOH G 4 .   ? 7.951   13.142  -9.945  1.00 42.19 ? 516 HOH A O   1 
HETATM 1100 O O   . HOH G 4 .   ? -15.349 1.672   13.789  1.00 41.52 ? 517 HOH A O   1 
HETATM 1101 O O   . HOH G 4 .   ? -18.304 -2.548  1.628   1.00 47.74 ? 518 HOH A O   1 
HETATM 1102 O O   . HOH G 4 .   ? -16.714 3.390   -3.741  1.00 30.99 ? 519 HOH A O   1 
HETATM 1103 O O   . HOH G 4 .   ? -11.373 2.166   -17.891 1.00 40.80 ? 520 HOH A O   1 
HETATM 1104 O O   . HOH G 4 .   ? -19.910 -1.310  -5.941  1.00 42.69 ? 521 HOH A O   1 
HETATM 1105 O O   . HOH G 4 .   ? 9.951   9.866   11.094  1.00 51.76 ? 522 HOH A O   1 
HETATM 1106 O O   . HOH G 4 .   ? 10.485  2.077   21.403  1.00 47.09 ? 523 HOH A O   1 
HETATM 1107 O O   . HOH G 4 .   ? -12.629 -1.326  -17.143 1.00 42.87 ? 524 HOH A O   1 
HETATM 1108 O O   . HOH G 4 .   ? 5.231   9.015   17.627  1.00 54.95 ? 525 HOH A O   1 
HETATM 1109 O O   . HOH G 4 .   ? -11.023 6.872   -18.100 1.00 60.31 ? 526 HOH A O   1 
HETATM 1110 O O   . HOH G 4 .   ? -17.777 -1.471  -9.707  1.00 36.74 ? 527 HOH A O   1 
HETATM 1111 O O   . HOH G 4 .   ? 3.889   6.741   20.036  1.00 59.23 ? 528 HOH A O   1 
HETATM 1112 O O   . HOH G 4 .   ? 10.085  11.798  7.911   1.00 47.98 ? 529 HOH A O   1 
HETATM 1113 O O   . HOH G 4 .   ? -6.621  -4.120  -16.562 1.00 45.00 ? 530 HOH A O   1 
HETATM 1114 O O   . HOH G 4 .   ? 11.451  -6.192  13.160  1.00 37.93 ? 531 HOH A O   1 
HETATM 1115 O O   . HOH G 4 .   ? 9.582   15.611  -6.802  1.00 33.73 ? 532 HOH A O   1 
HETATM 1116 O O   . HOH G 4 .   ? -18.276 -1.631  7.723   1.00 44.55 ? 533 HOH A O   1 
HETATM 1117 O O   . HOH G 4 .   ? -13.298 -8.424  6.929   1.00 56.50 ? 534 HOH A O   1 
HETATM 1118 O O   . HOH G 4 .   ? 3.803   13.452  -9.009  1.00 36.53 ? 535 HOH A O   1 
HETATM 1119 O O   . HOH G 4 .   ? -15.127 0.870   -9.366  1.00 30.14 ? 536 HOH A O   1 
HETATM 1120 O O   . HOH G 4 .   ? 3.565   11.233  -11.555 1.00 40.60 ? 537 HOH A O   1 
HETATM 1121 O O   . HOH G 4 .   ? -20.147 -8.060  2.741   1.00 60.73 ? 538 HOH A O   1 
HETATM 1122 O O   . HOH G 4 .   ? -5.900  -1.201  -14.832 1.00 63.37 ? 539 HOH A O   1 
HETATM 1123 O O   . HOH G 4 .   ? -13.662 10.271  -11.295 1.00 66.67 ? 540 HOH A O   1 
HETATM 1124 O O   . HOH G 4 .   ? 10.021  -7.467  -5.730  1.00 37.76 ? 541 HOH A O   1 
HETATM 1125 O O   . HOH G 4 .   ? -3.302  12.958  -12.077 1.00 69.13 ? 542 HOH A O   1 
HETATM 1126 O O   . HOH G 4 .   ? -16.963 0.564   3.255   1.00 25.78 ? 543 HOH A O   1 
HETATM 1127 O O   . HOH G 4 .   ? 11.861  -5.089  7.115   1.00 23.00 ? 544 HOH A O   1 
HETATM 1128 O O   . HOH G 4 .   ? 15.167  12.046  -8.925  1.00 25.33 ? 545 HOH A O   1 
HETATM 1129 O O   . HOH G 4 .   ? -4.586  -6.789  -7.371  1.00 45.40 ? 546 HOH A O   1 
HETATM 1130 O O   . HOH G 4 .   ? 5.490   -8.924  9.932   1.00 29.57 ? 547 HOH A O   1 
HETATM 1131 O O   . HOH G 4 .   ? 2.933   -15.778 4.517   1.00 38.94 ? 548 HOH A O   1 
HETATM 1132 O O   . HOH G 4 .   ? 12.862  -8.477  -1.822  1.00 28.46 ? 549 HOH A O   1 
HETATM 1133 O O   . HOH G 4 .   ? 13.318  -8.267  2.988   1.00 23.64 ? 550 HOH A O   1 
HETATM 1134 O O   . HOH G 4 .   ? 1.080   -17.733 5.711   1.00 31.63 ? 551 HOH A O   1 
HETATM 1135 O O   . HOH G 4 .   ? 2.694   9.226   10.291  1.00 18.97 ? 552 HOH A O   1 
HETATM 1136 O O   . HOH G 4 .   ? 16.111  10.435  6.085   1.00 45.79 ? 553 HOH A O   1 
HETATM 1137 O O   . HOH G 4 .   ? 14.747  9.506   -8.079  1.00 18.23 ? 554 HOH A O   1 
HETATM 1138 O O   . HOH G 4 .   ? 0.323   2.176   14.104  1.00 34.44 ? 555 HOH A O   1 
HETATM 1139 O O   . HOH G 4 .   ? 6.441   -11.016 8.351   1.00 28.81 ? 556 HOH A O   1 
HETATM 1140 O O   . HOH G 4 .   ? 0.268   8.677   11.762  1.00 35.90 ? 557 HOH A O   1 
HETATM 1141 O O   . HOH G 4 .   ? 0.099   6.963   13.766  1.00 28.27 ? 558 HOH A O   1 
HETATM 1142 O O   . HOH G 4 .   ? -11.407 -8.455  8.394   1.00 30.00 ? 559 HOH A O   1 
HETATM 1143 O O   . HOH G 4 .   ? -7.542  -15.098 4.712   1.00 27.61 ? 560 HOH A O   1 
HETATM 1144 O O   . HOH G 4 .   ? 12.632  -7.625  6.649   1.00 25.35 ? 561 HOH A O   1 
HETATM 1145 O O   . HOH G 4 .   ? 15.578  4.744   3.483   1.00 20.61 ? 562 HOH A O   1 
HETATM 1146 O O   . HOH G 4 .   ? -14.300 -4.727  8.703   1.00 28.47 ? 563 HOH A O   1 
HETATM 1147 O O   . HOH G 4 .   ? 10.122  10.588  -15.717 1.00 32.20 ? 564 HOH A O   1 
HETATM 1148 O O   . HOH G 4 .   ? 0.944   -16.760 8.609   1.00 31.11 ? 565 HOH A O   1 
HETATM 1149 O O   . HOH G 4 .   ? -0.424  -14.718 10.016  1.00 31.40 ? 566 HOH A O   1 
HETATM 1150 O O   . HOH G 4 .   ? -3.031  -16.441 -0.788  1.00 40.34 ? 567 HOH A O   1 
HETATM 1151 O O   . HOH G 4 .   ? 16.063  -2.652  10.628  1.00 23.86 ? 568 HOH A O   1 
HETATM 1152 O O   . HOH G 4 .   ? 15.184  12.879  3.744   1.00 53.64 ? 569 HOH A O   1 
HETATM 1153 O O   . HOH G 4 .   ? -8.892  -13.253 5.573   1.00 51.51 ? 570 HOH A O   1 
HETATM 1154 O O   . HOH G 4 .   ? 12.206  -8.091  -4.711  1.00 36.88 ? 571 HOH A O   1 
HETATM 1155 O O   . HOH G 4 .   ? 4.426   -11.940 6.017   1.00 28.44 ? 572 HOH A O   1 
HETATM 1156 O O   . HOH G 4 .   ? 15.865  -6.770  8.766   1.00 37.52 ? 573 HOH A O   1 
HETATM 1157 O O   . HOH G 4 .   ? 13.928  -6.278  10.532  1.00 45.50 ? 574 HOH A O   1 
HETATM 1158 O O   . HOH G 4 .   ? -13.721 8.851   -6.547  1.00 31.23 ? 575 HOH A O   1 
HETATM 1159 O O   . HOH G 4 .   ? 14.204  7.413   19.583  1.00 49.23 ? 576 HOH A O   1 
HETATM 1160 O O   . HOH G 4 .   ? 17.693  -6.875  -4.880  1.00 20.20 ? 577 HOH A O   1 
HETATM 1161 O O   . HOH G 4 .   ? 4.513   -14.555 6.286   1.00 47.66 ? 578 HOH A O   1 
HETATM 1162 O O   . HOH G 4 .   ? -14.921 4.178   5.580   1.00 27.97 ? 579 HOH A O   1 
HETATM 1163 O O   . HOH G 4 .   ? -9.870  7.829   8.731   1.00 24.80 ? 580 HOH A O   1 
HETATM 1164 O O   . HOH G 4 .   ? 11.191  -2.143  12.931  1.00 36.37 ? 581 HOH A O   1 
HETATM 1165 O O   . HOH G 4 .   ? 22.051  8.485   3.443   1.00 30.72 ? 582 HOH A O   1 
HETATM 1166 O O   . HOH G 4 .   ? -10.715 8.535   4.490   1.00 22.59 ? 583 HOH A O   1 
HETATM 1167 O O   . HOH G 4 .   ? 0.890   8.589   0.939   1.00 10.30 ? 584 HOH A O   1 
HETATM 1168 O O   . HOH G 4 .   ? -18.067 -8.714  -4.566  1.00 29.86 ? 585 HOH A O   1 
HETATM 1169 O O   . HOH G 4 .   ? -19.335 -6.213  -4.120  1.00 31.97 ? 586 HOH A O   1 
HETATM 1170 O O   . HOH G 4 .   ? 17.397  12.579  4.810   1.00 42.22 ? 587 HOH A O   1 
HETATM 1171 O O   . HOH G 4 .   ? -14.591 5.528   -12.538 1.00 46.37 ? 588 HOH A O   1 
HETATM 1172 O O   . HOH G 4 .   ? 12.386  -2.162  4.922   1.00 25.53 ? 589 HOH A O   1 
HETATM 1173 O O   . HOH G 4 .   ? -13.939 1.369   -19.443 1.00 57.04 ? 590 HOH A O   1 
HETATM 1174 O O   . HOH G 4 .   ? -16.413 1.158   -19.949 1.00 51.44 ? 591 HOH A O   1 
HETATM 1175 O O   . HOH G 4 .   ? 6.440   7.149   19.371  1.00 33.82 ? 592 HOH A O   1 
HETATM 1176 O O   . HOH G 4 .   ? 2.222   6.854   17.643  1.00 37.71 ? 593 HOH A O   1 
HETATM 1177 O O   . HOH G 4 .   ? 8.328   8.532   16.581  1.00 34.16 ? 594 HOH A O   1 
HETATM 1178 O O   . HOH G 4 .   ? -22.322 -2.954  1.413   1.00 57.28 ? 595 HOH A O   1 
HETATM 1179 O O   . HOH G 4 .   ? -17.672 -2.285  5.336   1.00 36.57 ? 596 HOH A O   1 
HETATM 1180 O O   . HOH G 4 .   ? -14.767 -6.967  10.280  1.00 59.79 ? 597 HOH A O   1 
HETATM 1181 O O   . HOH G 4 .   ? -12.617 -5.353  -19.744 1.00 33.01 ? 598 HOH A O   1 
HETATM 1182 O O   . HOH G 4 .   ? -13.071 -6.692  8.553   1.00 46.63 ? 599 HOH A O   1 
HETATM 1183 O O   . HOH G 4 .   ? 8.889   -3.021  18.239  1.00 29.92 ? 600 HOH A O   1 
HETATM 1184 O O   . HOH G 4 .   ? -16.619 -13.624 -0.345  1.00 54.62 ? 601 HOH A O   1 
HETATM 1185 O O   . HOH G 4 .   ? -22.138 -2.082  -0.821  1.00 50.00 ? 602 HOH A O   1 
HETATM 1186 O O   . HOH G 4 .   ? -18.698 -8.579  9.357   1.00 38.77 ? 603 HOH A O   1 
HETATM 1187 O O   . HOH G 4 .   ? -7.876  6.750   -18.925 1.00 53.60 ? 604 HOH A O   1 
HETATM 1188 O O   . HOH G 4 .   ? -3.234  3.165   -10.084 1.00 29.02 ? 605 HOH A O   1 
HETATM 1189 O O   . HOH G 4 .   ? -0.828  -2.891  -3.043  1.00 24.26 ? 606 HOH A O   1 
HETATM 1190 O O   . HOH G 4 .   ? -5.391  7.977   -18.347 1.00 44.19 ? 607 HOH A O   1 
HETATM 1191 O O   . HOH G 4 .   ? -0.922  -3.886  -0.745  1.00 32.94 ? 608 HOH A O   1 
HETATM 1192 O O   . HOH G 4 .   ? 4.396   -10.805 1.404   1.00 22.30 ? 609 HOH A O   1 
HETATM 1193 O O   . HOH G 4 .   ? 5.211   -13.260 0.209   1.00 36.80 ? 610 HOH A O   1 
HETATM 1194 O O   . HOH G 4 .   ? -4.579  6.963   -11.029 1.00 26.50 ? 611 HOH A O   1 
HETATM 1195 O O   . HOH G 4 .   ? -7.035  5.537   -12.008 1.00 23.76 ? 612 HOH A O   1 
HETATM 1196 O O   . HOH G 4 .   ? 2.571   -2.240  -3.669  1.00 35.25 ? 613 HOH A O   1 
HETATM 1197 O O   . HOH G 4 .   ? 2.405   -10.124 5.106   1.00 17.59 ? 614 HOH A O   1 
HETATM 1198 O O   . HOH G 4 .   ? 1.475   9.901   -9.064  1.00 21.73 ? 615 HOH A O   1 
HETATM 1199 O O   . HOH G 4 .   ? -3.432  5.523   -8.673  1.00 20.00 ? 616 HOH A O   1 
HETATM 1200 O O   . HOH G 4 .   ? 0.540   7.938   -10.714 1.00 25.73 ? 617 HOH A O   1 
HETATM 1201 O O   . HOH G 4 .   ? -2.622  14.799  -10.497 1.00 64.07 ? 618 HOH A O   1 
HETATM 1202 O O   . HOH G 4 .   ? 5.029   7.840   -12.543 1.00 35.10 ? 619 HOH A O   1 
HETATM 1203 O O   . HOH G 4 .   ? 2.231   -11.642 2.728   1.00 17.56 ? 620 HOH A O   1 
HETATM 1204 O O   . HOH G 4 .   ? 1.306   -5.641  -0.734  1.00 32.87 ? 621 HOH A O   1 
HETATM 1205 O O   . HOH G 4 .   ? 4.988   -3.086  -5.284  1.00 33.16 ? 622 HOH A O   1 
HETATM 1206 O O   . HOH G 4 .   ? 1.215   -4.378  -3.292  1.00 32.67 ? 623 HOH A O   1 
HETATM 1207 O O   . HOH G 4 .   ? 3.545   -6.782  0.164   1.00 27.06 ? 624 HOH A O   1 
HETATM 1208 O O   . HOH G 4 .   ? 8.186   4.213   -8.237  1.00 24.84 ? 625 HOH A O   1 
HETATM 1209 O O   . HOH G 4 .   ? -18.363 -2.679  -15.050 1.00 43.97 ? 626 HOH A O   1 
HETATM 1210 O O   . HOH G 4 .   ? 6.193   -13.046 -2.181  1.00 34.10 ? 627 HOH A O   1 
HETATM 1211 O O   . HOH G 4 .   ? 8.471   -9.538  -3.549  1.00 33.21 ? 628 HOH A O   1 
HETATM 1212 O O   . HOH G 4 .   ? 9.703   -4.304  15.560  1.00 35.21 ? 629 HOH A O   1 
HETATM 1213 O O   . HOH G 4 .   ? 7.983   0.113   24.184  1.00 42.16 ? 630 HOH A O   1 
HETATM 1214 O O   . HOH G 4 .   ? 9.957   -10.639 5.059   1.00 33.94 ? 631 HOH A O   1 
HETATM 1215 O O   . HOH G 4 .   ? 6.883   2.432   -9.367  1.00 33.09 ? 632 HOH A O   1 
HETATM 1216 O O   . HOH G 4 .   ? -11.120 11.339  -14.109 1.00 64.07 ? 633 HOH A O   1 
HETATM 1217 O O   . HOH G 4 .   ? 5.786   -10.375 -2.589  1.00 26.83 ? 634 HOH A O   1 
HETATM 1218 O O   . HOH G 4 .   ? 4.063   -9.139  -0.653  1.00 37.58 ? 635 HOH A O   1 
HETATM 1219 O O   . HOH G 4 .   ? 12.949  -7.970  12.139  1.00 49.48 ? 636 HOH A O   1 
HETATM 1220 O O   . HOH G 4 .   ? 8.764   -3.061  13.106  1.00 26.75 ? 637 HOH A O   1 
HETATM 1221 O O   . HOH G 4 .   ? 11.467  -3.010  17.153  1.00 43.58 ? 638 HOH A O   1 
HETATM 1222 O O   . HOH G 4 .   ? -0.863  0.262   -3.066  1.00 17.73 ? 639 HOH A O   1 
HETATM 1223 O O   . HOH G 4 .   ? 9.082   -4.574  20.340  1.00 38.34 ? 640 HOH A O   1 
HETATM 1224 O O   . HOH G 4 .   ? 7.655   10.332  -15.546 1.00 41.04 ? 641 HOH A O   1 
HETATM 1225 O O   . HOH G 4 .   ? 6.042   7.918   -14.957 1.00 43.95 ? 642 HOH A O   1 
HETATM 1226 O O   . HOH G 4 .   ? 19.012  -8.468  5.851   1.00 40.35 ? 643 HOH A O   1 
HETATM 1227 O O   . HOH G 4 .   ? 8.788   2.748   -10.957 1.00 33.85 ? 644 HOH A O   1 
HETATM 1228 O O   . HOH G 4 .   ? 4.735   3.384   -10.266 1.00 33.32 ? 645 HOH A O   1 
HETATM 1229 O O   . HOH G 4 .   ? 2.045   3.510   -9.286  1.00 27.16 ? 646 HOH A O   1 
HETATM 1230 O O   . HOH G 4 .   ? 6.057   5.655   -12.924 1.00 40.96 ? 647 HOH A O   1 
HETATM 1231 O O   . HOH G 4 .   ? 10.356  -0.380  -10.870 1.00 32.94 ? 648 HOH A O   1 
# 
